data_1DOQ
# 
_entry.id   1DOQ 
# 
_audit_conform.dict_name       mmcif_pdbx.dic 
_audit_conform.dict_version    5.392 
_audit_conform.dict_location   http://mmcif.pdb.org/dictionaries/ascii/mmcif_pdbx.dic 
# 
loop_
_database_2.database_id 
_database_2.database_code 
_database_2.pdbx_database_accession 
_database_2.pdbx_DOI 
PDB   1DOQ         pdb_00001doq 10.2210/pdb1doq/pdb 
RCSB  RCSB010251   ?            ?                   
WWPDB D_1000010251 ?            ?                   
# 
loop_
_pdbx_audit_revision_history.ordinal 
_pdbx_audit_revision_history.data_content_type 
_pdbx_audit_revision_history.major_revision 
_pdbx_audit_revision_history.minor_revision 
_pdbx_audit_revision_history.revision_date 
1 'Structure model' 1 0 2000-01-05 
2 'Structure model' 1 1 2008-04-27 
3 'Structure model' 1 2 2011-07-13 
4 'Structure model' 1 3 2022-02-16 
5 'Structure model' 1 4 2024-05-22 
# 
_pdbx_audit_revision_details.ordinal             1 
_pdbx_audit_revision_details.revision_ordinal    1 
_pdbx_audit_revision_details.data_content_type   'Structure model' 
_pdbx_audit_revision_details.provider            repository 
_pdbx_audit_revision_details.type                'Initial release' 
_pdbx_audit_revision_details.description         ? 
_pdbx_audit_revision_details.details             ? 
# 
loop_
_pdbx_audit_revision_group.ordinal 
_pdbx_audit_revision_group.revision_ordinal 
_pdbx_audit_revision_group.data_content_type 
_pdbx_audit_revision_group.group 
1 2 'Structure model' 'Version format compliance' 
2 3 'Structure model' 'Version format compliance' 
3 4 'Structure model' 'Data collection'           
4 4 'Structure model' 'Database references'       
5 4 'Structure model' 'Derived calculations'      
6 4 'Structure model' 'Experimental preparation'  
7 5 'Structure model' 'Data collection'           
# 
loop_
_pdbx_audit_revision_category.ordinal 
_pdbx_audit_revision_category.revision_ordinal 
_pdbx_audit_revision_category.data_content_type 
_pdbx_audit_revision_category.category 
1 4 'Structure model' database_2                       
2 4 'Structure model' pdbx_nmr_exptl_sample_conditions 
3 4 'Structure model' pdbx_nmr_software                
4 4 'Structure model' pdbx_struct_assembly             
5 4 'Structure model' pdbx_struct_oper_list            
6 5 'Structure model' chem_comp_atom                   
7 5 'Structure model' chem_comp_bond                   
# 
loop_
_pdbx_audit_revision_item.ordinal 
_pdbx_audit_revision_item.revision_ordinal 
_pdbx_audit_revision_item.data_content_type 
_pdbx_audit_revision_item.item 
1 4 'Structure model' '_database_2.pdbx_DOI'                             
2 4 'Structure model' '_database_2.pdbx_database_accession'              
3 4 'Structure model' '_pdbx_nmr_exptl_sample_conditions.pressure_units' 
4 4 'Structure model' '_pdbx_nmr_software.name'                          
# 
_pdbx_database_status.status_code                     REL 
_pdbx_database_status.entry_id                        1DOQ 
_pdbx_database_status.recvd_initial_deposition_date   1999-12-21 
_pdbx_database_status.deposit_site                    RCSB 
_pdbx_database_status.process_site                    RCSB 
_pdbx_database_status.status_code_mr                  REL 
_pdbx_database_status.SG_entry                        . 
_pdbx_database_status.pdb_format_compatible           Y 
_pdbx_database_status.status_code_sf                  ? 
_pdbx_database_status.status_code_cs                  ? 
_pdbx_database_status.status_code_nmr_data            ? 
_pdbx_database_status.methods_development_category    ? 
# 
loop_
_audit_author.name 
_audit_author.pdbx_ordinal 
'Wada, T.'     1 
'Yamazaki, T.' 2 
'Kyogoku, Y.'  3 
# 
_citation.id                        primary 
_citation.title                     
;The structure and the characteristic DNA binding property of the C-terminal domain of the RNA polymerase alpha subunit from Thermus thermophilus.
;
_citation.journal_abbrev            J.Biol.Chem. 
_citation.journal_volume            275 
_citation.page_first                16057 
_citation.page_last                 16063 
_citation.year                      2000 
_citation.journal_id_ASTM           JBCHA3 
_citation.country                   US 
_citation.journal_id_ISSN           0021-9258 
_citation.journal_id_CSD            0071 
_citation.book_publisher            ? 
_citation.pdbx_database_id_PubMed   10821859 
_citation.pdbx_database_id_DOI      10.1074/jbc.275.21.16057 
# 
loop_
_citation_author.citation_id 
_citation_author.name 
_citation_author.ordinal 
_citation_author.identifier_ORCID 
primary 'Wada, T.'     1 ? 
primary 'Yamazaki, T.' 2 ? 
primary 'Kyogoku, Y.'  3 ? 
# 
_entity.id                         1 
_entity.type                       polymer 
_entity.src_method                 man 
_entity.pdbx_description           'RNA POLYMERASE ALPHA SUBUNIT' 
_entity.formula_weight             7793.891 
_entity.pdbx_number_of_molecules   1 
_entity.pdbx_ec                    2.7.7.- 
_entity.pdbx_mutation              ? 
_entity.pdbx_fragment              'C-TERMINAL DOMAIN' 
_entity.details                    ? 
# 
_entity_poly.entity_id                      1 
_entity_poly.type                           'polypeptide(L)' 
_entity_poly.nstd_linkage                   no 
_entity_poly.nstd_monomer                   no 
_entity_poly.pdbx_seq_one_letter_code       EQEEELDLPLEELGLSTRVLHSLKEEGIESVRALLALNLKDLKNIPGIGERSLEEIKEALEKKGFTLKE 
_entity_poly.pdbx_seq_one_letter_code_can   EQEEELDLPLEELGLSTRVLHSLKEEGIESVRALLALNLKDLKNIPGIGERSLEEIKEALEKKGFTLKE 
_entity_poly.pdbx_strand_id                 A 
_entity_poly.pdbx_target_identifier         ? 
# 
loop_
_entity_poly_seq.entity_id 
_entity_poly_seq.num 
_entity_poly_seq.mon_id 
_entity_poly_seq.hetero 
1 1  GLU n 
1 2  GLN n 
1 3  GLU n 
1 4  GLU n 
1 5  GLU n 
1 6  LEU n 
1 7  ASP n 
1 8  LEU n 
1 9  PRO n 
1 10 LEU n 
1 11 GLU n 
1 12 GLU n 
1 13 LEU n 
1 14 GLY n 
1 15 LEU n 
1 16 SER n 
1 17 THR n 
1 18 ARG n 
1 19 VAL n 
1 20 LEU n 
1 21 HIS n 
1 22 SER n 
1 23 LEU n 
1 24 LYS n 
1 25 GLU n 
1 26 GLU n 
1 27 GLY n 
1 28 ILE n 
1 29 GLU n 
1 30 SER n 
1 31 VAL n 
1 32 ARG n 
1 33 ALA n 
1 34 LEU n 
1 35 LEU n 
1 36 ALA n 
1 37 LEU n 
1 38 ASN n 
1 39 LEU n 
1 40 LYS n 
1 41 ASP n 
1 42 LEU n 
1 43 LYS n 
1 44 ASN n 
1 45 ILE n 
1 46 PRO n 
1 47 GLY n 
1 48 ILE n 
1 49 GLY n 
1 50 GLU n 
1 51 ARG n 
1 52 SER n 
1 53 LEU n 
1 54 GLU n 
1 55 GLU n 
1 56 ILE n 
1 57 LYS n 
1 58 GLU n 
1 59 ALA n 
1 60 LEU n 
1 61 GLU n 
1 62 LYS n 
1 63 LYS n 
1 64 GLY n 
1 65 PHE n 
1 66 THR n 
1 67 LEU n 
1 68 LYS n 
1 69 GLU n 
# 
_entity_src_gen.entity_id                          1 
_entity_src_gen.pdbx_src_id                        1 
_entity_src_gen.pdbx_alt_source_flag               sample 
_entity_src_gen.pdbx_seq_type                      ? 
_entity_src_gen.pdbx_beg_seq_num                   ? 
_entity_src_gen.pdbx_end_seq_num                   ? 
_entity_src_gen.gene_src_common_name               ? 
_entity_src_gen.gene_src_genus                     Thermus 
_entity_src_gen.pdbx_gene_src_gene                 ? 
_entity_src_gen.gene_src_species                   ? 
_entity_src_gen.gene_src_strain                    ? 
_entity_src_gen.gene_src_tissue                    ? 
_entity_src_gen.gene_src_tissue_fraction           ? 
_entity_src_gen.gene_src_details                   ? 
_entity_src_gen.pdbx_gene_src_fragment             ? 
_entity_src_gen.pdbx_gene_src_scientific_name      'Thermus thermophilus' 
_entity_src_gen.pdbx_gene_src_ncbi_taxonomy_id     274 
_entity_src_gen.pdbx_gene_src_variant              ? 
_entity_src_gen.pdbx_gene_src_cell_line            ? 
_entity_src_gen.pdbx_gene_src_atcc                 ? 
_entity_src_gen.pdbx_gene_src_organ                ? 
_entity_src_gen.pdbx_gene_src_organelle            ? 
_entity_src_gen.pdbx_gene_src_cell                 ? 
_entity_src_gen.pdbx_gene_src_cellular_location    ? 
_entity_src_gen.host_org_common_name               ? 
_entity_src_gen.pdbx_host_org_scientific_name      'Escherichia coli' 
_entity_src_gen.pdbx_host_org_ncbi_taxonomy_id     562 
_entity_src_gen.host_org_genus                     Escherichia 
_entity_src_gen.pdbx_host_org_gene                 ? 
_entity_src_gen.pdbx_host_org_organ                ? 
_entity_src_gen.host_org_species                   ? 
_entity_src_gen.pdbx_host_org_tissue               ? 
_entity_src_gen.pdbx_host_org_tissue_fraction      ? 
_entity_src_gen.pdbx_host_org_strain               ? 
_entity_src_gen.pdbx_host_org_variant              ? 
_entity_src_gen.pdbx_host_org_cell_line            ? 
_entity_src_gen.pdbx_host_org_atcc                 ? 
_entity_src_gen.pdbx_host_org_culture_collection   ? 
_entity_src_gen.pdbx_host_org_cell                 ? 
_entity_src_gen.pdbx_host_org_organelle            ? 
_entity_src_gen.pdbx_host_org_cellular_location    ? 
_entity_src_gen.pdbx_host_org_vector_type          ? 
_entity_src_gen.pdbx_host_org_vector               ? 
_entity_src_gen.host_org_details                   ? 
_entity_src_gen.expression_system_id               ? 
_entity_src_gen.plasmid_name                       PET15 
_entity_src_gen.plasmid_details                    ? 
_entity_src_gen.pdbx_description                   ? 
# 
loop_
_chem_comp.id 
_chem_comp.type 
_chem_comp.mon_nstd_flag 
_chem_comp.name 
_chem_comp.pdbx_synonyms 
_chem_comp.formula 
_chem_comp.formula_weight 
ALA 'L-peptide linking' y ALANINE         ? 'C3 H7 N O2'     89.093  
ARG 'L-peptide linking' y ARGININE        ? 'C6 H15 N4 O2 1' 175.209 
ASN 'L-peptide linking' y ASPARAGINE      ? 'C4 H8 N2 O3'    132.118 
ASP 'L-peptide linking' y 'ASPARTIC ACID' ? 'C4 H7 N O4'     133.103 
GLN 'L-peptide linking' y GLUTAMINE       ? 'C5 H10 N2 O3'   146.144 
GLU 'L-peptide linking' y 'GLUTAMIC ACID' ? 'C5 H9 N O4'     147.129 
GLY 'peptide linking'   y GLYCINE         ? 'C2 H5 N O2'     75.067  
HIS 'L-peptide linking' y HISTIDINE       ? 'C6 H10 N3 O2 1' 156.162 
ILE 'L-peptide linking' y ISOLEUCINE      ? 'C6 H13 N O2'    131.173 
LEU 'L-peptide linking' y LEUCINE         ? 'C6 H13 N O2'    131.173 
LYS 'L-peptide linking' y LYSINE          ? 'C6 H15 N2 O2 1' 147.195 
PHE 'L-peptide linking' y PHENYLALANINE   ? 'C9 H11 N O2'    165.189 
PRO 'L-peptide linking' y PROLINE         ? 'C5 H9 N O2'     115.130 
SER 'L-peptide linking' y SERINE          ? 'C3 H7 N O3'     105.093 
THR 'L-peptide linking' y THREONINE       ? 'C4 H9 N O3'     119.119 
VAL 'L-peptide linking' y VALINE          ? 'C5 H11 N O2'    117.146 
# 
loop_
_pdbx_poly_seq_scheme.asym_id 
_pdbx_poly_seq_scheme.entity_id 
_pdbx_poly_seq_scheme.seq_id 
_pdbx_poly_seq_scheme.mon_id 
_pdbx_poly_seq_scheme.ndb_seq_num 
_pdbx_poly_seq_scheme.pdb_seq_num 
_pdbx_poly_seq_scheme.auth_seq_num 
_pdbx_poly_seq_scheme.pdb_mon_id 
_pdbx_poly_seq_scheme.auth_mon_id 
_pdbx_poly_seq_scheme.pdb_strand_id 
_pdbx_poly_seq_scheme.pdb_ins_code 
_pdbx_poly_seq_scheme.hetero 
A 1 1  GLU 1  247 247 GLU GLU A . n 
A 1 2  GLN 2  248 248 GLN GLN A . n 
A 1 3  GLU 3  249 249 GLU GLU A . n 
A 1 4  GLU 4  250 250 GLU GLU A . n 
A 1 5  GLU 5  251 251 GLU GLU A . n 
A 1 6  LEU 6  252 252 LEU LEU A . n 
A 1 7  ASP 7  253 253 ASP ASP A . n 
A 1 8  LEU 8  254 254 LEU LEU A . n 
A 1 9  PRO 9  255 255 PRO PRO A . n 
A 1 10 LEU 10 256 256 LEU LEU A . n 
A 1 11 GLU 11 257 257 GLU GLU A . n 
A 1 12 GLU 12 258 258 GLU GLU A . n 
A 1 13 LEU 13 259 259 LEU LEU A . n 
A 1 14 GLY 14 260 260 GLY GLY A . n 
A 1 15 LEU 15 261 261 LEU LEU A . n 
A 1 16 SER 16 262 262 SER SER A . n 
A 1 17 THR 17 263 263 THR THR A . n 
A 1 18 ARG 18 264 264 ARG ARG A . n 
A 1 19 VAL 19 265 265 VAL VAL A . n 
A 1 20 LEU 20 266 266 LEU LEU A . n 
A 1 21 HIS 21 267 267 HIS HIS A . n 
A 1 22 SER 22 268 268 SER SER A . n 
A 1 23 LEU 23 269 269 LEU LEU A . n 
A 1 24 LYS 24 270 270 LYS LYS A . n 
A 1 25 GLU 25 271 271 GLU GLU A . n 
A 1 26 GLU 26 272 272 GLU GLU A . n 
A 1 27 GLY 27 273 273 GLY GLY A . n 
A 1 28 ILE 28 274 274 ILE ILE A . n 
A 1 29 GLU 29 275 275 GLU GLU A . n 
A 1 30 SER 30 276 276 SER SER A . n 
A 1 31 VAL 31 277 277 VAL VAL A . n 
A 1 32 ARG 32 278 278 ARG ARG A . n 
A 1 33 ALA 33 279 279 ALA ALA A . n 
A 1 34 LEU 34 280 280 LEU LEU A . n 
A 1 35 LEU 35 281 281 LEU LEU A . n 
A 1 36 ALA 36 282 282 ALA ALA A . n 
A 1 37 LEU 37 283 283 LEU LEU A . n 
A 1 38 ASN 38 284 284 ASN ASN A . n 
A 1 39 LEU 39 285 285 LEU LEU A . n 
A 1 40 LYS 40 286 286 LYS LYS A . n 
A 1 41 ASP 41 287 287 ASP ASP A . n 
A 1 42 LEU 42 288 288 LEU LEU A . n 
A 1 43 LYS 43 289 289 LYS LYS A . n 
A 1 44 ASN 44 290 290 ASN ASN A . n 
A 1 45 ILE 45 291 291 ILE ILE A . n 
A 1 46 PRO 46 292 292 PRO PRO A . n 
A 1 47 GLY 47 293 293 GLY GLY A . n 
A 1 48 ILE 48 294 294 ILE ILE A . n 
A 1 49 GLY 49 295 295 GLY GLY A . n 
A 1 50 GLU 50 296 296 GLU GLU A . n 
A 1 51 ARG 51 297 297 ARG ARG A . n 
A 1 52 SER 52 298 298 SER SER A . n 
A 1 53 LEU 53 299 299 LEU LEU A . n 
A 1 54 GLU 54 300 300 GLU GLU A . n 
A 1 55 GLU 55 301 301 GLU GLU A . n 
A 1 56 ILE 56 302 302 ILE ILE A . n 
A 1 57 LYS 57 303 303 LYS LYS A . n 
A 1 58 GLU 58 304 304 GLU GLU A . n 
A 1 59 ALA 59 305 305 ALA ALA A . n 
A 1 60 LEU 60 306 306 LEU LEU A . n 
A 1 61 GLU 61 307 307 GLU GLU A . n 
A 1 62 LYS 62 308 308 LYS LYS A . n 
A 1 63 LYS 63 309 309 LYS LYS A . n 
A 1 64 GLY 64 310 310 GLY GLY A . n 
A 1 65 PHE 65 311 311 PHE PHE A . n 
A 1 66 THR 66 312 312 THR THR A . n 
A 1 67 LEU 67 313 313 LEU LEU A . n 
A 1 68 LYS 68 314 314 LYS LYS A . n 
A 1 69 GLU 69 315 315 GLU GLU A . n 
# 
_cell.entry_id           1DOQ 
_cell.length_a           1.000 
_cell.length_b           1.000 
_cell.length_c           1.000 
_cell.angle_alpha        90.00 
_cell.angle_beta         90.00 
_cell.angle_gamma        90.00 
_cell.Z_PDB              1 
_cell.pdbx_unique_axis   ? 
# 
_symmetry.entry_id                         1DOQ 
_symmetry.space_group_name_H-M             'P 1' 
_symmetry.pdbx_full_space_group_name_H-M   ? 
_symmetry.cell_setting                     ? 
_symmetry.Int_Tables_number                1 
# 
_exptl.entry_id          1DOQ 
_exptl.method            'SOLUTION NMR' 
_exptl.crystals_number   ? 
# 
_struct.entry_id                  1DOQ 
_struct.title                     'THE C-TERMINAL DOMAIN OF THE RNA POLYMERASE ALPHA SUBUNIT FROM THERMUS THERMOPHILUS' 
_struct.pdbx_model_details        ? 
_struct.pdbx_CASP_flag            ? 
_struct.pdbx_model_type_details   'minimized average' 
# 
_struct_keywords.entry_id        1DOQ 
_struct_keywords.pdbx_keywords   TRANSFERASE 
_struct_keywords.text            'TRANSCRIPTION, RNA POLYMERASE, THERMUS THERMOPHILUS, TRANSFERASE' 
# 
_struct_asym.id                            A 
_struct_asym.pdbx_blank_PDB_chainid_flag   N 
_struct_asym.pdbx_modified                 N 
_struct_asym.entity_id                     1 
_struct_asym.details                       ? 
# 
_struct_ref.id                         1 
_struct_ref.db_name                    UNP 
_struct_ref.db_code                    RPOA_THETH 
_struct_ref.entity_id                  1 
_struct_ref.pdbx_db_accession          Q9Z9H6 
_struct_ref.pdbx_align_begin           ? 
_struct_ref.pdbx_seq_one_letter_code   ? 
_struct_ref.pdbx_db_isoform            ? 
# 
_struct_ref_seq.align_id                      1 
_struct_ref_seq.ref_id                        1 
_struct_ref_seq.pdbx_PDB_id_code              1DOQ 
_struct_ref_seq.pdbx_strand_id                A 
_struct_ref_seq.seq_align_beg                 1 
_struct_ref_seq.pdbx_seq_align_beg_ins_code   ? 
_struct_ref_seq.seq_align_end                 69 
_struct_ref_seq.pdbx_seq_align_end_ins_code   ? 
_struct_ref_seq.pdbx_db_accession             Q9Z9H6 
_struct_ref_seq.db_align_beg                  247 
_struct_ref_seq.pdbx_db_align_beg_ins_code    ? 
_struct_ref_seq.db_align_end                  315 
_struct_ref_seq.pdbx_db_align_end_ins_code    ? 
_struct_ref_seq.pdbx_auth_seq_align_beg       247 
_struct_ref_seq.pdbx_auth_seq_align_end       315 
# 
_pdbx_struct_assembly.id                   1 
_pdbx_struct_assembly.details              author_defined_assembly 
_pdbx_struct_assembly.method_details       ? 
_pdbx_struct_assembly.oligomeric_details   monomeric 
_pdbx_struct_assembly.oligomeric_count     1 
# 
_pdbx_struct_assembly_gen.assembly_id       1 
_pdbx_struct_assembly_gen.oper_expression   1 
_pdbx_struct_assembly_gen.asym_id_list      A 
# 
_pdbx_struct_oper_list.id                   1 
_pdbx_struct_oper_list.type                 'identity operation' 
_pdbx_struct_oper_list.name                 1_555 
_pdbx_struct_oper_list.symmetry_operation   x,y,z 
_pdbx_struct_oper_list.matrix[1][1]         1.0000000000 
_pdbx_struct_oper_list.matrix[1][2]         0.0000000000 
_pdbx_struct_oper_list.matrix[1][3]         0.0000000000 
_pdbx_struct_oper_list.vector[1]            0.0000000000 
_pdbx_struct_oper_list.matrix[2][1]         0.0000000000 
_pdbx_struct_oper_list.matrix[2][2]         1.0000000000 
_pdbx_struct_oper_list.matrix[2][3]         0.0000000000 
_pdbx_struct_oper_list.vector[2]            0.0000000000 
_pdbx_struct_oper_list.matrix[3][1]         0.0000000000 
_pdbx_struct_oper_list.matrix[3][2]         0.0000000000 
_pdbx_struct_oper_list.matrix[3][3]         1.0000000000 
_pdbx_struct_oper_list.vector[3]            0.0000000000 
# 
_struct_biol.id   1 
# 
loop_
_struct_conf.conf_type_id 
_struct_conf.id 
_struct_conf.pdbx_PDB_helix_id 
_struct_conf.beg_label_comp_id 
_struct_conf.beg_label_asym_id 
_struct_conf.beg_label_seq_id 
_struct_conf.pdbx_beg_PDB_ins_code 
_struct_conf.end_label_comp_id 
_struct_conf.end_label_asym_id 
_struct_conf.end_label_seq_id 
_struct_conf.pdbx_end_PDB_ins_code 
_struct_conf.beg_auth_comp_id 
_struct_conf.beg_auth_asym_id 
_struct_conf.beg_auth_seq_id 
_struct_conf.end_auth_comp_id 
_struct_conf.end_auth_asym_id 
_struct_conf.end_auth_seq_id 
_struct_conf.pdbx_PDB_helix_class 
_struct_conf.details 
_struct_conf.pdbx_PDB_helix_length 
HELX_P HELX_P1 1 PRO A 9  ? GLY A 14 ? PRO A 255 GLY A 260 1 ? 6  
HELX_P HELX_P2 2 SER A 16 ? GLU A 26 ? SER A 262 GLU A 272 1 ? 11 
HELX_P HELX_P3 3 SER A 30 ? LEU A 37 ? SER A 276 LEU A 283 1 ? 8  
HELX_P HELX_P4 4 ASN A 38 ? LYS A 43 ? ASN A 284 LYS A 289 1 ? 6  
HELX_P HELX_P5 5 GLY A 49 ? GLY A 64 ? GLY A 295 GLY A 310 1 ? 16 
# 
_struct_conf_type.id          HELX_P 
_struct_conf_type.criteria    ? 
_struct_conf_type.reference   ? 
# 
loop_
_pdbx_validate_torsion.id 
_pdbx_validate_torsion.PDB_model_num 
_pdbx_validate_torsion.auth_comp_id 
_pdbx_validate_torsion.auth_asym_id 
_pdbx_validate_torsion.auth_seq_id 
_pdbx_validate_torsion.PDB_ins_code 
_pdbx_validate_torsion.label_alt_id 
_pdbx_validate_torsion.phi 
_pdbx_validate_torsion.psi 
1  1 GLU A 249 ? ? -177.55 31.29   
2  1 LEU A 252 ? ? 59.57   111.98  
3  1 ASP A 253 ? ? -160.11 62.21   
4  1 SER A 268 ? ? -52.07  -70.61  
5  1 LYS A 270 ? ? -48.21  -77.38  
6  1 LEU A 283 ? ? -59.05  89.86   
7  1 ASN A 284 ? ? -63.87  -172.00 
8  1 ASP A 287 ? ? -132.75 -57.60  
9  1 THR A 312 ? ? -106.23 -142.38 
10 1 LEU A 313 ? ? 78.58   -3.53   
11 1 LYS A 314 ? ? -150.48 43.94   
# 
loop_
_pdbx_validate_planes.id 
_pdbx_validate_planes.PDB_model_num 
_pdbx_validate_planes.auth_comp_id 
_pdbx_validate_planes.auth_asym_id 
_pdbx_validate_planes.auth_seq_id 
_pdbx_validate_planes.PDB_ins_code 
_pdbx_validate_planes.label_alt_id 
_pdbx_validate_planes.rmsd 
_pdbx_validate_planes.type 
1 1 ARG A 264 ? ? 0.256 'SIDE CHAIN' 
2 1 ARG A 278 ? ? 0.173 'SIDE CHAIN' 
3 1 ARG A 297 ? ? 0.282 'SIDE CHAIN' 
# 
_pdbx_nmr_ensemble.entry_id                             1DOQ 
_pdbx_nmr_ensemble.conformers_calculated_total_number   ? 
_pdbx_nmr_ensemble.conformers_submitted_total_number    1 
_pdbx_nmr_ensemble.conformer_selection_criteria         ? 
# 
_pdbx_nmr_representative.entry_id             1DOQ 
_pdbx_nmr_representative.conformer_id         ? 
_pdbx_nmr_representative.selection_criteria   'minimized average structure' 
# 
_pdbx_nmr_sample_details.solution_id      1 
_pdbx_nmr_sample_details.contents         
;2MM C-TERMINAL DOMAIN OF RNA POLYMERASE ALPHA SUBUNIT-15N, 13C; 20MM PHOSPHATE 
BUFFER, 30MM KCL; 90% H2O, 10% D2O
;
_pdbx_nmr_sample_details.solvent_system   ? 
# 
_pdbx_nmr_exptl_sample_conditions.conditions_id       1 
_pdbx_nmr_exptl_sample_conditions.temperature         310 
_pdbx_nmr_exptl_sample_conditions.pressure            1 
_pdbx_nmr_exptl_sample_conditions.pH                  6.0 
_pdbx_nmr_exptl_sample_conditions.ionic_strength      '30mM KCL' 
_pdbx_nmr_exptl_sample_conditions.pressure_units      atm 
_pdbx_nmr_exptl_sample_conditions.temperature_units   K 
# 
_pdbx_nmr_details.entry_id   1DOQ 
_pdbx_nmr_details.text       'THE STRUCTURE WAS DETERMINED USING TRIPLE-RESONANCE NMR SPECTROSCOPY.' 
# 
_pdbx_nmr_refine.entry_id           1DOQ 
_pdbx_nmr_refine.method             'DISTANCE GEOMETRY, SIMULATED ANNEALING, MOLECULAR DYNAMICS' 
_pdbx_nmr_refine.details            
;THE STRUCTURES ARE BASED ON 734 NOE-DERIVED DISTANCE CONSTRAINTS, 43 DIHEDRAL 
ANGLE RESTRAINTS AND 38 DISTANCE RESTRAINTS FROM HYDROGEN BONDS.
;
_pdbx_nmr_refine.software_ordinal   1 
# 
loop_
_pdbx_nmr_software.classification 
_pdbx_nmr_software.name 
_pdbx_nmr_software.version 
_pdbx_nmr_software.authors 
_pdbx_nmr_software.ordinal 
collection NMRPipe ?   'BAX, A'         1 
processing X-PLOR  3.1 'BRUNGER, A. T.' 2 
# 
loop_
_chem_comp_atom.comp_id 
_chem_comp_atom.atom_id 
_chem_comp_atom.type_symbol 
_chem_comp_atom.pdbx_aromatic_flag 
_chem_comp_atom.pdbx_stereo_config 
_chem_comp_atom.pdbx_ordinal 
ALA N    N N N 1   
ALA CA   C N S 2   
ALA C    C N N 3   
ALA O    O N N 4   
ALA CB   C N N 5   
ALA OXT  O N N 6   
ALA H    H N N 7   
ALA H2   H N N 8   
ALA HA   H N N 9   
ALA HB1  H N N 10  
ALA HB2  H N N 11  
ALA HB3  H N N 12  
ALA HXT  H N N 13  
ARG N    N N N 14  
ARG CA   C N S 15  
ARG C    C N N 16  
ARG O    O N N 17  
ARG CB   C N N 18  
ARG CG   C N N 19  
ARG CD   C N N 20  
ARG NE   N N N 21  
ARG CZ   C N N 22  
ARG NH1  N N N 23  
ARG NH2  N N N 24  
ARG OXT  O N N 25  
ARG H    H N N 26  
ARG H2   H N N 27  
ARG HA   H N N 28  
ARG HB2  H N N 29  
ARG HB3  H N N 30  
ARG HG2  H N N 31  
ARG HG3  H N N 32  
ARG HD2  H N N 33  
ARG HD3  H N N 34  
ARG HE   H N N 35  
ARG HH11 H N N 36  
ARG HH12 H N N 37  
ARG HH21 H N N 38  
ARG HH22 H N N 39  
ARG HXT  H N N 40  
ASN N    N N N 41  
ASN CA   C N S 42  
ASN C    C N N 43  
ASN O    O N N 44  
ASN CB   C N N 45  
ASN CG   C N N 46  
ASN OD1  O N N 47  
ASN ND2  N N N 48  
ASN OXT  O N N 49  
ASN H    H N N 50  
ASN H2   H N N 51  
ASN HA   H N N 52  
ASN HB2  H N N 53  
ASN HB3  H N N 54  
ASN HD21 H N N 55  
ASN HD22 H N N 56  
ASN HXT  H N N 57  
ASP N    N N N 58  
ASP CA   C N S 59  
ASP C    C N N 60  
ASP O    O N N 61  
ASP CB   C N N 62  
ASP CG   C N N 63  
ASP OD1  O N N 64  
ASP OD2  O N N 65  
ASP OXT  O N N 66  
ASP H    H N N 67  
ASP H2   H N N 68  
ASP HA   H N N 69  
ASP HB2  H N N 70  
ASP HB3  H N N 71  
ASP HD2  H N N 72  
ASP HXT  H N N 73  
GLN N    N N N 74  
GLN CA   C N S 75  
GLN C    C N N 76  
GLN O    O N N 77  
GLN CB   C N N 78  
GLN CG   C N N 79  
GLN CD   C N N 80  
GLN OE1  O N N 81  
GLN NE2  N N N 82  
GLN OXT  O N N 83  
GLN H    H N N 84  
GLN H2   H N N 85  
GLN HA   H N N 86  
GLN HB2  H N N 87  
GLN HB3  H N N 88  
GLN HG2  H N N 89  
GLN HG3  H N N 90  
GLN HE21 H N N 91  
GLN HE22 H N N 92  
GLN HXT  H N N 93  
GLU N    N N N 94  
GLU CA   C N S 95  
GLU C    C N N 96  
GLU O    O N N 97  
GLU CB   C N N 98  
GLU CG   C N N 99  
GLU CD   C N N 100 
GLU OE1  O N N 101 
GLU OE2  O N N 102 
GLU OXT  O N N 103 
GLU H    H N N 104 
GLU H2   H N N 105 
GLU HA   H N N 106 
GLU HB2  H N N 107 
GLU HB3  H N N 108 
GLU HG2  H N N 109 
GLU HG3  H N N 110 
GLU HE2  H N N 111 
GLU HXT  H N N 112 
GLY N    N N N 113 
GLY CA   C N N 114 
GLY C    C N N 115 
GLY O    O N N 116 
GLY OXT  O N N 117 
GLY H    H N N 118 
GLY H2   H N N 119 
GLY HA2  H N N 120 
GLY HA3  H N N 121 
GLY HXT  H N N 122 
HIS N    N N N 123 
HIS CA   C N S 124 
HIS C    C N N 125 
HIS O    O N N 126 
HIS CB   C N N 127 
HIS CG   C Y N 128 
HIS ND1  N Y N 129 
HIS CD2  C Y N 130 
HIS CE1  C Y N 131 
HIS NE2  N Y N 132 
HIS OXT  O N N 133 
HIS H    H N N 134 
HIS H2   H N N 135 
HIS HA   H N N 136 
HIS HB2  H N N 137 
HIS HB3  H N N 138 
HIS HD1  H N N 139 
HIS HD2  H N N 140 
HIS HE1  H N N 141 
HIS HE2  H N N 142 
HIS HXT  H N N 143 
ILE N    N N N 144 
ILE CA   C N S 145 
ILE C    C N N 146 
ILE O    O N N 147 
ILE CB   C N S 148 
ILE CG1  C N N 149 
ILE CG2  C N N 150 
ILE CD1  C N N 151 
ILE OXT  O N N 152 
ILE H    H N N 153 
ILE H2   H N N 154 
ILE HA   H N N 155 
ILE HB   H N N 156 
ILE HG12 H N N 157 
ILE HG13 H N N 158 
ILE HG21 H N N 159 
ILE HG22 H N N 160 
ILE HG23 H N N 161 
ILE HD11 H N N 162 
ILE HD12 H N N 163 
ILE HD13 H N N 164 
ILE HXT  H N N 165 
LEU N    N N N 166 
LEU CA   C N S 167 
LEU C    C N N 168 
LEU O    O N N 169 
LEU CB   C N N 170 
LEU CG   C N N 171 
LEU CD1  C N N 172 
LEU CD2  C N N 173 
LEU OXT  O N N 174 
LEU H    H N N 175 
LEU H2   H N N 176 
LEU HA   H N N 177 
LEU HB2  H N N 178 
LEU HB3  H N N 179 
LEU HG   H N N 180 
LEU HD11 H N N 181 
LEU HD12 H N N 182 
LEU HD13 H N N 183 
LEU HD21 H N N 184 
LEU HD22 H N N 185 
LEU HD23 H N N 186 
LEU HXT  H N N 187 
LYS N    N N N 188 
LYS CA   C N S 189 
LYS C    C N N 190 
LYS O    O N N 191 
LYS CB   C N N 192 
LYS CG   C N N 193 
LYS CD   C N N 194 
LYS CE   C N N 195 
LYS NZ   N N N 196 
LYS OXT  O N N 197 
LYS H    H N N 198 
LYS H2   H N N 199 
LYS HA   H N N 200 
LYS HB2  H N N 201 
LYS HB3  H N N 202 
LYS HG2  H N N 203 
LYS HG3  H N N 204 
LYS HD2  H N N 205 
LYS HD3  H N N 206 
LYS HE2  H N N 207 
LYS HE3  H N N 208 
LYS HZ1  H N N 209 
LYS HZ2  H N N 210 
LYS HZ3  H N N 211 
LYS HXT  H N N 212 
PHE N    N N N 213 
PHE CA   C N S 214 
PHE C    C N N 215 
PHE O    O N N 216 
PHE CB   C N N 217 
PHE CG   C Y N 218 
PHE CD1  C Y N 219 
PHE CD2  C Y N 220 
PHE CE1  C Y N 221 
PHE CE2  C Y N 222 
PHE CZ   C Y N 223 
PHE OXT  O N N 224 
PHE H    H N N 225 
PHE H2   H N N 226 
PHE HA   H N N 227 
PHE HB2  H N N 228 
PHE HB3  H N N 229 
PHE HD1  H N N 230 
PHE HD2  H N N 231 
PHE HE1  H N N 232 
PHE HE2  H N N 233 
PHE HZ   H N N 234 
PHE HXT  H N N 235 
PRO N    N N N 236 
PRO CA   C N S 237 
PRO C    C N N 238 
PRO O    O N N 239 
PRO CB   C N N 240 
PRO CG   C N N 241 
PRO CD   C N N 242 
PRO OXT  O N N 243 
PRO H    H N N 244 
PRO HA   H N N 245 
PRO HB2  H N N 246 
PRO HB3  H N N 247 
PRO HG2  H N N 248 
PRO HG3  H N N 249 
PRO HD2  H N N 250 
PRO HD3  H N N 251 
PRO HXT  H N N 252 
SER N    N N N 253 
SER CA   C N S 254 
SER C    C N N 255 
SER O    O N N 256 
SER CB   C N N 257 
SER OG   O N N 258 
SER OXT  O N N 259 
SER H    H N N 260 
SER H2   H N N 261 
SER HA   H N N 262 
SER HB2  H N N 263 
SER HB3  H N N 264 
SER HG   H N N 265 
SER HXT  H N N 266 
THR N    N N N 267 
THR CA   C N S 268 
THR C    C N N 269 
THR O    O N N 270 
THR CB   C N R 271 
THR OG1  O N N 272 
THR CG2  C N N 273 
THR OXT  O N N 274 
THR H    H N N 275 
THR H2   H N N 276 
THR HA   H N N 277 
THR HB   H N N 278 
THR HG1  H N N 279 
THR HG21 H N N 280 
THR HG22 H N N 281 
THR HG23 H N N 282 
THR HXT  H N N 283 
VAL N    N N N 284 
VAL CA   C N S 285 
VAL C    C N N 286 
VAL O    O N N 287 
VAL CB   C N N 288 
VAL CG1  C N N 289 
VAL CG2  C N N 290 
VAL OXT  O N N 291 
VAL H    H N N 292 
VAL H2   H N N 293 
VAL HA   H N N 294 
VAL HB   H N N 295 
VAL HG11 H N N 296 
VAL HG12 H N N 297 
VAL HG13 H N N 298 
VAL HG21 H N N 299 
VAL HG22 H N N 300 
VAL HG23 H N N 301 
VAL HXT  H N N 302 
# 
loop_
_chem_comp_bond.comp_id 
_chem_comp_bond.atom_id_1 
_chem_comp_bond.atom_id_2 
_chem_comp_bond.value_order 
_chem_comp_bond.pdbx_aromatic_flag 
_chem_comp_bond.pdbx_stereo_config 
_chem_comp_bond.pdbx_ordinal 
ALA N   CA   sing N N 1   
ALA N   H    sing N N 2   
ALA N   H2   sing N N 3   
ALA CA  C    sing N N 4   
ALA CA  CB   sing N N 5   
ALA CA  HA   sing N N 6   
ALA C   O    doub N N 7   
ALA C   OXT  sing N N 8   
ALA CB  HB1  sing N N 9   
ALA CB  HB2  sing N N 10  
ALA CB  HB3  sing N N 11  
ALA OXT HXT  sing N N 12  
ARG N   CA   sing N N 13  
ARG N   H    sing N N 14  
ARG N   H2   sing N N 15  
ARG CA  C    sing N N 16  
ARG CA  CB   sing N N 17  
ARG CA  HA   sing N N 18  
ARG C   O    doub N N 19  
ARG C   OXT  sing N N 20  
ARG CB  CG   sing N N 21  
ARG CB  HB2  sing N N 22  
ARG CB  HB3  sing N N 23  
ARG CG  CD   sing N N 24  
ARG CG  HG2  sing N N 25  
ARG CG  HG3  sing N N 26  
ARG CD  NE   sing N N 27  
ARG CD  HD2  sing N N 28  
ARG CD  HD3  sing N N 29  
ARG NE  CZ   sing N N 30  
ARG NE  HE   sing N N 31  
ARG CZ  NH1  sing N N 32  
ARG CZ  NH2  doub N N 33  
ARG NH1 HH11 sing N N 34  
ARG NH1 HH12 sing N N 35  
ARG NH2 HH21 sing N N 36  
ARG NH2 HH22 sing N N 37  
ARG OXT HXT  sing N N 38  
ASN N   CA   sing N N 39  
ASN N   H    sing N N 40  
ASN N   H2   sing N N 41  
ASN CA  C    sing N N 42  
ASN CA  CB   sing N N 43  
ASN CA  HA   sing N N 44  
ASN C   O    doub N N 45  
ASN C   OXT  sing N N 46  
ASN CB  CG   sing N N 47  
ASN CB  HB2  sing N N 48  
ASN CB  HB3  sing N N 49  
ASN CG  OD1  doub N N 50  
ASN CG  ND2  sing N N 51  
ASN ND2 HD21 sing N N 52  
ASN ND2 HD22 sing N N 53  
ASN OXT HXT  sing N N 54  
ASP N   CA   sing N N 55  
ASP N   H    sing N N 56  
ASP N   H2   sing N N 57  
ASP CA  C    sing N N 58  
ASP CA  CB   sing N N 59  
ASP CA  HA   sing N N 60  
ASP C   O    doub N N 61  
ASP C   OXT  sing N N 62  
ASP CB  CG   sing N N 63  
ASP CB  HB2  sing N N 64  
ASP CB  HB3  sing N N 65  
ASP CG  OD1  doub N N 66  
ASP CG  OD2  sing N N 67  
ASP OD2 HD2  sing N N 68  
ASP OXT HXT  sing N N 69  
GLN N   CA   sing N N 70  
GLN N   H    sing N N 71  
GLN N   H2   sing N N 72  
GLN CA  C    sing N N 73  
GLN CA  CB   sing N N 74  
GLN CA  HA   sing N N 75  
GLN C   O    doub N N 76  
GLN C   OXT  sing N N 77  
GLN CB  CG   sing N N 78  
GLN CB  HB2  sing N N 79  
GLN CB  HB3  sing N N 80  
GLN CG  CD   sing N N 81  
GLN CG  HG2  sing N N 82  
GLN CG  HG3  sing N N 83  
GLN CD  OE1  doub N N 84  
GLN CD  NE2  sing N N 85  
GLN NE2 HE21 sing N N 86  
GLN NE2 HE22 sing N N 87  
GLN OXT HXT  sing N N 88  
GLU N   CA   sing N N 89  
GLU N   H    sing N N 90  
GLU N   H2   sing N N 91  
GLU CA  C    sing N N 92  
GLU CA  CB   sing N N 93  
GLU CA  HA   sing N N 94  
GLU C   O    doub N N 95  
GLU C   OXT  sing N N 96  
GLU CB  CG   sing N N 97  
GLU CB  HB2  sing N N 98  
GLU CB  HB3  sing N N 99  
GLU CG  CD   sing N N 100 
GLU CG  HG2  sing N N 101 
GLU CG  HG3  sing N N 102 
GLU CD  OE1  doub N N 103 
GLU CD  OE2  sing N N 104 
GLU OE2 HE2  sing N N 105 
GLU OXT HXT  sing N N 106 
GLY N   CA   sing N N 107 
GLY N   H    sing N N 108 
GLY N   H2   sing N N 109 
GLY CA  C    sing N N 110 
GLY CA  HA2  sing N N 111 
GLY CA  HA3  sing N N 112 
GLY C   O    doub N N 113 
GLY C   OXT  sing N N 114 
GLY OXT HXT  sing N N 115 
HIS N   CA   sing N N 116 
HIS N   H    sing N N 117 
HIS N   H2   sing N N 118 
HIS CA  C    sing N N 119 
HIS CA  CB   sing N N 120 
HIS CA  HA   sing N N 121 
HIS C   O    doub N N 122 
HIS C   OXT  sing N N 123 
HIS CB  CG   sing N N 124 
HIS CB  HB2  sing N N 125 
HIS CB  HB3  sing N N 126 
HIS CG  ND1  sing Y N 127 
HIS CG  CD2  doub Y N 128 
HIS ND1 CE1  doub Y N 129 
HIS ND1 HD1  sing N N 130 
HIS CD2 NE2  sing Y N 131 
HIS CD2 HD2  sing N N 132 
HIS CE1 NE2  sing Y N 133 
HIS CE1 HE1  sing N N 134 
HIS NE2 HE2  sing N N 135 
HIS OXT HXT  sing N N 136 
ILE N   CA   sing N N 137 
ILE N   H    sing N N 138 
ILE N   H2   sing N N 139 
ILE CA  C    sing N N 140 
ILE CA  CB   sing N N 141 
ILE CA  HA   sing N N 142 
ILE C   O    doub N N 143 
ILE C   OXT  sing N N 144 
ILE CB  CG1  sing N N 145 
ILE CB  CG2  sing N N 146 
ILE CB  HB   sing N N 147 
ILE CG1 CD1  sing N N 148 
ILE CG1 HG12 sing N N 149 
ILE CG1 HG13 sing N N 150 
ILE CG2 HG21 sing N N 151 
ILE CG2 HG22 sing N N 152 
ILE CG2 HG23 sing N N 153 
ILE CD1 HD11 sing N N 154 
ILE CD1 HD12 sing N N 155 
ILE CD1 HD13 sing N N 156 
ILE OXT HXT  sing N N 157 
LEU N   CA   sing N N 158 
LEU N   H    sing N N 159 
LEU N   H2   sing N N 160 
LEU CA  C    sing N N 161 
LEU CA  CB   sing N N 162 
LEU CA  HA   sing N N 163 
LEU C   O    doub N N 164 
LEU C   OXT  sing N N 165 
LEU CB  CG   sing N N 166 
LEU CB  HB2  sing N N 167 
LEU CB  HB3  sing N N 168 
LEU CG  CD1  sing N N 169 
LEU CG  CD2  sing N N 170 
LEU CG  HG   sing N N 171 
LEU CD1 HD11 sing N N 172 
LEU CD1 HD12 sing N N 173 
LEU CD1 HD13 sing N N 174 
LEU CD2 HD21 sing N N 175 
LEU CD2 HD22 sing N N 176 
LEU CD2 HD23 sing N N 177 
LEU OXT HXT  sing N N 178 
LYS N   CA   sing N N 179 
LYS N   H    sing N N 180 
LYS N   H2   sing N N 181 
LYS CA  C    sing N N 182 
LYS CA  CB   sing N N 183 
LYS CA  HA   sing N N 184 
LYS C   O    doub N N 185 
LYS C   OXT  sing N N 186 
LYS CB  CG   sing N N 187 
LYS CB  HB2  sing N N 188 
LYS CB  HB3  sing N N 189 
LYS CG  CD   sing N N 190 
LYS CG  HG2  sing N N 191 
LYS CG  HG3  sing N N 192 
LYS CD  CE   sing N N 193 
LYS CD  HD2  sing N N 194 
LYS CD  HD3  sing N N 195 
LYS CE  NZ   sing N N 196 
LYS CE  HE2  sing N N 197 
LYS CE  HE3  sing N N 198 
LYS NZ  HZ1  sing N N 199 
LYS NZ  HZ2  sing N N 200 
LYS NZ  HZ3  sing N N 201 
LYS OXT HXT  sing N N 202 
PHE N   CA   sing N N 203 
PHE N   H    sing N N 204 
PHE N   H2   sing N N 205 
PHE CA  C    sing N N 206 
PHE CA  CB   sing N N 207 
PHE CA  HA   sing N N 208 
PHE C   O    doub N N 209 
PHE C   OXT  sing N N 210 
PHE CB  CG   sing N N 211 
PHE CB  HB2  sing N N 212 
PHE CB  HB3  sing N N 213 
PHE CG  CD1  doub Y N 214 
PHE CG  CD2  sing Y N 215 
PHE CD1 CE1  sing Y N 216 
PHE CD1 HD1  sing N N 217 
PHE CD2 CE2  doub Y N 218 
PHE CD2 HD2  sing N N 219 
PHE CE1 CZ   doub Y N 220 
PHE CE1 HE1  sing N N 221 
PHE CE2 CZ   sing Y N 222 
PHE CE2 HE2  sing N N 223 
PHE CZ  HZ   sing N N 224 
PHE OXT HXT  sing N N 225 
PRO N   CA   sing N N 226 
PRO N   CD   sing N N 227 
PRO N   H    sing N N 228 
PRO CA  C    sing N N 229 
PRO CA  CB   sing N N 230 
PRO CA  HA   sing N N 231 
PRO C   O    doub N N 232 
PRO C   OXT  sing N N 233 
PRO CB  CG   sing N N 234 
PRO CB  HB2  sing N N 235 
PRO CB  HB3  sing N N 236 
PRO CG  CD   sing N N 237 
PRO CG  HG2  sing N N 238 
PRO CG  HG3  sing N N 239 
PRO CD  HD2  sing N N 240 
PRO CD  HD3  sing N N 241 
PRO OXT HXT  sing N N 242 
SER N   CA   sing N N 243 
SER N   H    sing N N 244 
SER N   H2   sing N N 245 
SER CA  C    sing N N 246 
SER CA  CB   sing N N 247 
SER CA  HA   sing N N 248 
SER C   O    doub N N 249 
SER C   OXT  sing N N 250 
SER CB  OG   sing N N 251 
SER CB  HB2  sing N N 252 
SER CB  HB3  sing N N 253 
SER OG  HG   sing N N 254 
SER OXT HXT  sing N N 255 
THR N   CA   sing N N 256 
THR N   H    sing N N 257 
THR N   H2   sing N N 258 
THR CA  C    sing N N 259 
THR CA  CB   sing N N 260 
THR CA  HA   sing N N 261 
THR C   O    doub N N 262 
THR C   OXT  sing N N 263 
THR CB  OG1  sing N N 264 
THR CB  CG2  sing N N 265 
THR CB  HB   sing N N 266 
THR OG1 HG1  sing N N 267 
THR CG2 HG21 sing N N 268 
THR CG2 HG22 sing N N 269 
THR CG2 HG23 sing N N 270 
THR OXT HXT  sing N N 271 
VAL N   CA   sing N N 272 
VAL N   H    sing N N 273 
VAL N   H2   sing N N 274 
VAL CA  C    sing N N 275 
VAL CA  CB   sing N N 276 
VAL CA  HA   sing N N 277 
VAL C   O    doub N N 278 
VAL C   OXT  sing N N 279 
VAL CB  CG1  sing N N 280 
VAL CB  CG2  sing N N 281 
VAL CB  HB   sing N N 282 
VAL CG1 HG11 sing N N 283 
VAL CG1 HG12 sing N N 284 
VAL CG1 HG13 sing N N 285 
VAL CG2 HG21 sing N N 286 
VAL CG2 HG22 sing N N 287 
VAL CG2 HG23 sing N N 288 
VAL OXT HXT  sing N N 289 
# 
loop_
_pdbx_nmr_spectrometer.spectrometer_id 
_pdbx_nmr_spectrometer.model 
_pdbx_nmr_spectrometer.manufacturer 
_pdbx_nmr_spectrometer.field_strength 
_pdbx_nmr_spectrometer.type 
1 DMX Bruker 500 ? 
2 DMX Bruker 600 ? 
# 
_atom_sites.entry_id                    1DOQ 
_atom_sites.fract_transf_matrix[1][1]   1.000000 
_atom_sites.fract_transf_matrix[1][2]   0.000000 
_atom_sites.fract_transf_matrix[1][3]   0.000000 
_atom_sites.fract_transf_matrix[2][1]   0.000000 
_atom_sites.fract_transf_matrix[2][2]   1.000000 
_atom_sites.fract_transf_matrix[2][3]   0.000000 
_atom_sites.fract_transf_matrix[3][1]   0.000000 
_atom_sites.fract_transf_matrix[3][2]   0.000000 
_atom_sites.fract_transf_matrix[3][3]   1.000000 
_atom_sites.fract_transf_vector[1]      0.00000 
_atom_sites.fract_transf_vector[2]      0.00000 
_atom_sites.fract_transf_vector[3]      0.00000 
# 
loop_
_atom_type.symbol 
C 
H 
N 
O 
# 
loop_
_atom_site.group_PDB 
_atom_site.id 
_atom_site.type_symbol 
_atom_site.label_atom_id 
_atom_site.label_alt_id 
_atom_site.label_comp_id 
_atom_site.label_asym_id 
_atom_site.label_entity_id 
_atom_site.label_seq_id 
_atom_site.pdbx_PDB_ins_code 
_atom_site.Cartn_x 
_atom_site.Cartn_y 
_atom_site.Cartn_z 
_atom_site.occupancy 
_atom_site.B_iso_or_equiv 
_atom_site.pdbx_formal_charge 
_atom_site.auth_seq_id 
_atom_site.auth_comp_id 
_atom_site.auth_asym_id 
_atom_site.auth_atom_id 
_atom_site.pdbx_PDB_model_num 
ATOM 1    N N    . GLU A 1 1  ? -3.578  8.689   19.567  1.00 6.34  ? 247 GLU A N    1 
ATOM 2    C CA   . GLU A 1 1  ? -3.098  7.607   18.661  1.00 5.61  ? 247 GLU A CA   1 
ATOM 3    C C    . GLU A 1 1  ? -3.221  8.067   17.207  1.00 5.42  ? 247 GLU A C    1 
ATOM 4    O O    . GLU A 1 1  ? -4.189  8.695   16.824  1.00 5.31  ? 247 GLU A O    1 
ATOM 5    C CB   . GLU A 1 1  ? -3.947  6.351   18.871  1.00 4.81  ? 247 GLU A CB   1 
ATOM 6    C CG   . GLU A 1 1  ? -3.524  5.274   17.871  1.00 3.88  ? 247 GLU A CG   1 
ATOM 7    C CD   . GLU A 1 1  ? -2.786  4.154   18.606  1.00 4.40  ? 247 GLU A CD   1 
ATOM 8    O OE1  . GLU A 1 1  ? -3.330  3.650   19.575  1.00 4.84  ? 247 GLU A OE1  1 
ATOM 9    O OE2  . GLU A 1 1  ? -1.690  3.819   18.188  1.00 4.78  ? 247 GLU A OE2  1 
ATOM 10   H H1   . GLU A 1 1  ? -4.617  8.690   19.586  1.00 6.61  ? 247 GLU A H1   1 
ATOM 11   H H2   . GLU A 1 1  ? -3.235  9.608   19.219  1.00 6.54  ? 247 GLU A H2   1 
ATOM 12   H H3   . GLU A 1 1  ? -3.216  8.524   20.526  1.00 6.65  ? 247 GLU A H3   1 
ATOM 13   H HA   . GLU A 1 1  ? -2.065  7.384   18.882  1.00 6.07  ? 247 GLU A HA   1 
ATOM 14   H HB2  . GLU A 1 1  ? -3.804  5.985   19.878  1.00 5.31  ? 247 GLU A HB2  1 
ATOM 15   H HB3  . GLU A 1 1  ? -4.988  6.591   18.721  1.00 4.82  ? 247 GLU A HB3  1 
ATOM 16   H HG2  . GLU A 1 1  ? -4.401  4.871   17.384  1.00 3.44  ? 247 GLU A HG2  1 
ATOM 17   H HG3  . GLU A 1 1  ? -2.869  5.708   17.130  1.00 3.78  ? 247 GLU A HG3  1 
ATOM 18   N N    . GLN A 1 2  ? -2.248  7.760   16.394  1.00 5.67  ? 248 GLN A N    1 
ATOM 19   C CA   . GLN A 1 2  ? -2.309  8.180   14.966  1.00 5.63  ? 248 GLN A CA   1 
ATOM 20   C C    . GLN A 1 2  ? -2.277  6.941   14.069  1.00 4.48  ? 248 GLN A C    1 
ATOM 21   O O    . GLN A 1 2  ? -1.575  6.899   13.077  1.00 4.66  ? 248 GLN A O    1 
ATOM 22   C CB   . GLN A 1 2  ? -1.111  9.075   14.644  1.00 6.85  ? 248 GLN A CB   1 
ATOM 23   C CG   . GLN A 1 2  ? -1.489  10.056  13.533  1.00 7.77  ? 248 GLN A CG   1 
ATOM 24   C CD   . GLN A 1 2  ? -1.826  11.417  14.145  1.00 8.75  ? 248 GLN A CD   1 
ATOM 25   O OE1  . GLN A 1 2  ? -2.967  11.689  14.459  1.00 9.19  ? 248 GLN A OE1  1 
ATOM 26   N NE2  . GLN A 1 2  ? -0.873  12.289  14.329  1.00 9.33  ? 248 GLN A NE2  1 
ATOM 27   H H    . GLN A 1 2  ? -1.476  7.254   16.723  1.00 6.04  ? 248 GLN A H    1 
ATOM 28   H HA   . GLN A 1 2  ? -3.225  8.727   14.790  1.00 5.76  ? 248 GLN A HA   1 
ATOM 29   H HB2  . GLN A 1 2  ? -0.825  9.625   15.530  1.00 7.16  ? 248 GLN A HB2  1 
ATOM 30   H HB3  . GLN A 1 2  ? -0.283  8.465   14.317  1.00 6.97  ? 248 GLN A HB3  1 
ATOM 31   H HG2  . GLN A 1 2  ? -0.658  10.164  12.850  1.00 7.72  ? 248 GLN A HG2  1 
ATOM 32   H HG3  . GLN A 1 2  ? -2.349  9.682   12.999  1.00 8.03  ? 248 GLN A HG3  1 
ATOM 33   H HE21 . GLN A 1 2  ? 0.051   12.069  14.075  1.00 9.17  ? 248 GLN A HE21 1 
ATOM 34   H HE22 . GLN A 1 2  ? -1.081  13.168  14.722  1.00 10.06 ? 248 GLN A HE22 1 
ATOM 35   N N    . GLU A 1 3  ? -3.030  5.931   14.409  1.00 3.49  ? 249 GLU A N    1 
ATOM 36   C CA   . GLU A 1 3  ? -3.040  4.696   13.576  1.00 2.50  ? 249 GLU A CA   1 
ATOM 37   C C    . GLU A 1 3  ? -4.045  3.698   14.157  1.00 1.63  ? 249 GLU A C    1 
ATOM 38   O O    . GLU A 1 3  ? -3.870  2.500   14.062  1.00 1.84  ? 249 GLU A O    1 
ATOM 39   C CB   . GLU A 1 3  ? -1.644  4.069   13.576  1.00 3.37  ? 249 GLU A CB   1 
ATOM 40   C CG   . GLU A 1 3  ? -1.402  3.360   12.242  1.00 3.87  ? 249 GLU A CG   1 
ATOM 41   C CD   . GLU A 1 3  ? -0.456  4.200   11.382  1.00 4.95  ? 249 GLU A CD   1 
ATOM 42   O OE1  . GLU A 1 3  ? -0.938  5.092   10.703  1.00 5.54  ? 249 GLU A OE1  1 
ATOM 43   O OE2  . GLU A 1 3  ? 0.735   3.936   11.415  1.00 5.48  ? 249 GLU A OE2  1 
ATOM 44   H H    . GLU A 1 3  ? -3.587  5.985   15.214  1.00 3.58  ? 249 GLU A H    1 
ATOM 45   H HA   . GLU A 1 3  ? -3.324  4.946   12.565  1.00 2.28  ? 249 GLU A HA   1 
ATOM 46   H HB2  . GLU A 1 3  ? -0.903  4.843   13.712  1.00 3.90  ? 249 GLU A HB2  1 
ATOM 47   H HB3  . GLU A 1 3  ? -1.570  3.353   14.380  1.00 3.69  ? 249 GLU A HB3  1 
ATOM 48   H HG2  . GLU A 1 3  ? -0.961  2.392   12.425  1.00 3.95  ? 249 GLU A HG2  1 
ATOM 49   H HG3  . GLU A 1 3  ? -2.342  3.237   11.724  1.00 3.88  ? 249 GLU A HG3  1 
ATOM 50   N N    . GLU A 1 4  ? -5.096  4.184   14.760  1.00 1.69  ? 250 GLU A N    1 
ATOM 51   C CA   . GLU A 1 4  ? -6.108  3.263   15.347  1.00 1.80  ? 250 GLU A CA   1 
ATOM 52   C C    . GLU A 1 4  ? -6.703  2.383   14.247  1.00 2.18  ? 250 GLU A C    1 
ATOM 53   O O    . GLU A 1 4  ? -6.990  1.221   14.457  1.00 3.10  ? 250 GLU A O    1 
ATOM 54   C CB   . GLU A 1 4  ? -7.221  4.083   16.003  1.00 2.66  ? 250 GLU A CB   1 
ATOM 55   C CG   . GLU A 1 4  ? -8.158  3.149   16.771  1.00 3.26  ? 250 GLU A CG   1 
ATOM 56   C CD   . GLU A 1 4  ? -9.254  3.969   17.453  1.00 4.12  ? 250 GLU A CD   1 
ATOM 57   O OE1  . GLU A 1 4  ? -9.207  5.184   17.350  1.00 4.70  ? 250 GLU A OE1  1 
ATOM 58   O OE2  . GLU A 1 4  ? -10.122 3.369   18.066  1.00 4.56  ? 250 GLU A OE2  1 
ATOM 59   H H    . GLU A 1 4  ? -5.218  5.151   14.828  1.00 2.35  ? 250 GLU A H    1 
ATOM 60   H HA   . GLU A 1 4  ? -5.635  2.641   16.091  1.00 1.99  ? 250 GLU A HA   1 
ATOM 61   H HB2  . GLU A 1 4  ? -6.787  4.800   16.685  1.00 3.03  ? 250 GLU A HB2  1 
ATOM 62   H HB3  . GLU A 1 4  ? -7.782  4.604   15.242  1.00 3.08  ? 250 GLU A HB3  1 
ATOM 63   H HG2  . GLU A 1 4  ? -8.607  2.446   16.084  1.00 3.35  ? 250 GLU A HG2  1 
ATOM 64   H HG3  . GLU A 1 4  ? -7.596  2.611   17.520  1.00 3.58  ? 250 GLU A HG3  1 
ATOM 65   N N    . GLU A 1 5  ? -6.894  2.926   13.075  1.00 2.00  ? 251 GLU A N    1 
ATOM 66   C CA   . GLU A 1 5  ? -7.474  2.117   11.967  1.00 2.92  ? 251 GLU A CA   1 
ATOM 67   C C    . GLU A 1 5  ? -6.631  2.299   10.702  1.00 2.50  ? 251 GLU A C    1 
ATOM 68   O O    . GLU A 1 5  ? -7.052  1.968   9.612   1.00 3.28  ? 251 GLU A O    1 
ATOM 69   C CB   . GLU A 1 5  ? -8.907  2.579   11.695  1.00 4.08  ? 251 GLU A CB   1 
ATOM 70   C CG   . GLU A 1 5  ? -9.868  1.843   12.628  1.00 4.98  ? 251 GLU A CG   1 
ATOM 71   C CD   . GLU A 1 5  ? -11.218 1.657   11.932  1.00 5.99  ? 251 GLU A CD   1 
ATOM 72   O OE1  . GLU A 1 5  ? -11.659 2.591   11.283  1.00 6.54  ? 251 GLU A OE1  1 
ATOM 73   O OE2  . GLU A 1 5  ? -11.785 0.585   12.059  1.00 6.46  ? 251 GLU A OE2  1 
ATOM 74   H H    . GLU A 1 5  ? -6.659  3.865   12.926  1.00 1.64  ? 251 GLU A H    1 
ATOM 75   H HA   . GLU A 1 5  ? -7.480  1.073   12.247  1.00 3.41  ? 251 GLU A HA   1 
ATOM 76   H HB2  . GLU A 1 5  ? -8.981  3.644   11.866  1.00 4.27  ? 251 GLU A HB2  1 
ATOM 77   H HB3  . GLU A 1 5  ? -9.168  2.361   10.670  1.00 4.47  ? 251 GLU A HB3  1 
ATOM 78   H HG2  . GLU A 1 5  ? -9.455  0.876   12.880  1.00 5.09  ? 251 GLU A HG2  1 
ATOM 79   H HG3  . GLU A 1 5  ? -10.008 2.420   13.530  1.00 5.21  ? 251 GLU A HG3  1 
ATOM 80   N N    . LEU A 1 6  ? -5.445  2.824   10.837  1.00 1.39  ? 252 LEU A N    1 
ATOM 81   C CA   . LEU A 1 6  ? -4.579  3.026   9.641   1.00 1.03  ? 252 LEU A CA   1 
ATOM 82   C C    . LEU A 1 6  ? -5.289  3.948   8.648   1.00 1.00  ? 252 LEU A C    1 
ATOM 83   O O    . LEU A 1 6  ? -6.288  3.588   8.057   1.00 1.13  ? 252 LEU A O    1 
ATOM 84   C CB   . LEU A 1 6  ? -4.306  1.676   8.974   1.00 0.92  ? 252 LEU A CB   1 
ATOM 85   C CG   . LEU A 1 6  ? -3.623  1.905   7.625   1.00 0.77  ? 252 LEU A CG   1 
ATOM 86   C CD1  . LEU A 1 6  ? -2.557  0.831   7.400   1.00 0.67  ? 252 LEU A CD1  1 
ATOM 87   C CD2  . LEU A 1 6  ? -4.667  1.826   6.508   1.00 1.24  ? 252 LEU A CD2  1 
ATOM 88   H H    . LEU A 1 6  ? -5.123  3.085   11.725  1.00 1.07  ? 252 LEU A H    1 
ATOM 89   H HA   . LEU A 1 6  ? -3.645  3.473   9.944   1.00 1.15  ? 252 LEU A HA   1 
ATOM 90   H HB2  . LEU A 1 6  ? -3.664  1.084   9.610   1.00 1.11  ? 252 LEU A HB2  1 
ATOM 91   H HB3  . LEU A 1 6  ? -5.240  1.155   8.820   1.00 1.17  ? 252 LEU A HB3  1 
ATOM 92   H HG   . LEU A 1 6  ? -3.158  2.880   7.617   1.00 0.93  ? 252 LEU A HG   1 
ATOM 93   H HD11 . LEU A 1 6  ? -2.708  0.021   8.097   1.00 1.21  ? 252 LEU A HD11 1 
ATOM 94   H HD12 . LEU A 1 6  ? -1.577  1.258   7.552   1.00 1.31  ? 252 LEU A HD12 1 
ATOM 95   H HD13 . LEU A 1 6  ? -2.633  0.454   6.390   1.00 1.16  ? 252 LEU A HD13 1 
ATOM 96   H HD21 . LEU A 1 6  ? -5.595  1.446   6.909   1.00 1.69  ? 252 LEU A HD21 1 
ATOM 97   H HD22 . LEU A 1 6  ? -4.312  1.164   5.731   1.00 1.66  ? 252 LEU A HD22 1 
ATOM 98   H HD23 . LEU A 1 6  ? -4.827  2.810   6.097   1.00 1.76  ? 252 LEU A HD23 1 
ATOM 99   N N    . ASP A 1 7  ? -4.781  5.135   8.456   1.00 1.02  ? 253 ASP A N    1 
ATOM 100  C CA   . ASP A 1 7  ? -5.429  6.075   7.500   1.00 1.08  ? 253 ASP A CA   1 
ATOM 101  C C    . ASP A 1 7  ? -4.425  7.151   7.079   1.00 1.01  ? 253 ASP A C    1 
ATOM 102  O O    . ASP A 1 7  ? -4.620  8.325   7.325   1.00 1.24  ? 253 ASP A O    1 
ATOM 103  C CB   . ASP A 1 7  ? -6.633  6.737   8.171   1.00 1.39  ? 253 ASP A CB   1 
ATOM 104  C CG   . ASP A 1 7  ? -7.709  7.027   7.123   1.00 1.79  ? 253 ASP A CG   1 
ATOM 105  O OD1  . ASP A 1 7  ? -7.349  7.228   5.974   1.00 2.39  ? 253 ASP A OD1  1 
ATOM 106  O OD2  . ASP A 1 7  ? -8.874  7.043   7.485   1.00 2.32  ? 253 ASP A OD2  1 
ATOM 107  H H    . ASP A 1 7  ? -3.974  5.406   8.941   1.00 1.13  ? 253 ASP A H    1 
ATOM 108  H HA   . ASP A 1 7  ? -5.758  5.531   6.627   1.00 1.03  ? 253 ASP A HA   1 
ATOM 109  H HB2  . ASP A 1 7  ? -7.034  6.074   8.925   1.00 1.69  ? 253 ASP A HB2  1 
ATOM 110  H HB3  . ASP A 1 7  ? -6.325  7.662   8.633   1.00 1.87  ? 253 ASP A HB3  1 
ATOM 111  N N    . LEU A 1 8  ? -3.351  6.762   6.446   1.00 0.80  ? 254 LEU A N    1 
ATOM 112  C CA   . LEU A 1 8  ? -2.340  7.768   6.011   1.00 0.80  ? 254 LEU A CA   1 
ATOM 113  C C    . LEU A 1 8  ? -2.176  7.698   4.492   1.00 0.71  ? 254 LEU A C    1 
ATOM 114  O O    . LEU A 1 8  ? -2.642  6.774   3.865   1.00 0.68  ? 254 LEU A O    1 
ATOM 115  C CB   . LEU A 1 8  ? -0.998  7.466   6.682   1.00 0.86  ? 254 LEU A CB   1 
ATOM 116  C CG   . LEU A 1 8  ? -0.561  8.671   7.515   1.00 1.12  ? 254 LEU A CG   1 
ATOM 117  C CD1  . LEU A 1 8  ? -0.880  8.417   8.988   1.00 1.31  ? 254 LEU A CD1  1 
ATOM 118  C CD2  . LEU A 1 8  ? 0.946   8.883   7.350   1.00 1.40  ? 254 LEU A CD2  1 
ATOM 119  H H    . LEU A 1 8  ? -3.212  5.809   6.255   1.00 0.76  ? 254 LEU A H    1 
ATOM 120  H HA   . LEU A 1 8  ? -2.669  8.758   6.293   1.00 0.89  ? 254 LEU A HA   1 
ATOM 121  H HB2  . LEU A 1 8  ? -1.103  6.603   7.323   1.00 0.96  ? 254 LEU A HB2  1 
ATOM 122  H HB3  . LEU A 1 8  ? -0.255  7.265   5.926   1.00 0.97  ? 254 LEU A HB3  1 
ATOM 123  H HG   . LEU A 1 8  ? -1.089  9.552   7.179   1.00 1.24  ? 254 LEU A HG   1 
ATOM 124  H HD11 . LEU A 1 8  ? -0.782  9.339   9.543   1.00 1.64  ? 254 LEU A HD11 1 
ATOM 125  H HD12 . LEU A 1 8  ? -0.194  7.683   9.385   1.00 1.70  ? 254 LEU A HD12 1 
ATOM 126  H HD13 . LEU A 1 8  ? -1.892  8.051   9.079   1.00 1.74  ? 254 LEU A HD13 1 
ATOM 127  H HD21 . LEU A 1 8  ? 1.150   9.935   7.217   1.00 1.75  ? 254 LEU A HD21 1 
ATOM 128  H HD22 . LEU A 1 8  ? 1.294   8.337   6.486   1.00 1.76  ? 254 LEU A HD22 1 
ATOM 129  H HD23 . LEU A 1 8  ? 1.458   8.526   8.232   1.00 1.82  ? 254 LEU A HD23 1 
ATOM 130  N N    . PRO A 1 9  ? -1.518  8.683   3.945   1.00 0.70  ? 255 PRO A N    1 
ATOM 131  C CA   . PRO A 1 9  ? -1.272  8.758   2.496   1.00 0.65  ? 255 PRO A CA   1 
ATOM 132  C C    . PRO A 1 9  ? -0.088  7.863   2.110   1.00 0.64  ? 255 PRO A C    1 
ATOM 133  O O    . PRO A 1 9  ? 0.966   7.931   2.710   1.00 0.73  ? 255 PRO A O    1 
ATOM 134  C CB   . PRO A 1 9  ? -0.931  10.234  2.272   1.00 0.71  ? 255 PRO A CB   1 
ATOM 135  C CG   . PRO A 1 9  ? -0.445  10.782  3.636   1.00 0.79  ? 255 PRO A CG   1 
ATOM 136  C CD   . PRO A 1 9  ? -0.966  9.814   4.714   1.00 0.79  ? 255 PRO A CD   1 
ATOM 137  H HA   . PRO A 1 9  ? -2.155  8.492   1.944   1.00 0.63  ? 255 PRO A HA   1 
ATOM 138  H HB2  . PRO A 1 9  ? -0.149  10.324  1.530   1.00 0.73  ? 255 PRO A HB2  1 
ATOM 139  H HB3  . PRO A 1 9  ? -1.810  10.774  1.955   1.00 0.72  ? 255 PRO A HB3  1 
ATOM 140  H HG2  . PRO A 1 9  ? 0.636   10.816  3.656   1.00 0.83  ? 255 PRO A HG2  1 
ATOM 141  H HG3  . PRO A 1 9  ? -0.850  11.767  3.806   1.00 0.84  ? 255 PRO A HG3  1 
ATOM 142  H HD2  . PRO A 1 9  ? -0.155  9.485   5.349   1.00 0.83  ? 255 PRO A HD2  1 
ATOM 143  H HD3  . PRO A 1 9  ? -1.742  10.281  5.300   1.00 0.83  ? 255 PRO A HD3  1 
ATOM 144  N N    . LEU A 1 10 ? -0.241  7.029   1.112   1.00 0.57  ? 256 LEU A N    1 
ATOM 145  C CA   . LEU A 1 10 ? 0.903   6.156   0.716   1.00 0.60  ? 256 LEU A CA   1 
ATOM 146  C C    . LEU A 1 10 ? 2.068   7.046   0.285   1.00 0.70  ? 256 LEU A C    1 
ATOM 147  O O    . LEU A 1 10 ? 3.203   6.831   0.662   1.00 0.87  ? 256 LEU A O    1 
ATOM 148  C CB   . LEU A 1 10 ? 0.513   5.242   -0.455  1.00 0.60  ? 256 LEU A CB   1 
ATOM 149  C CG   . LEU A 1 10 ? -0.510  4.191   -0.011  1.00 0.56  ? 256 LEU A CG   1 
ATOM 150  C CD1  . LEU A 1 10 ? -0.479  3.012   -0.985  1.00 0.45  ? 256 LEU A CD1  1 
ATOM 151  C CD2  . LEU A 1 10 ? -0.170  3.682   1.388   1.00 1.01  ? 256 LEU A CD2  1 
ATOM 152  H H    . LEU A 1 10 ? -1.094  6.985   0.627   1.00 0.56  ? 256 LEU A H    1 
ATOM 153  H HA   . LEU A 1 10 ? 1.204   5.557   1.560   1.00 0.60  ? 256 LEU A HA   1 
ATOM 154  H HB2  . LEU A 1 10 ? 0.087   5.838   -1.245  1.00 0.85  ? 256 LEU A HB2  1 
ATOM 155  H HB3  . LEU A 1 10 ? 1.396   4.740   -0.821  1.00 0.74  ? 256 LEU A HB3  1 
ATOM 156  H HG   . LEU A 1 10 ? -1.494  4.629   -0.013  1.00 0.94  ? 256 LEU A HG   1 
ATOM 157  H HD11 . LEU A 1 10 ? -1.482  2.637   -1.127  1.00 1.11  ? 256 LEU A HD11 1 
ATOM 158  H HD12 . LEU A 1 10 ? 0.144   2.230   -0.579  1.00 1.10  ? 256 LEU A HD12 1 
ATOM 159  H HD13 . LEU A 1 10 ? -0.079  3.338   -1.933  1.00 1.14  ? 256 LEU A HD13 1 
ATOM 160  H HD21 . LEU A 1 10 ? -0.679  4.284   2.126   1.00 1.58  ? 256 LEU A HD21 1 
ATOM 161  H HD22 . LEU A 1 10 ? 0.896   3.746   1.544   1.00 1.56  ? 256 LEU A HD22 1 
ATOM 162  H HD23 . LEU A 1 10 ? -0.484  2.654   1.482   1.00 1.48  ? 256 LEU A HD23 1 
ATOM 163  N N    . GLU A 1 11 ? 1.789   8.049   -0.501  1.00 0.66  ? 257 GLU A N    1 
ATOM 164  C CA   . GLU A 1 11 ? 2.868   8.965   -0.960  1.00 0.76  ? 257 GLU A CA   1 
ATOM 165  C C    . GLU A 1 11 ? 3.802   9.286   0.210   1.00 0.83  ? 257 GLU A C    1 
ATOM 166  O O    . GLU A 1 11 ? 4.965   9.585   0.025   1.00 1.23  ? 257 GLU A O    1 
ATOM 167  C CB   . GLU A 1 11 ? 2.244   10.262  -1.483  1.00 0.90  ? 257 GLU A CB   1 
ATOM 168  C CG   . GLU A 1 11 ? 3.352   11.234  -1.894  1.00 1.22  ? 257 GLU A CG   1 
ATOM 169  C CD   . GLU A 1 11 ? 2.998   12.642  -1.416  1.00 1.38  ? 257 GLU A CD   1 
ATOM 170  O OE1  . GLU A 1 11 ? 1.820   12.960  -1.391  1.00 1.73  ? 257 GLU A OE1  1 
ATOM 171  O OE2  . GLU A 1 11 ? 3.910   13.380  -1.083  1.00 2.04  ? 257 GLU A OE2  1 
ATOM 172  H H    . GLU A 1 11 ? 0.864   8.198   -0.790  1.00 0.63  ? 257 GLU A H    1 
ATOM 173  H HA   . GLU A 1 11 ? 3.429   8.493   -1.750  1.00 0.74  ? 257 GLU A HA   1 
ATOM 174  H HB2  . GLU A 1 11 ? 1.622   10.041  -2.337  1.00 1.29  ? 257 GLU A HB2  1 
ATOM 175  H HB3  . GLU A 1 11 ? 1.644   10.710  -0.706  1.00 1.15  ? 257 GLU A HB3  1 
ATOM 176  H HG2  . GLU A 1 11 ? 4.286   10.925  -1.449  1.00 1.64  ? 257 GLU A HG2  1 
ATOM 177  H HG3  . GLU A 1 11 ? 3.448   11.235  -2.969  1.00 1.76  ? 257 GLU A HG3  1 
ATOM 178  N N    . GLU A 1 12 ? 3.303   9.228   1.416   1.00 0.78  ? 258 GLU A N    1 
ATOM 179  C CA   . GLU A 1 12 ? 4.164   9.534   2.592   1.00 0.81  ? 258 GLU A CA   1 
ATOM 180  C C    . GLU A 1 12 ? 4.584   8.231   3.279   1.00 0.73  ? 258 GLU A C    1 
ATOM 181  O O    . GLU A 1 12 ? 5.632   8.155   3.891   1.00 0.85  ? 258 GLU A O    1 
ATOM 182  C CB   . GLU A 1 12 ? 3.387   10.404  3.581   1.00 0.92  ? 258 GLU A CB   1 
ATOM 183  C CG   . GLU A 1 12 ? 3.177   11.795  2.980   1.00 1.40  ? 258 GLU A CG   1 
ATOM 184  C CD   . GLU A 1 12 ? 2.612   12.732  4.048   1.00 1.84  ? 258 GLU A CD   1 
ATOM 185  O OE1  . GLU A 1 12 ? 1.985   12.238  4.971   1.00 2.47  ? 258 GLU A OE1  1 
ATOM 186  O OE2  . GLU A 1 12 ? 2.817   13.928  3.927   1.00 2.36  ? 258 GLU A OE2  1 
ATOM 187  H H    . GLU A 1 12 ? 2.362   8.988   1.546   1.00 0.98  ? 258 GLU A H    1 
ATOM 188  H HA   . GLU A 1 12 ? 5.045   10.064  2.262   1.00 0.91  ? 258 GLU A HA   1 
ATOM 189  H HB2  . GLU A 1 12 ? 2.427   9.949   3.784   1.00 1.16  ? 258 GLU A HB2  1 
ATOM 190  H HB3  . GLU A 1 12 ? 3.946   10.492  4.501   1.00 1.03  ? 258 GLU A HB3  1 
ATOM 191  H HG2  . GLU A 1 12 ? 4.121   12.179  2.624   1.00 1.99  ? 258 GLU A HG2  1 
ATOM 192  H HG3  . GLU A 1 12 ? 2.480   11.730  2.157   1.00 1.87  ? 258 GLU A HG3  1 
ATOM 193  N N    . LEU A 1 13 ? 3.777   7.207   3.186   1.00 0.62  ? 259 LEU A N    1 
ATOM 194  C CA   . LEU A 1 13 ? 4.133   5.911   3.835   1.00 0.68  ? 259 LEU A CA   1 
ATOM 195  C C    . LEU A 1 13 ? 5.619   5.619   3.614   1.00 0.76  ? 259 LEU A C    1 
ATOM 196  O O    . LEU A 1 13 ? 6.255   4.949   4.404   1.00 1.47  ? 259 LEU A O    1 
ATOM 197  C CB   . LEU A 1 13 ? 3.299   4.782   3.225   1.00 0.69  ? 259 LEU A CB   1 
ATOM 198  C CG   . LEU A 1 13 ? 2.206   4.363   4.208   1.00 1.03  ? 259 LEU A CG   1 
ATOM 199  C CD1  . LEU A 1 13 ? 1.173   5.485   4.328   1.00 1.98  ? 259 LEU A CD1  1 
ATOM 200  C CD2  . LEU A 1 13 ? 1.520   3.090   3.700   1.00 0.74  ? 259 LEU A CD2  1 
ATOM 201  H H    . LEU A 1 13 ? 2.934   7.291   2.690   1.00 0.60  ? 259 LEU A H    1 
ATOM 202  H HA   . LEU A 1 13 ? 3.933   5.973   4.895   1.00 0.84  ? 259 LEU A HA   1 
ATOM 203  H HB2  . LEU A 1 13 ? 2.849   5.126   2.306   1.00 1.23  ? 259 LEU A HB2  1 
ATOM 204  H HB3  . LEU A 1 13 ? 3.937   3.936   3.017   1.00 1.30  ? 259 LEU A HB3  1 
ATOM 205  H HG   . LEU A 1 13 ? 2.645   4.175   5.177   1.00 1.70  ? 259 LEU A HG   1 
ATOM 206  H HD11 . LEU A 1 13 ? 0.510   5.457   3.477   1.00 2.46  ? 259 LEU A HD11 1 
ATOM 207  H HD12 . LEU A 1 13 ? 1.679   6.439   4.357   1.00 2.46  ? 259 LEU A HD12 1 
ATOM 208  H HD13 . LEU A 1 13 ? 0.602   5.354   5.235   1.00 2.50  ? 259 LEU A HD13 1 
ATOM 209  H HD21 . LEU A 1 13 ? 1.666   2.293   4.413   1.00 1.32  ? 259 LEU A HD21 1 
ATOM 210  H HD22 . LEU A 1 13 ? 1.947   2.804   2.750   1.00 1.17  ? 259 LEU A HD22 1 
ATOM 211  H HD23 . LEU A 1 13 ? 0.464   3.274   3.578   1.00 1.19  ? 259 LEU A HD23 1 
ATOM 212  N N    . GLY A 1 14 ? 6.177   6.118   2.545   1.00 0.95  ? 260 GLY A N    1 
ATOM 213  C CA   . GLY A 1 14 ? 7.621   5.870   2.272   1.00 0.98  ? 260 GLY A CA   1 
ATOM 214  C C    . GLY A 1 14 ? 7.775   4.568   1.486   1.00 0.83  ? 260 GLY A C    1 
ATOM 215  O O    . GLY A 1 14 ? 8.855   4.026   1.368   1.00 0.98  ? 260 GLY A O    1 
ATOM 216  H H    . GLY A 1 14 ? 5.645   6.655   1.920   1.00 1.55  ? 260 GLY A H    1 
ATOM 217  H HA2  . GLY A 1 14 ? 8.023   6.691   1.696   1.00 1.05  ? 260 GLY A HA2  1 
ATOM 218  H HA3  . GLY A 1 14 ? 8.155   5.788   3.206   1.00 1.14  ? 260 GLY A HA3  1 
ATOM 219  N N    . LEU A 1 15 ? 6.700   4.061   0.947   1.00 0.74  ? 261 LEU A N    1 
ATOM 220  C CA   . LEU A 1 15 ? 6.784   2.795   0.167   1.00 0.72  ? 261 LEU A CA   1 
ATOM 221  C C    . LEU A 1 15 ? 7.696   3.002   -1.043  1.00 0.70  ? 261 LEU A C    1 
ATOM 222  O O    . LEU A 1 15 ? 8.127   4.102   -1.325  1.00 0.96  ? 261 LEU A O    1 
ATOM 223  C CB   . LEU A 1 15 ? 5.384   2.395   -0.307  1.00 0.74  ? 261 LEU A CB   1 
ATOM 224  C CG   . LEU A 1 15 ? 4.388   2.558   0.844   1.00 1.01  ? 261 LEU A CG   1 
ATOM 225  C CD1  . LEU A 1 15 ? 3.070   1.870   0.479   1.00 1.85  ? 261 LEU A CD1  1 
ATOM 226  C CD2  . LEU A 1 15 ? 4.960   1.917   2.111   1.00 1.11  ? 261 LEU A CD2  1 
ATOM 227  H H    . LEU A 1 15 ? 5.838   4.515   1.054   1.00 0.84  ? 261 LEU A H    1 
ATOM 228  H HA   . LEU A 1 15 ? 7.188   2.015   0.794   1.00 0.85  ? 261 LEU A HA   1 
ATOM 229  H HB2  . LEU A 1 15 ? 5.090   3.028   -1.132  1.00 0.89  ? 261 LEU A HB2  1 
ATOM 230  H HB3  . LEU A 1 15 ? 5.394   1.365   -0.629  1.00 0.79  ? 261 LEU A HB3  1 
ATOM 231  H HG   . LEU A 1 15 ? 4.207   3.608   1.018   1.00 1.70  ? 261 LEU A HG   1 
ATOM 232  H HD11 . LEU A 1 15 ? 3.200   1.302   -0.430  1.00 2.32  ? 261 LEU A HD11 1 
ATOM 233  H HD12 . LEU A 1 15 ? 2.304   2.617   0.331   1.00 2.41  ? 261 LEU A HD12 1 
ATOM 234  H HD13 . LEU A 1 15 ? 2.776   1.207   1.280   1.00 2.30  ? 261 LEU A HD13 1 
ATOM 235  H HD21 . LEU A 1 15 ? 5.313   2.690   2.777   1.00 1.68  ? 261 LEU A HD21 1 
ATOM 236  H HD22 . LEU A 1 15 ? 5.781   1.268   1.847   1.00 1.50  ? 261 LEU A HD22 1 
ATOM 237  H HD23 . LEU A 1 15 ? 4.190   1.341   2.603   1.00 1.53  ? 261 LEU A HD23 1 
ATOM 238  N N    . SER A 1 16 ? 7.996   1.954   -1.761  1.00 0.70  ? 262 SER A N    1 
ATOM 239  C CA   . SER A 1 16 ? 8.882   2.096   -2.951  1.00 0.70  ? 262 SER A CA   1 
ATOM 240  C C    . SER A 1 16 ? 8.355   3.218   -3.846  1.00 0.64  ? 262 SER A C    1 
ATOM 241  O O    . SER A 1 16 ? 7.168   3.473   -3.902  1.00 0.63  ? 262 SER A O    1 
ATOM 242  C CB   . SER A 1 16 ? 8.896   0.784   -3.735  1.00 0.74  ? 262 SER A CB   1 
ATOM 243  O OG   . SER A 1 16 ? 10.242  0.380   -3.949  1.00 1.36  ? 262 SER A OG   1 
ATOM 244  H H    . SER A 1 16 ? 7.639   1.075   -1.518  1.00 0.92  ? 262 SER A H    1 
ATOM 245  H HA   . SER A 1 16 ? 9.884   2.334   -2.628  1.00 0.78  ? 262 SER A HA   1 
ATOM 246  H HB2  . SER A 1 16 ? 8.382   0.021   -3.174  1.00 1.08  ? 262 SER A HB2  1 
ATOM 247  H HB3  . SER A 1 16 ? 8.398   0.928   -4.684  1.00 1.05  ? 262 SER A HB3  1 
ATOM 248  H HG   . SER A 1 16 ? 10.776  0.735   -3.234  1.00 1.81  ? 262 SER A HG   1 
ATOM 249  N N    . THR A 1 17 ? 9.225   3.892   -4.548  1.00 0.69  ? 263 THR A N    1 
ATOM 250  C CA   . THR A 1 17 ? 8.763   4.994   -5.437  1.00 0.69  ? 263 THR A CA   1 
ATOM 251  C C    . THR A 1 17 ? 7.727   4.448   -6.418  1.00 0.60  ? 263 THR A C    1 
ATOM 252  O O    . THR A 1 17 ? 6.676   5.027   -6.612  1.00 0.62  ? 263 THR A O    1 
ATOM 253  C CB   . THR A 1 17 ? 9.949   5.571   -6.217  1.00 0.86  ? 263 THR A CB   1 
ATOM 254  O OG1  . THR A 1 17 ? 11.103  4.772   -5.992  1.00 1.34  ? 263 THR A OG1  1 
ATOM 255  C CG2  . THR A 1 17 ? 10.218  7.003   -5.751  1.00 1.05  ? 263 THR A CG2  1 
ATOM 256  H H    . THR A 1 17 ? 10.177  3.671   -4.489  1.00 0.78  ? 263 THR A H    1 
ATOM 257  H HA   . THR A 1 17 ? 8.313   5.771   -4.839  1.00 0.70  ? 263 THR A HA   1 
ATOM 258  H HB   . THR A 1 17 ? 9.716   5.580   -7.270  1.00 1.17  ? 263 THR A HB   1 
ATOM 259  H HG1  . THR A 1 17 ? 11.866  5.354   -5.965  1.00 1.81  ? 263 THR A HG1  1 
ATOM 260  H HG21 . THR A 1 17 ? 9.293   7.560   -5.747  1.00 1.58  ? 263 THR A HG21 1 
ATOM 261  H HG22 . THR A 1 17 ? 10.920  7.474   -6.423  1.00 1.58  ? 263 THR A HG22 1 
ATOM 262  H HG23 . THR A 1 17 ? 10.632  6.985   -4.753  1.00 1.47  ? 263 THR A HG23 1 
ATOM 263  N N    . ARG A 1 18 ? 8.008   3.334   -7.035  1.00 0.60  ? 264 ARG A N    1 
ATOM 264  C CA   . ARG A 1 18 ? 7.032   2.753   -7.997  1.00 0.57  ? 264 ARG A CA   1 
ATOM 265  C C    . ARG A 1 18 ? 5.642   2.758   -7.360  1.00 0.49  ? 264 ARG A C    1 
ATOM 266  O O    . ARG A 1 18 ? 4.644   2.939   -8.026  1.00 0.53  ? 264 ARG A O    1 
ATOM 267  C CB   . ARG A 1 18 ? 7.437   1.315   -8.332  1.00 0.66  ? 264 ARG A CB   1 
ATOM 268  C CG   . ARG A 1 18 ? 8.913   1.281   -8.733  1.00 1.13  ? 264 ARG A CG   1 
ATOM 269  C CD   . ARG A 1 18 ? 9.030   0.942   -10.220 1.00 1.56  ? 264 ARG A CD   1 
ATOM 270  N NE   . ARG A 1 18 ? 10.386  0.387   -10.498 1.00 2.03  ? 264 ARG A NE   1 
ATOM 271  C CZ   . ARG A 1 18 ? 10.745  0.123   -11.724 1.00 2.48  ? 264 ARG A CZ   1 
ATOM 272  N NH1  . ARG A 1 18 ? 10.008  -0.659  -12.465 1.00 3.16  ? 264 ARG A NH1  1 
ATOM 273  N NH2  . ARG A 1 18 ? 11.839  0.642   -12.209 1.00 2.92  ? 264 ARG A NH2  1 
ATOM 274  H H    . ARG A 1 18 ? 8.859   2.879   -6.862  1.00 0.68  ? 264 ARG A H    1 
ATOM 275  H HA   . ARG A 1 18 ? 7.018   3.344   -8.900  1.00 0.60  ? 264 ARG A HA   1 
ATOM 276  H HB2  . ARG A 1 18 ? 7.284   0.687   -7.466  1.00 1.06  ? 264 ARG A HB2  1 
ATOM 277  H HB3  . ARG A 1 18 ? 6.835   0.953   -9.151  1.00 1.02  ? 264 ARG A HB3  1 
ATOM 278  H HG2  . ARG A 1 18 ? 9.359   2.247   -8.548  1.00 1.67  ? 264 ARG A HG2  1 
ATOM 279  H HG3  . ARG A 1 18 ? 9.427   0.529   -8.153  1.00 1.63  ? 264 ARG A HG3  1 
ATOM 280  H HD2  . ARG A 1 18 ? 8.282   0.209   -10.483 1.00 1.95  ? 264 ARG A HD2  1 
ATOM 281  H HD3  . ARG A 1 18 ? 8.881   1.836   -10.806 1.00 2.17  ? 264 ARG A HD3  1 
ATOM 282  H HE   . ARG A 1 18 ? 11.008  0.221   -9.759  1.00 2.55  ? 264 ARG A HE   1 
ATOM 283  H HH11 . ARG A 1 18 ? 9.169   -1.056  -12.093 1.00 3.40  ? 264 ARG A HH11 1 
ATOM 284  H HH12 . ARG A 1 18 ? 10.282  -0.861  -13.405 1.00 3.76  ? 264 ARG A HH12 1 
ATOM 285  H HH21 . ARG A 1 18 ? 12.403  1.241   -11.642 1.00 3.01  ? 264 ARG A HH21 1 
ATOM 286  H HH22 . ARG A 1 18 ? 12.114  0.439   -13.150 1.00 3.53  ? 264 ARG A HH22 1 
ATOM 287  N N    . VAL A 1 19 ? 5.572   2.566   -6.071  1.00 0.44  ? 265 VAL A N    1 
ATOM 288  C CA   . VAL A 1 19 ? 4.248   2.563   -5.389  1.00 0.38  ? 265 VAL A CA   1 
ATOM 289  C C    . VAL A 1 19 ? 3.677   3.980   -5.383  1.00 0.41  ? 265 VAL A C    1 
ATOM 290  O O    . VAL A 1 19 ? 2.585   4.221   -5.851  1.00 0.40  ? 265 VAL A O    1 
ATOM 291  C CB   . VAL A 1 19 ? 4.416   2.084   -3.946  1.00 0.39  ? 265 VAL A CB   1 
ATOM 292  C CG1  . VAL A 1 19 ? 3.043   1.774   -3.344  1.00 0.41  ? 265 VAL A CG1  1 
ATOM 293  C CG2  . VAL A 1 19 ? 5.282   0.824   -3.926  1.00 0.40  ? 265 VAL A CG2  1 
ATOM 294  H H    . VAL A 1 19 ? 6.391   2.424   -5.551  1.00 0.48  ? 265 VAL A H    1 
ATOM 295  H HA   . VAL A 1 19 ? 3.573   1.904   -5.912  1.00 0.37  ? 265 VAL A HA   1 
ATOM 296  H HB   . VAL A 1 19 ? 4.893   2.860   -3.365  1.00 0.45  ? 265 VAL A HB   1 
ATOM 297  H HG11 . VAL A 1 19 ? 2.275   2.261   -3.927  1.00 0.97  ? 265 VAL A HG11 1 
ATOM 298  H HG12 . VAL A 1 19 ? 3.005   2.137   -2.326  1.00 1.21  ? 265 VAL A HG12 1 
ATOM 299  H HG13 . VAL A 1 19 ? 2.877   0.707   -3.352  1.00 1.09  ? 265 VAL A HG13 1 
ATOM 300  H HG21 . VAL A 1 19 ? 4.652   -0.044  -3.808  1.00 1.03  ? 265 VAL A HG21 1 
ATOM 301  H HG22 . VAL A 1 19 ? 5.978   0.880   -3.102  1.00 1.10  ? 265 VAL A HG22 1 
ATOM 302  H HG23 . VAL A 1 19 ? 5.830   0.748   -4.855  1.00 1.05  ? 265 VAL A HG23 1 
ATOM 303  N N    . LEU A 1 20 ? 4.409   4.918   -4.848  1.00 0.47  ? 266 LEU A N    1 
ATOM 304  C CA   . LEU A 1 20 ? 3.917   6.324   -4.793  1.00 0.52  ? 266 LEU A CA   1 
ATOM 305  C C    . LEU A 1 20 ? 3.178   6.678   -6.086  1.00 0.51  ? 266 LEU A C    1 
ATOM 306  O O    . LEU A 1 20 ? 1.991   6.942   -6.083  1.00 0.50  ? 266 LEU A O    1 
ATOM 307  C CB   . LEU A 1 20 ? 5.111   7.267   -4.622  1.00 0.60  ? 266 LEU A CB   1 
ATOM 308  C CG   . LEU A 1 20 ? 5.282   7.613   -3.142  1.00 0.73  ? 266 LEU A CG   1 
ATOM 309  C CD1  . LEU A 1 20 ? 6.596   7.024   -2.625  1.00 0.82  ? 266 LEU A CD1  1 
ATOM 310  C CD2  . LEU A 1 20 ? 5.308   9.134   -2.977  1.00 1.05  ? 266 LEU A CD2  1 
ATOM 311  H H    . LEU A 1 20 ? 5.287   4.694   -4.473  1.00 0.49  ? 266 LEU A H    1 
ATOM 312  H HA   . LEU A 1 20 ? 3.249   6.438   -3.957  1.00 0.52  ? 266 LEU A HA   1 
ATOM 313  H HB2  . LEU A 1 20 ? 6.006   6.783   -4.985  1.00 0.59  ? 266 LEU A HB2  1 
ATOM 314  H HB3  . LEU A 1 20 ? 4.937   8.172   -5.183  1.00 0.78  ? 266 LEU A HB3  1 
ATOM 315  H HG   . LEU A 1 20 ? 4.457   7.201   -2.579  1.00 1.05  ? 266 LEU A HG   1 
ATOM 316  H HD11 . LEU A 1 20 ? 6.718   6.023   -3.010  1.00 1.42  ? 266 LEU A HD11 1 
ATOM 317  H HD12 . LEU A 1 20 ? 6.575   6.993   -1.545  1.00 1.36  ? 266 LEU A HD12 1 
ATOM 318  H HD13 . LEU A 1 20 ? 7.420   7.639   -2.951  1.00 1.24  ? 266 LEU A HD13 1 
ATOM 319  H HD21 . LEU A 1 20 ? 5.601   9.382   -1.968  1.00 1.49  ? 266 LEU A HD21 1 
ATOM 320  H HD22 . LEU A 1 20 ? 4.325   9.534   -3.176  1.00 1.59  ? 266 LEU A HD22 1 
ATOM 321  H HD23 . LEU A 1 20 ? 6.017   9.559   -3.673  1.00 1.51  ? 266 LEU A HD23 1 
ATOM 322  N N    . HIS A 1 21 ? 3.874   6.695   -7.182  1.00 0.55  ? 267 HIS A N    1 
ATOM 323  C CA   . HIS A 1 21 ? 3.229   7.046   -8.478  1.00 0.57  ? 267 HIS A CA   1 
ATOM 324  C C    . HIS A 1 21 ? 2.084   6.075   -8.796  1.00 0.49  ? 267 HIS A C    1 
ATOM 325  O O    . HIS A 1 21 ? 0.926   6.453   -8.807  1.00 0.46  ? 267 HIS A O    1 
ATOM 326  C CB   . HIS A 1 21 ? 4.273   6.981   -9.595  1.00 0.67  ? 267 HIS A CB   1 
ATOM 327  C CG   . HIS A 1 21 ? 4.072   8.134   -10.539 1.00 1.15  ? 267 HIS A CG   1 
ATOM 328  N ND1  . HIS A 1 21 ? 3.175   8.078   -11.594 1.00 1.85  ? 267 HIS A ND1  1 
ATOM 329  C CD2  . HIS A 1 21 ? 4.644   9.381   -10.599 1.00 1.79  ? 267 HIS A CD2  1 
ATOM 330  C CE1  . HIS A 1 21 ? 3.233   9.258   -12.238 1.00 2.18  ? 267 HIS A CE1  1 
ATOM 331  N NE2  . HIS A 1 21 ? 4.114   10.089  -11.673 1.00 2.15  ? 267 HIS A NE2  1 
ATOM 332  H H    . HIS A 1 21 ? 4.831   6.486   -7.152  1.00 0.57  ? 267 HIS A H    1 
ATOM 333  H HA   . HIS A 1 21 ? 2.837   8.050   -8.420  1.00 0.62  ? 267 HIS A HA   1 
ATOM 334  H HB2  . HIS A 1 21 ? 5.263   7.034   -9.166  1.00 0.75  ? 267 HIS A HB2  1 
ATOM 335  H HB3  . HIS A 1 21 ? 4.165   6.051   -10.135 1.00 0.83  ? 267 HIS A HB3  1 
ATOM 336  H HD1  . HIS A 1 21 ? 2.603   7.318   -11.828 1.00 2.41  ? 267 HIS A HD1  1 
ATOM 337  H HD2  . HIS A 1 21 ? 5.394   9.754   -9.916  1.00 2.41  ? 267 HIS A HD2  1 
ATOM 338  H HE1  . HIS A 1 21 ? 2.641   9.505   -13.107 1.00 2.82  ? 267 HIS A HE1  1 
ATOM 339  N N    . SER A 1 22 ? 2.397   4.837   -9.080  1.00 0.47  ? 268 SER A N    1 
ATOM 340  C CA   . SER A 1 22 ? 1.323   3.860   -9.427  1.00 0.44  ? 268 SER A CA   1 
ATOM 341  C C    . SER A 1 22 ? 0.229   3.857   -8.364  1.00 0.36  ? 268 SER A C    1 
ATOM 342  O O    . SER A 1 22 ? -0.860  4.295   -8.613  1.00 0.37  ? 268 SER A O    1 
ATOM 343  C CB   . SER A 1 22 ? 1.896   2.453   -9.548  1.00 0.47  ? 268 SER A CB   1 
ATOM 344  O OG   . SER A 1 22 ? 3.280   2.529   -9.862  1.00 0.59  ? 268 SER A OG   1 
ATOM 345  H H    . SER A 1 22 ? 3.336   4.556   -9.084  1.00 0.51  ? 268 SER A H    1 
ATOM 346  H HA   . SER A 1 22 ? 0.888   4.143   -10.374 1.00 0.47  ? 268 SER A HA   1 
ATOM 347  H HB2  . SER A 1 22 ? 1.767   1.931   -8.616  1.00 0.53  ? 268 SER A HB2  1 
ATOM 348  H HB3  . SER A 1 22 ? 1.365   1.922   -10.330 1.00 0.47  ? 268 SER A HB3  1 
ATOM 349  H HG   . SER A 1 22 ? 3.463   1.893   -10.557 1.00 1.09  ? 268 SER A HG   1 
ATOM 350  N N    . LEU A 1 23 ? 0.495   3.350   -7.190  1.00 0.33  ? 269 LEU A N    1 
ATOM 351  C CA   . LEU A 1 23 ? -0.572  3.316   -6.143  1.00 0.31  ? 269 LEU A CA   1 
ATOM 352  C C    . LEU A 1 23 ? -1.325  4.644   -6.118  1.00 0.33  ? 269 LEU A C    1 
ATOM 353  O O    . LEU A 1 23 ? -2.534  4.681   -6.233  1.00 0.36  ? 269 LEU A O    1 
ATOM 354  C CB   . LEU A 1 23 ? 0.044   3.056   -4.764  1.00 0.32  ? 269 LEU A CB   1 
ATOM 355  C CG   . LEU A 1 23 ? 0.045   1.554   -4.480  1.00 0.33  ? 269 LEU A CG   1 
ATOM 356  C CD1  . LEU A 1 23 ? -1.386  1.018   -4.556  1.00 0.38  ? 269 LEU A CD1  1 
ATOM 357  C CD2  . LEU A 1 23 ? 0.911   0.839   -5.519  1.00 0.38  ? 269 LEU A CD2  1 
ATOM 358  H H    . LEU A 1 23 ? 1.383   2.981   -7.001  1.00 0.34  ? 269 LEU A H    1 
ATOM 359  H HA   . LEU A 1 23 ? -1.269  2.524   -6.376  1.00 0.33  ? 269 LEU A HA   1 
ATOM 360  H HB2  . LEU A 1 23 ? 1.056   3.428   -4.743  1.00 0.34  ? 269 LEU A HB2  1 
ATOM 361  H HB3  . LEU A 1 23 ? -0.539  3.562   -4.009  1.00 0.34  ? 269 LEU A HB3  1 
ATOM 362  H HG   . LEU A 1 23 ? 0.443   1.375   -3.491  1.00 0.37  ? 269 LEU A HG   1 
ATOM 363  H HD11 . LEU A 1 23 ? -1.668  0.603   -3.599  1.00 1.01  ? 269 LEU A HD11 1 
ATOM 364  H HD12 . LEU A 1 23 ? -1.444  0.250   -5.313  1.00 1.00  ? 269 LEU A HD12 1 
ATOM 365  H HD13 . LEU A 1 23 ? -2.060  1.824   -4.809  1.00 1.10  ? 269 LEU A HD13 1 
ATOM 366  H HD21 . LEU A 1 23 ? 0.841   -0.229  -5.372  1.00 1.01  ? 269 LEU A HD21 1 
ATOM 367  H HD22 . LEU A 1 23 ? 1.938   1.152   -5.408  1.00 0.97  ? 269 LEU A HD22 1 
ATOM 368  H HD23 . LEU A 1 23 ? 0.562   1.090   -6.510  1.00 1.16  ? 269 LEU A HD23 1 
ATOM 369  N N    . LYS A 1 24 ? -0.630  5.735   -5.964  1.00 0.33  ? 270 LYS A N    1 
ATOM 370  C CA   . LYS A 1 24 ? -1.327  7.050   -5.929  1.00 0.38  ? 270 LYS A CA   1 
ATOM 371  C C    . LYS A 1 24 ? -2.306  7.142   -7.102  1.00 0.40  ? 270 LYS A C    1 
ATOM 372  O O    . LYS A 1 24 ? -3.507  6.983   -6.939  1.00 0.42  ? 270 LYS A O    1 
ATOM 373  C CB   . LYS A 1 24 ? -0.298  8.177   -6.040  1.00 0.42  ? 270 LYS A CB   1 
ATOM 374  C CG   . LYS A 1 24 ? -1.021  9.509   -6.246  1.00 0.52  ? 270 LYS A CG   1 
ATOM 375  C CD   . LYS A 1 24 ? -0.005  10.653  -6.214  1.00 0.88  ? 270 LYS A CD   1 
ATOM 376  C CE   . LYS A 1 24 ? -0.712  11.972  -6.539  1.00 1.40  ? 270 LYS A CE   1 
ATOM 377  N NZ   . LYS A 1 24 ? 0.169   12.807  -7.404  1.00 1.90  ? 270 LYS A NZ   1 
ATOM 378  H H    . LYS A 1 24 ? 0.345   5.692   -5.870  1.00 0.33  ? 270 LYS A H    1 
ATOM 379  H HA   . LYS A 1 24 ? -1.867  7.147   -5.001  1.00 0.41  ? 270 LYS A HA   1 
ATOM 380  H HB2  . LYS A 1 24 ? 0.288   8.220   -5.132  1.00 0.44  ? 270 LYS A HB2  1 
ATOM 381  H HB3  . LYS A 1 24 ? 0.354   7.990   -6.880  1.00 0.44  ? 270 LYS A HB3  1 
ATOM 382  H HG2  . LYS A 1 24 ? -1.524  9.501   -7.203  1.00 0.87  ? 270 LYS A HG2  1 
ATOM 383  H HG3  . LYS A 1 24 ? -1.745  9.652   -5.459  1.00 0.66  ? 270 LYS A HG3  1 
ATOM 384  H HD2  . LYS A 1 24 ? 0.436   10.714  -5.230  1.00 1.24  ? 270 LYS A HD2  1 
ATOM 385  H HD3  . LYS A 1 24 ? 0.767   10.471  -6.945  1.00 1.53  ? 270 LYS A HD3  1 
ATOM 386  H HE2  . LYS A 1 24 ? -1.636  11.766  -7.058  1.00 2.05  ? 270 LYS A HE2  1 
ATOM 387  H HE3  . LYS A 1 24 ? -0.923  12.502  -5.622  1.00 1.85  ? 270 LYS A HE3  1 
ATOM 388  H HZ1  . LYS A 1 24 ? 0.785   13.394  -6.809  1.00 2.28  ? 270 LYS A HZ1  1 
ATOM 389  H HZ2  . LYS A 1 24 ? -0.419  13.419  -8.007  1.00 2.42  ? 270 LYS A HZ2  1 
ATOM 390  H HZ3  . LYS A 1 24 ? 0.754   12.191  -8.002  1.00 2.24  ? 270 LYS A HZ3  1 
ATOM 391  N N    . GLU A 1 25 ? -1.795  7.396   -8.283  1.00 0.41  ? 271 GLU A N    1 
ATOM 392  C CA   . GLU A 1 25 ? -2.666  7.520   -9.491  1.00 0.45  ? 271 GLU A CA   1 
ATOM 393  C C    . GLU A 1 25 ? -3.400  6.207   -9.795  1.00 0.45  ? 271 GLU A C    1 
ATOM 394  O O    . GLU A 1 25 ? -4.167  6.129   -10.734 1.00 0.50  ? 271 GLU A O    1 
ATOM 395  C CB   . GLU A 1 25 ? -1.801  7.901   -10.695 1.00 0.50  ? 271 GLU A CB   1 
ATOM 396  C CG   . GLU A 1 25 ? -2.036  9.372   -11.048 1.00 0.97  ? 271 GLU A CG   1 
ATOM 397  C CD   . GLU A 1 25 ? -1.087  9.785   -12.173 1.00 1.55  ? 271 GLU A CD   1 
ATOM 398  O OE1  . GLU A 1 25 ? 0.049   9.338   -12.158 1.00 2.23  ? 271 GLU A OE1  1 
ATOM 399  O OE2  . GLU A 1 25 ? -1.510  10.543  -13.031 1.00 2.21  ? 271 GLU A OE2  1 
ATOM 400  H H    . GLU A 1 25 ? -0.825  7.513   -8.374  1.00 0.42  ? 271 GLU A H    1 
ATOM 401  H HA   . GLU A 1 25 ? -3.390  8.299   -9.320  1.00 0.49  ? 271 GLU A HA   1 
ATOM 402  H HB2  . GLU A 1 25 ? -0.760  7.751   -10.452 1.00 0.78  ? 271 GLU A HB2  1 
ATOM 403  H HB3  . GLU A 1 25 ? -2.067  7.283   -11.539 1.00 0.72  ? 271 GLU A HB3  1 
ATOM 404  H HG2  . GLU A 1 25 ? -3.059  9.504   -11.371 1.00 1.49  ? 271 GLU A HG2  1 
ATOM 405  H HG3  . GLU A 1 25 ? -1.851  9.985   -10.179 1.00 1.65  ? 271 GLU A HG3  1 
ATOM 406  N N    . GLU A 1 26 ? -3.196  5.182   -9.015  1.00 0.41  ? 272 GLU A N    1 
ATOM 407  C CA   . GLU A 1 26 ? -3.904  3.905   -9.273  1.00 0.46  ? 272 GLU A CA   1 
ATOM 408  C C    . GLU A 1 26 ? -5.191  3.917   -8.456  1.00 0.49  ? 272 GLU A C    1 
ATOM 409  O O    . GLU A 1 26 ? -5.756  2.888   -8.141  1.00 0.54  ? 272 GLU A O    1 
ATOM 410  C CB   . GLU A 1 26 ? -3.027  2.731   -8.830  1.00 0.46  ? 272 GLU A CB   1 
ATOM 411  C CG   . GLU A 1 26 ? -3.735  1.412   -9.152  1.00 0.93  ? 272 GLU A CG   1 
ATOM 412  C CD   . GLU A 1 26 ? -2.985  0.686   -10.271 1.00 1.10  ? 272 GLU A CD   1 
ATOM 413  O OE1  . GLU A 1 26 ? -1.861  1.068   -10.551 1.00 1.88  ? 272 GLU A OE1  1 
ATOM 414  O OE2  . GLU A 1 26 ? -3.549  -0.241  -10.830 1.00 1.55  ? 272 GLU A OE2  1 
ATOM 415  H H    . GLU A 1 26 ? -2.590  5.251   -8.253  1.00 0.38  ? 272 GLU A H    1 
ATOM 416  H HA   . GLU A 1 26 ? -4.125  3.815   -10.325 1.00 0.50  ? 272 GLU A HA   1 
ATOM 417  H HB2  . GLU A 1 26 ? -2.083  2.770   -9.352  1.00 0.81  ? 272 GLU A HB2  1 
ATOM 418  H HB3  . GLU A 1 26 ? -2.853  2.793   -7.766  1.00 0.76  ? 272 GLU A HB3  1 
ATOM 419  H HG2  . GLU A 1 26 ? -3.756  0.791   -8.269  1.00 1.63  ? 272 GLU A HG2  1 
ATOM 420  H HG3  . GLU A 1 26 ? -4.745  1.616   -9.474  1.00 1.72  ? 272 GLU A HG3  1 
ATOM 421  N N    . GLY A 1 27 ? -5.637  5.086   -8.077  1.00 0.49  ? 273 GLY A N    1 
ATOM 422  C CA   . GLY A 1 27 ? -6.859  5.181   -7.242  1.00 0.56  ? 273 GLY A CA   1 
ATOM 423  C C    . GLY A 1 27 ? -6.470  4.757   -5.834  1.00 0.53  ? 273 GLY A C    1 
ATOM 424  O O    . GLY A 1 27 ? -7.283  4.292   -5.059  1.00 0.58  ? 273 GLY A O    1 
ATOM 425  H H    . GLY A 1 27 ? -5.150  5.898   -8.315  1.00 0.47  ? 273 GLY A H    1 
ATOM 426  H HA2  . GLY A 1 27 ? -7.223  6.199   -7.237  1.00 0.58  ? 273 GLY A HA2  1 
ATOM 427  H HA3  . GLY A 1 27 ? -7.620  4.517   -7.622  1.00 0.62  ? 273 GLY A HA3  1 
ATOM 428  N N    . ILE A 1 28 ? -5.211  4.899   -5.506  1.00 0.46  ? 274 ILE A N    1 
ATOM 429  C CA   . ILE A 1 28 ? -4.748  4.489   -4.160  1.00 0.44  ? 274 ILE A CA   1 
ATOM 430  C C    . ILE A 1 28 ? -3.707  5.483   -3.640  1.00 0.40  ? 274 ILE A C    1 
ATOM 431  O O    . ILE A 1 28 ? -2.553  5.435   -4.010  1.00 0.41  ? 274 ILE A O    1 
ATOM 432  C CB   . ILE A 1 28 ? -4.138  3.085   -4.251  1.00 0.44  ? 274 ILE A CB   1 
ATOM 433  C CG1  . ILE A 1 28 ? -5.261  2.046   -4.284  1.00 0.58  ? 274 ILE A CG1  1 
ATOM 434  C CG2  . ILE A 1 28 ? -3.238  2.819   -3.043  1.00 0.41  ? 274 ILE A CG2  1 
ATOM 435  C CD1  . ILE A 1 28 ? -5.237  1.308   -5.624  1.00 0.98  ? 274 ILE A CD1  1 
ATOM 436  H H    . ILE A 1 28 ? -4.572  5.270   -6.150  1.00 0.43  ? 274 ILE A H    1 
ATOM 437  H HA   . ILE A 1 28 ? -5.589  4.470   -3.495  1.00 0.49  ? 274 ILE A HA   1 
ATOM 438  H HB   . ILE A 1 28 ? -3.551  3.008   -5.157  1.00 0.42  ? 274 ILE A HB   1 
ATOM 439  H HG12 . ILE A 1 28 ? -5.120  1.338   -3.479  1.00 1.11  ? 274 ILE A HG12 1 
ATOM 440  H HG13 . ILE A 1 28 ? -6.213  2.541   -4.165  1.00 1.02  ? 274 ILE A HG13 1 
ATOM 441  H HG21 . ILE A 1 28 ? -3.525  3.469   -2.230  1.00 0.99  ? 274 ILE A HG21 1 
ATOM 442  H HG22 . ILE A 1 28 ? -2.209  3.010   -3.310  1.00 1.01  ? 274 ILE A HG22 1 
ATOM 443  H HG23 . ILE A 1 28 ? -3.344  1.789   -2.735  1.00 1.14  ? 274 ILE A HG23 1 
ATOM 444  H HD11 . ILE A 1 28 ? -6.234  0.972   -5.868  1.00 1.52  ? 274 ILE A HD11 1 
ATOM 445  H HD12 . ILE A 1 28 ? -4.577  0.456   -5.553  1.00 1.71  ? 274 ILE A HD12 1 
ATOM 446  H HD13 . ILE A 1 28 ? -4.883  1.976   -6.396  1.00 1.44  ? 274 ILE A HD13 1 
ATOM 447  N N    . GLU A 1 29 ? -4.100  6.375   -2.775  1.00 0.42  ? 275 GLU A N    1 
ATOM 448  C CA   . GLU A 1 29 ? -3.123  7.355   -2.231  1.00 0.43  ? 275 GLU A CA   1 
ATOM 449  C C    . GLU A 1 29 ? -3.056  7.209   -0.707  1.00 0.46  ? 275 GLU A C    1 
ATOM 450  O O    . GLU A 1 29 ? -2.730  8.142   -0.004  1.00 0.51  ? 275 GLU A O    1 
ATOM 451  C CB   . GLU A 1 29 ? -3.561  8.779   -2.602  1.00 0.49  ? 275 GLU A CB   1 
ATOM 452  C CG   . GLU A 1 29 ? -4.630  9.270   -1.622  1.00 0.57  ? 275 GLU A CG   1 
ATOM 453  C CD   . GLU A 1 29 ? -5.754  9.965   -2.394  1.00 0.69  ? 275 GLU A CD   1 
ATOM 454  O OE1  . GLU A 1 29 ? -6.545  9.267   -3.006  1.00 1.34  ? 275 GLU A OE1  1 
ATOM 455  O OE2  . GLU A 1 29 ? -5.802  11.183  -2.361  1.00 1.26  ? 275 GLU A OE2  1 
ATOM 456  H H    . GLU A 1 29 ? -5.034  6.394   -2.478  1.00 0.49  ? 275 GLU A H    1 
ATOM 457  H HA   . GLU A 1 29 ? -2.147  7.159   -2.652  1.00 0.40  ? 275 GLU A HA   1 
ATOM 458  H HB2  . GLU A 1 29 ? -2.706  9.438   -2.561  1.00 0.50  ? 275 GLU A HB2  1 
ATOM 459  H HB3  . GLU A 1 29 ? -3.967  8.779   -3.602  1.00 0.50  ? 275 GLU A HB3  1 
ATOM 460  H HG2  . GLU A 1 29 ? -5.032  8.427   -1.077  1.00 0.58  ? 275 GLU A HG2  1 
ATOM 461  H HG3  . GLU A 1 29 ? -4.186  9.968   -0.927  1.00 0.62  ? 275 GLU A HG3  1 
ATOM 462  N N    . SER A 1 30 ? -3.371  6.050   -0.196  1.00 0.47  ? 276 SER A N    1 
ATOM 463  C CA   . SER A 1 30 ? -3.332  5.853   1.282   1.00 0.52  ? 276 SER A CA   1 
ATOM 464  C C    . SER A 1 30 ? -3.123  4.378   1.603   1.00 0.48  ? 276 SER A C    1 
ATOM 465  O O    . SER A 1 30 ? -3.229  3.517   0.750   1.00 0.49  ? 276 SER A O    1 
ATOM 466  C CB   . SER A 1 30 ? -4.650  6.327   1.896   1.00 0.60  ? 276 SER A CB   1 
ATOM 467  O OG   . SER A 1 30 ? -4.711  7.746   1.836   1.00 1.46  ? 276 SER A OG   1 
ATOM 468  H H    . SER A 1 30 ? -3.638  5.311   -0.782  1.00 0.45  ? 276 SER A H    1 
ATOM 469  H HA   . SER A 1 30 ? -2.515  6.418   1.704   1.00 0.56  ? 276 SER A HA   1 
ATOM 470  H HB2  . SER A 1 30 ? -5.476  5.913   1.344   1.00 1.06  ? 276 SER A HB2  1 
ATOM 471  H HB3  . SER A 1 30 ? -4.706  5.997   2.925   1.00 1.06  ? 276 SER A HB3  1 
ATOM 472  H HG   . SER A 1 30 ? -5.494  7.989   1.335   1.00 1.88  ? 276 SER A HG   1 
ATOM 473  N N    . VAL A 1 31 ? -2.822  4.087   2.832   1.00 0.54  ? 277 VAL A N    1 
ATOM 474  C CA   . VAL A 1 31 ? -2.596  2.688   3.228   1.00 0.54  ? 277 VAL A CA   1 
ATOM 475  C C    . VAL A 1 31 ? -3.940  1.966   3.252   1.00 0.55  ? 277 VAL A C    1 
ATOM 476  O O    . VAL A 1 31 ? -4.012  0.762   3.108   1.00 0.61  ? 277 VAL A O    1 
ATOM 477  C CB   . VAL A 1 31 ? -1.937  2.641   4.607   1.00 0.60  ? 277 VAL A CB   1 
ATOM 478  C CG1  . VAL A 1 31 ? -0.863  1.565   4.589   1.00 0.97  ? 277 VAL A CG1  1 
ATOM 479  C CG2  . VAL A 1 31 ? -1.273  3.981   4.948   1.00 0.86  ? 277 VAL A CG2  1 
ATOM 480  H H    . VAL A 1 31 ? -2.747  4.790   3.497   1.00 0.64  ? 277 VAL A H    1 
ATOM 481  H HA   . VAL A 1 31 ? -1.950  2.210   2.507   1.00 0.51  ? 277 VAL A HA   1 
ATOM 482  H HB   . VAL A 1 31 ? -2.683  2.414   5.348   1.00 1.03  ? 277 VAL A HB   1 
ATOM 483  H HG11 . VAL A 1 31 ? -1.314  0.603   4.764   1.00 1.42  ? 277 VAL A HG11 1 
ATOM 484  H HG12 . VAL A 1 31 ? -0.133  1.774   5.355   1.00 1.56  ? 277 VAL A HG12 1 
ATOM 485  H HG13 . VAL A 1 31 ? -0.379  1.567   3.620   1.00 1.55  ? 277 VAL A HG13 1 
ATOM 486  H HG21 . VAL A 1 31 ? -1.970  4.601   5.491   1.00 1.41  ? 277 VAL A HG21 1 
ATOM 487  H HG22 . VAL A 1 31 ? -0.982  4.480   4.036   1.00 1.41  ? 277 VAL A HG22 1 
ATOM 488  H HG23 . VAL A 1 31 ? -0.398  3.805   5.557   1.00 1.44  ? 277 VAL A HG23 1 
ATOM 489  N N    . ARG A 1 32 ? -5.009  2.699   3.402   1.00 0.59  ? 278 ARG A N    1 
ATOM 490  C CA   . ARG A 1 32 ? -6.348  2.055   3.396   1.00 0.64  ? 278 ARG A CA   1 
ATOM 491  C C    . ARG A 1 32 ? -6.560  1.445   2.014   1.00 0.58  ? 278 ARG A C    1 
ATOM 492  O O    . ARG A 1 32 ? -6.912  0.289   1.875   1.00 0.62  ? 278 ARG A O    1 
ATOM 493  C CB   . ARG A 1 32 ? -7.427  3.103   3.673   1.00 0.72  ? 278 ARG A CB   1 
ATOM 494  C CG   . ARG A 1 32 ? -8.802  2.432   3.680   1.00 1.00  ? 278 ARG A CG   1 
ATOM 495  C CD   . ARG A 1 32 ? -9.678  3.075   4.757   1.00 1.58  ? 278 ARG A CD   1 
ATOM 496  N NE   . ARG A 1 32 ? -10.817 2.170   5.076   1.00 2.24  ? 278 ARG A NE   1 
ATOM 497  C CZ   . ARG A 1 32 ? -11.881 2.643   5.666   1.00 2.64  ? 278 ARG A CZ   1 
ATOM 498  N NH1  . ARG A 1 32 ? -11.769 3.608   6.538   1.00 3.21  ? 278 ARG A NH1  1 
ATOM 499  N NH2  . ARG A 1 32 ? -13.058 2.152   5.384   1.00 3.07  ? 278 ARG A NH2  1 
ATOM 500  H H    . ARG A 1 32 ? -4.932  3.671   3.494   1.00 0.65  ? 278 ARG A H    1 
ATOM 501  H HA   . ARG A 1 32 ? -6.385  1.279   4.148   1.00 0.69  ? 278 ARG A HA   1 
ATOM 502  H HB2  . ARG A 1 32 ? -7.245  3.562   4.634   1.00 0.94  ? 278 ARG A HB2  1 
ATOM 503  H HB3  . ARG A 1 32 ? -7.402  3.859   2.903   1.00 0.88  ? 278 ARG A HB3  1 
ATOM 504  H HG2  . ARG A 1 32 ? -9.269  2.557   2.714   1.00 1.46  ? 278 ARG A HG2  1 
ATOM 505  H HG3  . ARG A 1 32 ? -8.689  1.380   3.892   1.00 1.52  ? 278 ARG A HG3  1 
ATOM 506  H HD2  . ARG A 1 32 ? -9.090  3.242   5.647   1.00 2.19  ? 278 ARG A HD2  1 
ATOM 507  H HD3  . ARG A 1 32 ? -10.059 4.019   4.395   1.00 1.92  ? 278 ARG A HD3  1 
ATOM 508  H HE   . ARG A 1 32 ? -10.768 1.219   4.844   1.00 2.79  ? 278 ARG A HE   1 
ATOM 509  H HH11 . ARG A 1 32 ? -10.869 3.984   6.754   1.00 3.44  ? 278 ARG A HH11 1 
ATOM 510  H HH12 . ARG A 1 32 ? -12.584 3.970   6.989   1.00 3.71  ? 278 ARG A HH12 1 
ATOM 511  H HH21 . ARG A 1 32 ? -13.143 1.412   4.717   1.00 3.24  ? 278 ARG A HH21 1 
ATOM 512  H HH22 . ARG A 1 32 ? -13.872 2.514   5.837   1.00 3.57  ? 278 ARG A HH22 1 
ATOM 513  N N    . ALA A 1 33 ? -6.312  2.209   0.983   1.00 0.53  ? 279 ALA A N    1 
ATOM 514  C CA   . ALA A 1 33 ? -6.460  1.671   -0.391  1.00 0.50  ? 279 ALA A CA   1 
ATOM 515  C C    . ALA A 1 33 ? -5.435  0.554   -0.565  1.00 0.46  ? 279 ALA A C    1 
ATOM 516  O O    . ALA A 1 33 ? -5.739  -0.517  -1.052  1.00 0.48  ? 279 ALA A O    1 
ATOM 517  C CB   . ALA A 1 33 ? -6.198  2.779   -1.413  1.00 0.48  ? 279 ALA A CB   1 
ATOM 518  H H    . ALA A 1 33 ? -6.006  3.128   1.115   1.00 0.54  ? 279 ALA A H    1 
ATOM 519  H HA   . ALA A 1 33 ? -7.456  1.279   -0.520  1.00 0.56  ? 279 ALA A HA   1 
ATOM 520  H HB1  . ALA A 1 33 ? -5.298  2.554   -1.964  1.00 1.13  ? 279 ALA A HB1  1 
ATOM 521  H HB2  . ALA A 1 33 ? -6.081  3.722   -0.900  1.00 1.08  ? 279 ALA A HB2  1 
ATOM 522  H HB3  . ALA A 1 33 ? -7.033  2.842   -2.097  1.00 1.01  ? 279 ALA A HB3  1 
ATOM 523  N N    . LEU A 1 34 ? -4.221  0.792   -0.143  1.00 0.43  ? 280 LEU A N    1 
ATOM 524  C CA   . LEU A 1 34 ? -3.177  -0.261  -0.253  1.00 0.41  ? 280 LEU A CA   1 
ATOM 525  C C    . LEU A 1 34 ? -3.696  -1.520  0.444   1.00 0.48  ? 280 LEU A C    1 
ATOM 526  O O    . LEU A 1 34 ? -3.338  -2.630  0.108   1.00 0.53  ? 280 LEU A O    1 
ATOM 527  C CB   . LEU A 1 34 ? -1.895  0.221   0.434   1.00 0.45  ? 280 LEU A CB   1 
ATOM 528  C CG   . LEU A 1 34 ? -0.675  -0.427  -0.221  1.00 0.45  ? 280 LEU A CG   1 
ATOM 529  C CD1  . LEU A 1 34 ? -0.920  -1.926  -0.390  1.00 0.52  ? 280 LEU A CD1  1 
ATOM 530  C CD2  . LEU A 1 34 ? -0.434  0.204   -1.595  1.00 0.45  ? 280 LEU A CD2  1 
ATOM 531  H H    . LEU A 1 34 ? -4.003  1.658   0.264   1.00 0.44  ? 280 LEU A H    1 
ATOM 532  H HA   . LEU A 1 34 ? -2.978  -0.474  -1.294  1.00 0.37  ? 280 LEU A HA   1 
ATOM 533  H HB2  . LEU A 1 34 ? -1.822  1.295   0.344   1.00 0.47  ? 280 LEU A HB2  1 
ATOM 534  H HB3  . LEU A 1 34 ? -1.924  -0.051  1.479   1.00 0.51  ? 280 LEU A HB3  1 
ATOM 535  H HG   . LEU A 1 34 ? 0.193   -0.270  0.406   1.00 0.53  ? 280 LEU A HG   1 
ATOM 536  H HD11 . LEU A 1 34 ? -1.717  -2.082  -1.104  1.00 1.15  ? 280 LEU A HD11 1 
ATOM 537  H HD12 . LEU A 1 34 ? -1.200  -2.356  0.561   1.00 1.14  ? 280 LEU A HD12 1 
ATOM 538  H HD13 . LEU A 1 34 ? -0.020  -2.402  -0.748  1.00 1.13  ? 280 LEU A HD13 1 
ATOM 539  H HD21 . LEU A 1 34 ? 0.520   0.710   -1.598  1.00 1.19  ? 280 LEU A HD21 1 
ATOM 540  H HD22 . LEU A 1 34 ? -1.219  0.916   -1.806  1.00 1.08  ? 280 LEU A HD22 1 
ATOM 541  H HD23 . LEU A 1 34 ? -0.436  -0.567  -2.351  1.00 1.03  ? 280 LEU A HD23 1 
ATOM 542  N N    . LEU A 1 35 ? -4.557  -1.343  1.411   1.00 0.55  ? 281 LEU A N    1 
ATOM 543  C CA   . LEU A 1 35 ? -5.127  -2.512  2.137   1.00 0.64  ? 281 LEU A CA   1 
ATOM 544  C C    . LEU A 1 35 ? -6.210  -3.150  1.269   1.00 0.65  ? 281 LEU A C    1 
ATOM 545  O O    . LEU A 1 35 ? -6.351  -4.355  1.217   1.00 0.71  ? 281 LEU A O    1 
ATOM 546  C CB   . LEU A 1 35 ? -5.741  -2.035  3.458   1.00 0.74  ? 281 LEU A CB   1 
ATOM 547  C CG   . LEU A 1 35 ? -6.542  -3.168  4.105   1.00 0.79  ? 281 LEU A CG   1 
ATOM 548  C CD1  . LEU A 1 35 ? -6.688  -2.896  5.604   1.00 1.55  ? 281 LEU A CD1  1 
ATOM 549  C CD2  . LEU A 1 35 ? -7.934  -3.241  3.471   1.00 1.65  ? 281 LEU A CD2  1 
ATOM 550  H H    . LEU A 1 35 ? -4.837  -0.436  1.654   1.00 0.56  ? 281 LEU A H    1 
ATOM 551  H HA   . LEU A 1 35 ? -4.348  -3.233  2.335   1.00 0.66  ? 281 LEU A HA   1 
ATOM 552  H HB2  . LEU A 1 35 ? -4.951  -1.726  4.128   1.00 0.92  ? 281 LEU A HB2  1 
ATOM 553  H HB3  . LEU A 1 35 ? -6.396  -1.198  3.268   1.00 0.97  ? 281 LEU A HB3  1 
ATOM 554  H HG   . LEU A 1 35 ? -6.026  -4.106  3.957   1.00 1.44  ? 281 LEU A HG   1 
ATOM 555  H HD11 . LEU A 1 35 ? -6.554  -3.817  6.151   1.00 2.13  ? 281 LEU A HD11 1 
ATOM 556  H HD12 . LEU A 1 35 ? -7.673  -2.499  5.803   1.00 2.09  ? 281 LEU A HD12 1 
ATOM 557  H HD13 . LEU A 1 35 ? -5.942  -2.181  5.914   1.00 2.09  ? 281 LEU A HD13 1 
ATOM 558  H HD21 . LEU A 1 35 ? -7.920  -3.946  2.653   1.00 2.23  ? 281 LEU A HD21 1 
ATOM 559  H HD22 . LEU A 1 35 ? -8.213  -2.266  3.102   1.00 2.16  ? 281 LEU A HD22 1 
ATOM 560  H HD23 . LEU A 1 35 ? -8.650  -3.565  4.212   1.00 2.15  ? 281 LEU A HD23 1 
ATOM 561  N N    . ALA A 1 36 ? -6.977  -2.345  0.585   1.00 0.64  ? 282 ALA A N    1 
ATOM 562  C CA   . ALA A 1 36 ? -8.053  -2.901  -0.283  1.00 0.70  ? 282 ALA A CA   1 
ATOM 563  C C    . ALA A 1 36 ? -7.423  -3.741  -1.395  1.00 0.67  ? 282 ALA A C    1 
ATOM 564  O O    . ALA A 1 36 ? -7.961  -4.751  -1.803  1.00 0.74  ? 282 ALA A O    1 
ATOM 565  C CB   . ALA A 1 36 ? -8.853  -1.752  -0.902  1.00 0.71  ? 282 ALA A CB   1 
ATOM 566  H H    . ALA A 1 36 ? -6.843  -1.375  0.642   1.00 0.63  ? 282 ALA A H    1 
ATOM 567  H HA   . ALA A 1 36 ? -8.710  -3.520  0.309   1.00 0.79  ? 282 ALA A HA   1 
ATOM 568  H HB1  . ALA A 1 36 ? -9.313  -1.169  -0.116  1.00 1.21  ? 282 ALA A HB1  1 
ATOM 569  H HB2  . ALA A 1 36 ? -9.619  -2.153  -1.548  1.00 1.13  ? 282 ALA A HB2  1 
ATOM 570  H HB3  . ALA A 1 36 ? -8.190  -1.121  -1.476  1.00 1.27  ? 282 ALA A HB3  1 
ATOM 571  N N    . LEU A 1 37 ? -6.285  -3.333  -1.886  1.00 0.59  ? 283 LEU A N    1 
ATOM 572  C CA   . LEU A 1 37 ? -5.620  -4.110  -2.969  1.00 0.57  ? 283 LEU A CA   1 
ATOM 573  C C    . LEU A 1 37 ? -5.345  -5.532  -2.477  1.00 0.63  ? 283 LEU A C    1 
ATOM 574  O O    . LEU A 1 37 ? -4.303  -5.816  -1.920  1.00 0.69  ? 283 LEU A O    1 
ATOM 575  C CB   . LEU A 1 37 ? -4.298  -3.435  -3.343  1.00 0.55  ? 283 LEU A CB   1 
ATOM 576  C CG   . LEU A 1 37 ? -4.559  -1.987  -3.763  1.00 0.55  ? 283 LEU A CG   1 
ATOM 577  C CD1  . LEU A 1 37 ? -3.309  -1.419  -4.438  1.00 0.63  ? 283 LEU A CD1  1 
ATOM 578  C CD2  . LEU A 1 37 ? -5.732  -1.943  -4.745  1.00 0.66  ? 283 LEU A CD2  1 
ATOM 579  H H    . LEU A 1 37 ? -5.867  -2.516  -1.541  1.00 0.57  ? 283 LEU A H    1 
ATOM 580  H HA   . LEU A 1 37 ? -6.265  -4.146  -3.835  1.00 0.60  ? 283 LEU A HA   1 
ATOM 581  H HB2  . LEU A 1 37 ? -3.633  -3.449  -2.490  1.00 0.57  ? 283 LEU A HB2  1 
ATOM 582  H HB3  . LEU A 1 37 ? -3.841  -3.969  -4.163  1.00 0.63  ? 283 LEU A HB3  1 
ATOM 583  H HG   . LEU A 1 37 ? -4.795  -1.396  -2.889  1.00 0.57  ? 283 LEU A HG   1 
ATOM 584  H HD11 . LEU A 1 37 ? -3.346  -1.627  -5.497  1.00 1.28  ? 283 LEU A HD11 1 
ATOM 585  H HD12 . LEU A 1 37 ? -2.429  -1.879  -4.011  1.00 1.25  ? 283 LEU A HD12 1 
ATOM 586  H HD13 . LEU A 1 37 ? -3.269  -0.351  -4.281  1.00 1.08  ? 283 LEU A HD13 1 
ATOM 587  H HD21 . LEU A 1 37 ? -5.613  -2.722  -5.484  1.00 1.19  ? 283 LEU A HD21 1 
ATOM 588  H HD22 . LEU A 1 37 ? -5.753  -0.982  -5.237  1.00 1.26  ? 283 LEU A HD22 1 
ATOM 589  H HD23 . LEU A 1 37 ? -6.657  -2.093  -4.209  1.00 1.22  ? 283 LEU A HD23 1 
ATOM 590  N N    . ASN A 1 38 ? -6.273  -6.429  -2.674  1.00 0.74  ? 284 ASN A N    1 
ATOM 591  C CA   . ASN A 1 38 ? -6.062  -7.832  -2.214  1.00 0.86  ? 284 ASN A CA   1 
ATOM 592  C C    . ASN A 1 38 ? -4.888  -8.449  -2.975  1.00 0.93  ? 284 ASN A C    1 
ATOM 593  O O    . ASN A 1 38 ? -4.187  -7.777  -3.703  1.00 0.86  ? 284 ASN A O    1 
ATOM 594  C CB   . ASN A 1 38 ? -7.327  -8.652  -2.474  1.00 0.97  ? 284 ASN A CB   1 
ATOM 595  C CG   . ASN A 1 38 ? -8.561  -7.817  -2.125  1.00 1.45  ? 284 ASN A CG   1 
ATOM 596  O OD1  . ASN A 1 38 ? -8.661  -7.286  -1.037  1.00 2.34  ? 284 ASN A OD1  1 
ATOM 597  N ND2  . ASN A 1 38 ? -9.511  -7.679  -3.009  1.00 1.80  ? 284 ASN A ND2  1 
ATOM 598  H H    . ASN A 1 38 ? -7.108  -6.181  -3.123  1.00 0.82  ? 284 ASN A H    1 
ATOM 599  H HA   . ASN A 1 38 ? -5.845  -7.831  -1.157  1.00 0.89  ? 284 ASN A HA   1 
ATOM 600  H HB2  . ASN A 1 38 ? -7.364  -8.933  -3.517  1.00 1.34  ? 284 ASN A HB2  1 
ATOM 601  H HB3  . ASN A 1 38 ? -7.312  -9.541  -1.862  1.00 1.37  ? 284 ASN A HB3  1 
ATOM 602  H HD21 . ASN A 1 38 ? -9.430  -8.107  -3.886  1.00 1.96  ? 284 ASN A HD21 1 
ATOM 603  H HD22 . ASN A 1 38 ? -10.304 -7.145  -2.795  1.00 2.40  ? 284 ASN A HD22 1 
ATOM 604  N N    . LEU A 1 39 ? -4.666  -9.724  -2.811  1.00 1.11  ? 285 LEU A N    1 
ATOM 605  C CA   . LEU A 1 39 ? -3.538  -10.382 -3.526  1.00 1.24  ? 285 LEU A CA   1 
ATOM 606  C C    . LEU A 1 39 ? -3.749  -10.250 -5.036  1.00 1.25  ? 285 LEU A C    1 
ATOM 607  O O    . LEU A 1 39 ? -2.809  -10.116 -5.795  1.00 1.27  ? 285 LEU A O    1 
ATOM 608  C CB   . LEU A 1 39 ? -3.486  -11.863 -3.145  1.00 1.49  ? 285 LEU A CB   1 
ATOM 609  C CG   . LEU A 1 39 ? -3.274  -11.994 -1.636  1.00 2.09  ? 285 LEU A CG   1 
ATOM 610  C CD1  . LEU A 1 39 ? -4.141  -13.134 -1.096  1.00 2.67  ? 285 LEU A CD1  1 
ATOM 611  C CD2  . LEU A 1 39 ? -1.802  -12.298 -1.353  1.00 2.83  ? 285 LEU A CD2  1 
ATOM 612  H H    . LEU A 1 39 ? -5.241  -10.249 -2.218  1.00 1.18  ? 285 LEU A H    1 
ATOM 613  H HA   . LEU A 1 39 ? -2.611  -9.906  -3.247  1.00 1.21  ? 285 LEU A HA   1 
ATOM 614  H HB2  . LEU A 1 39 ? -4.415  -12.339 -3.422  1.00 1.65  ? 285 LEU A HB2  1 
ATOM 615  H HB3  . LEU A 1 39 ? -2.668  -12.340 -3.663  1.00 1.90  ? 285 LEU A HB3  1 
ATOM 616  H HG   . LEU A 1 39 ? -3.553  -11.070 -1.152  1.00 2.20  ? 285 LEU A HG   1 
ATOM 617  H HD11 . LEU A 1 39 ? -3.972  -13.242 -0.034  1.00 2.91  ? 285 LEU A HD11 1 
ATOM 618  H HD12 . LEU A 1 39 ? -3.879  -14.054 -1.597  1.00 2.86  ? 285 LEU A HD12 1 
ATOM 619  H HD13 . LEU A 1 39 ? -5.182  -12.910 -1.274  1.00 3.24  ? 285 LEU A HD13 1 
ATOM 620  H HD21 . LEU A 1 39 ? -1.280  -12.455 -2.286  1.00 3.25  ? 285 LEU A HD21 1 
ATOM 621  H HD22 . LEU A 1 39 ? -1.727  -13.187 -0.745  1.00 3.19  ? 285 LEU A HD22 1 
ATOM 622  H HD23 . LEU A 1 39 ? -1.357  -11.465 -0.828  1.00 3.20  ? 285 LEU A HD23 1 
ATOM 623  N N    . LYS A 1 40 ? -4.977  -10.284 -5.475  1.00 1.30  ? 286 LYS A N    1 
ATOM 624  C CA   . LYS A 1 40 ? -5.254  -10.157 -6.933  1.00 1.39  ? 286 LYS A CA   1 
ATOM 625  C C    . LYS A 1 40 ? -5.452  -8.681  -7.280  1.00 1.21  ? 286 LYS A C    1 
ATOM 626  O O    . LYS A 1 40 ? -6.143  -8.340  -8.219  1.00 1.37  ? 286 LYS A O    1 
ATOM 627  C CB   . LYS A 1 40 ? -6.523  -10.937 -7.281  1.00 1.60  ? 286 LYS A CB   1 
ATOM 628  C CG   . LYS A 1 40 ? -6.156  -12.382 -7.624  1.00 2.10  ? 286 LYS A CG   1 
ATOM 629  C CD   . LYS A 1 40 ? -7.020  -13.338 -6.801  1.00 2.42  ? 286 LYS A CD   1 
ATOM 630  C CE   . LYS A 1 40 ? -7.309  -14.598 -7.618  1.00 3.12  ? 286 LYS A CE   1 
ATOM 631  N NZ   . LYS A 1 40 ? -8.725  -15.012 -7.408  1.00 3.73  ? 286 LYS A NZ   1 
ATOM 632  H H    . LYS A 1 40 ? -5.718  -10.388 -4.845  1.00 1.32  ? 286 LYS A H    1 
ATOM 633  H HA   . LYS A 1 40 ? -4.421  -10.552 -7.496  1.00 1.49  ? 286 LYS A HA   1 
ATOM 634  H HB2  . LYS A 1 40 ? -7.195  -10.927 -6.435  1.00 1.58  ? 286 LYS A HB2  1 
ATOM 635  H HB3  . LYS A 1 40 ? -7.006  -10.479 -8.132  1.00 1.97  ? 286 LYS A HB3  1 
ATOM 636  H HG2  . LYS A 1 40 ? -6.327  -12.556 -8.677  1.00 2.66  ? 286 LYS A HG2  1 
ATOM 637  H HG3  . LYS A 1 40 ? -5.115  -12.553 -7.396  1.00 2.30  ? 286 LYS A HG3  1 
ATOM 638  H HD2  . LYS A 1 40 ? -6.495  -13.608 -5.896  1.00 2.55  ? 286 LYS A HD2  1 
ATOM 639  H HD3  . LYS A 1 40 ? -7.951  -12.855 -6.547  1.00 2.75  ? 286 LYS A HD3  1 
ATOM 640  H HE2  . LYS A 1 40 ? -7.148  -14.392 -8.667  1.00 3.52  ? 286 LYS A HE2  1 
ATOM 641  H HE3  . LYS A 1 40 ? -6.651  -15.393 -7.301  1.00 3.42  ? 286 LYS A HE3  1 
ATOM 642  H HZ1  . LYS A 1 40 ? -9.355  -14.211 -7.606  1.00 4.11  ? 286 LYS A HZ1  1 
ATOM 643  H HZ2  . LYS A 1 40 ? -8.852  -15.319 -6.421  1.00 4.17  ? 286 LYS A HZ2  1 
ATOM 644  H HZ3  . LYS A 1 40 ? -8.956  -15.798 -8.047  1.00 3.83  ? 286 LYS A HZ3  1 
ATOM 645  N N    . ASP A 1 41 ? -4.851  -7.804  -6.526  1.00 0.97  ? 287 ASP A N    1 
ATOM 646  C CA   . ASP A 1 41 ? -5.001  -6.349  -6.805  1.00 0.84  ? 287 ASP A CA   1 
ATOM 647  C C    . ASP A 1 41 ? -3.623  -5.692  -6.771  1.00 0.75  ? 287 ASP A C    1 
ATOM 648  O O    . ASP A 1 41 ? -3.183  -5.092  -7.731  1.00 0.71  ? 287 ASP A O    1 
ATOM 649  C CB   . ASP A 1 41 ? -5.897  -5.718  -5.736  1.00 0.77  ? 287 ASP A CB   1 
ATOM 650  C CG   . ASP A 1 41 ? -6.721  -4.590  -6.360  1.00 0.87  ? 287 ASP A CG   1 
ATOM 651  O OD1  . ASP A 1 41 ? -6.245  -3.991  -7.310  1.00 1.42  ? 287 ASP A OD1  1 
ATOM 652  O OD2  . ASP A 1 41 ? -7.815  -4.347  -5.878  1.00 1.39  ? 287 ASP A OD2  1 
ATOM 653  H H    . ASP A 1 41 ? -4.297  -8.104  -5.772  1.00 0.95  ? 287 ASP A H    1 
ATOM 654  H HA   . ASP A 1 41 ? -5.447  -6.210  -7.779  1.00 0.95  ? 287 ASP A HA   1 
ATOM 655  H HB2  . ASP A 1 41 ? -6.559  -6.470  -5.331  1.00 0.81  ? 287 ASP A HB2  1 
ATOM 656  H HB3  . ASP A 1 41 ? -5.282  -5.316  -4.944  1.00 0.75  ? 287 ASP A HB3  1 
ATOM 657  N N    . LEU A 1 42 ? -2.934  -5.814  -5.672  1.00 0.84  ? 288 LEU A N    1 
ATOM 658  C CA   . LEU A 1 42 ? -1.579  -5.213  -5.567  1.00 0.92  ? 288 LEU A CA   1 
ATOM 659  C C    . LEU A 1 42 ? -0.696  -5.800  -6.670  1.00 0.98  ? 288 LEU A C    1 
ATOM 660  O O    . LEU A 1 42 ? -0.069  -5.086  -7.427  1.00 0.97  ? 288 LEU A O    1 
ATOM 661  C CB   . LEU A 1 42 ? -0.997  -5.547  -4.185  1.00 1.15  ? 288 LEU A CB   1 
ATOM 662  C CG   . LEU A 1 42 ? 0.490   -5.189  -4.117  1.00 1.84  ? 288 LEU A CG   1 
ATOM 663  C CD1  . LEU A 1 42 ? 1.311   -6.280  -4.806  1.00 2.70  ? 288 LEU A CD1  1 
ATOM 664  C CD2  . LEU A 1 42 ? 0.735   -3.840  -4.801  1.00 2.43  ? 288 LEU A CD2  1 
ATOM 665  H H    . LEU A 1 42 ? -3.307  -6.310  -4.915  1.00 0.93  ? 288 LEU A H    1 
ATOM 666  H HA   . LEU A 1 42 ? -1.645  -4.142  -5.685  1.00 0.88  ? 288 LEU A HA   1 
ATOM 667  H HB2  . LEU A 1 42 ? -1.530  -4.990  -3.432  1.00 1.46  ? 288 LEU A HB2  1 
ATOM 668  H HB3  . LEU A 1 42 ? -1.115  -6.604  -3.998  1.00 1.46  ? 288 LEU A HB3  1 
ATOM 669  H HG   . LEU A 1 42 ? 0.789   -5.123  -3.080  1.00 2.31  ? 288 LEU A HG   1 
ATOM 670  H HD11 . LEU A 1 42 ? 2.259   -6.389  -4.303  1.00 3.14  ? 288 LEU A HD11 1 
ATOM 671  H HD12 . LEU A 1 42 ? 1.477   -6.010  -5.837  1.00 3.11  ? 288 LEU A HD12 1 
ATOM 672  H HD13 . LEU A 1 42 ? 0.771   -7.216  -4.763  1.00 3.17  ? 288 LEU A HD13 1 
ATOM 673  H HD21 . LEU A 1 42 ? 0.301   -3.851  -5.789  1.00 2.79  ? 288 LEU A HD21 1 
ATOM 674  H HD22 . LEU A 1 42 ? 1.797   -3.662  -4.877  1.00 3.00  ? 288 LEU A HD22 1 
ATOM 675  H HD23 . LEU A 1 42 ? 0.279   -3.053  -4.217  1.00 2.68  ? 288 LEU A HD23 1 
ATOM 676  N N    . LYS A 1 43 ? -0.648  -7.100  -6.770  1.00 1.12  ? 289 LYS A N    1 
ATOM 677  C CA   . LYS A 1 43 ? 0.188   -7.738  -7.821  1.00 1.27  ? 289 LYS A CA   1 
ATOM 678  C C    . LYS A 1 43 ? -0.469  -7.540  -9.190  1.00 1.23  ? 289 LYS A C    1 
ATOM 679  O O    . LYS A 1 43 ? 0.134   -7.780  -10.217 1.00 1.53  ? 289 LYS A O    1 
ATOM 680  C CB   . LYS A 1 43 ? 0.318   -9.234  -7.529  1.00 1.48  ? 289 LYS A CB   1 
ATOM 681  C CG   . LYS A 1 43 ? 1.505   -9.804  -8.306  1.00 1.90  ? 289 LYS A CG   1 
ATOM 682  C CD   . LYS A 1 43 ? 1.923   -11.143 -7.692  1.00 2.35  ? 289 LYS A CD   1 
ATOM 683  C CE   . LYS A 1 43 ? 3.258   -11.586 -8.292  1.00 2.66  ? 289 LYS A CE   1 
ATOM 684  N NZ   . LYS A 1 43 ? 3.310   -13.074 -8.343  1.00 3.25  ? 289 LYS A NZ   1 
ATOM 685  H H    . LYS A 1 43 ? -1.161  -7.655  -6.152  1.00 1.18  ? 289 LYS A H    1 
ATOM 686  H HA   . LYS A 1 43 ? 1.165   -7.286  -7.820  1.00 1.31  ? 289 LYS A HA   1 
ATOM 687  H HB2  . LYS A 1 43 ? 0.474   -9.382  -6.470  1.00 1.83  ? 289 LYS A HB2  1 
ATOM 688  H HB3  . LYS A 1 43 ? -0.586  -9.741  -7.834  1.00 1.94  ? 289 LYS A HB3  1 
ATOM 689  H HG2  . LYS A 1 43 ? 1.222   -9.954  -9.338  1.00 2.39  ? 289 LYS A HG2  1 
ATOM 690  H HG3  . LYS A 1 43 ? 2.334   -9.114  -8.257  1.00 2.34  ? 289 LYS A HG3  1 
ATOM 691  H HD2  . LYS A 1 43 ? 2.028   -11.029 -6.622  1.00 2.83  ? 289 LYS A HD2  1 
ATOM 692  H HD3  . LYS A 1 43 ? 1.170   -11.887 -7.904  1.00 2.70  ? 289 LYS A HD3  1 
ATOM 693  H HE2  . LYS A 1 43 ? 3.354   -11.188 -9.291  1.00 2.92  ? 289 LYS A HE2  1 
ATOM 694  H HE3  . LYS A 1 43 ? 4.068   -11.218 -7.678  1.00 2.91  ? 289 LYS A HE3  1 
ATOM 695  H HZ1  . LYS A 1 43 ? 3.662   -13.441 -7.436  1.00 3.40  ? 289 LYS A HZ1  1 
ATOM 696  H HZ2  . LYS A 1 43 ? 3.946   -13.373 -9.109  1.00 3.74  ? 289 LYS A HZ2  1 
ATOM 697  H HZ3  . LYS A 1 43 ? 2.355   -13.448 -8.517  1.00 3.55  ? 289 LYS A HZ3  1 
ATOM 698  N N    . ASN A 1 44 ? -1.699  -7.105  -9.214  1.00 0.96  ? 290 ASN A N    1 
ATOM 699  C CA   . ASN A 1 44 ? -2.390  -6.895  -10.518 1.00 1.00  ? 290 ASN A CA   1 
ATOM 700  C C    . ASN A 1 44 ? -1.944  -5.563  -11.122 1.00 0.88  ? 290 ASN A C    1 
ATOM 701  O O    . ASN A 1 44 ? -1.728  -5.451  -12.312 1.00 0.99  ? 290 ASN A O    1 
ATOM 702  C CB   . ASN A 1 44 ? -3.905  -6.874  -10.295 1.00 1.03  ? 290 ASN A CB   1 
ATOM 703  C CG   . ASN A 1 44 ? -4.618  -6.775  -11.645 1.00 1.51  ? 290 ASN A CG   1 
ATOM 704  O OD1  . ASN A 1 44 ? -4.067  -7.138  -12.665 1.00 2.23  ? 290 ASN A OD1  1 
ATOM 705  N ND2  . ASN A 1 44 ? -5.831  -6.296  -11.695 1.00 1.87  ? 290 ASN A ND2  1 
ATOM 706  H H    . ASN A 1 44 ? -2.169  -6.918  -8.374  1.00 0.87  ? 290 ASN A H    1 
ATOM 707  H HA   . ASN A 1 44 ? -2.137  -7.699  -11.193 1.00 1.15  ? 290 ASN A HA   1 
ATOM 708  H HB2  . ASN A 1 44 ? -4.207  -7.781  -9.793  1.00 1.14  ? 290 ASN A HB2  1 
ATOM 709  H HB3  . ASN A 1 44 ? -4.168  -6.021  -9.688  1.00 1.11  ? 290 ASN A HB3  1 
ATOM 710  H HD21 . ASN A 1 44 ? -6.275  -6.003  -10.872 1.00 2.18  ? 290 ASN A HD21 1 
ATOM 711  H HD22 . ASN A 1 44 ? -6.296  -6.227  -12.554 1.00 2.25  ? 290 ASN A HD22 1 
ATOM 712  N N    . ILE A 1 45 ? -1.800  -4.552  -10.307 1.00 0.75  ? 291 ILE A N    1 
ATOM 713  C CA   . ILE A 1 45 ? -1.363  -3.226  -10.828 1.00 0.74  ? 291 ILE A CA   1 
ATOM 714  C C    . ILE A 1 45 ? -0.224  -3.427  -11.837 1.00 0.71  ? 291 ILE A C    1 
ATOM 715  O O    . ILE A 1 45 ? 0.746   -4.094  -11.539 1.00 0.65  ? 291 ILE A O    1 
ATOM 716  C CB   . ILE A 1 45 ? -0.868  -2.373  -9.656  1.00 0.72  ? 291 ILE A CB   1 
ATOM 717  C CG1  . ILE A 1 45 ? -2.034  -2.092  -8.705  1.00 0.88  ? 291 ILE A CG1  1 
ATOM 718  C CG2  . ILE A 1 45 ? -0.308  -1.048  -10.175 1.00 1.11  ? 291 ILE A CG2  1 
ATOM 719  C CD1  . ILE A 1 45 ? -1.532  -1.285  -7.505  1.00 1.62  ? 291 ILE A CD1  1 
ATOM 720  H H    . ILE A 1 45 ? -1.978  -4.668  -9.350  1.00 0.72  ? 291 ILE A H    1 
ATOM 721  H HA   . ILE A 1 45 ? -2.194  -2.734  -11.304 1.00 0.87  ? 291 ILE A HA   1 
ATOM 722  H HB   . ILE A 1 45 ? -0.093  -2.907  -9.126  1.00 0.77  ? 291 ILE A HB   1 
ATOM 723  H HG12 . ILE A 1 45 ? -2.795  -1.529  -9.226  1.00 1.46  ? 291 ILE A HG12 1 
ATOM 724  H HG13 . ILE A 1 45 ? -2.450  -3.027  -8.359  1.00 1.35  ? 291 ILE A HG13 1 
ATOM 725  H HG21 . ILE A 1 45 ? -0.597  -0.249  -9.508  1.00 1.67  ? 291 ILE A HG21 1 
ATOM 726  H HG22 . ILE A 1 45 ? -0.700  -0.853  -11.161 1.00 1.49  ? 291 ILE A HG22 1 
ATOM 727  H HG23 . ILE A 1 45 ? 0.769   -1.106  -10.220 1.00 1.58  ? 291 ILE A HG23 1 
ATOM 728  H HD11 . ILE A 1 45 ? -2.274  -0.550  -7.230  1.00 2.14  ? 291 ILE A HD11 1 
ATOM 729  H HD12 . ILE A 1 45 ? -0.610  -0.787  -7.766  1.00 2.26  ? 291 ILE A HD12 1 
ATOM 730  H HD13 . ILE A 1 45 ? -1.359  -1.951  -6.672  1.00 2.04  ? 291 ILE A HD13 1 
ATOM 731  N N    . PRO A 1 46 ? -0.374  -2.845  -13.004 1.00 0.83  ? 292 PRO A N    1 
ATOM 732  C CA   . PRO A 1 46 ? 0.635   -2.949  -14.070 1.00 0.91  ? 292 PRO A CA   1 
ATOM 733  C C    . PRO A 1 46 ? 1.844   -2.066  -13.750 1.00 0.91  ? 292 PRO A C    1 
ATOM 734  O O    . PRO A 1 46 ? 2.786   -1.985  -14.512 1.00 1.05  ? 292 PRO A O    1 
ATOM 735  C CB   . PRO A 1 46 ? -0.099  -2.456  -15.318 1.00 1.09  ? 292 PRO A CB   1 
ATOM 736  C CG   . PRO A 1 46 ? -1.273  -1.588  -14.815 1.00 1.12  ? 292 PRO A CG   1 
ATOM 737  C CD   . PRO A 1 46 ? -1.550  -2.031  -13.367 1.00 0.96  ? 292 PRO A CD   1 
ATOM 738  H HA   . PRO A 1 46 ? 0.934   -3.972  -14.202 1.00 0.91  ? 292 PRO A HA   1 
ATOM 739  H HB2  . PRO A 1 46 ? 0.568   -1.865  -15.932 1.00 1.17  ? 292 PRO A HB2  1 
ATOM 740  H HB3  . PRO A 1 46 ? -0.480  -3.293  -15.882 1.00 1.16  ? 292 PRO A HB3  1 
ATOM 741  H HG2  . PRO A 1 46 ? -0.997  -0.543  -14.841 1.00 1.17  ? 292 PRO A HG2  1 
ATOM 742  H HG3  . PRO A 1 46 ? -2.149  -1.757  -15.422 1.00 1.23  ? 292 PRO A HG3  1 
ATOM 743  H HD2  . PRO A 1 46 ? -1.632  -1.173  -12.720 1.00 0.97  ? 292 PRO A HD2  1 
ATOM 744  H HD3  . PRO A 1 46 ? -2.443  -2.634  -13.320 1.00 1.01  ? 292 PRO A HD3  1 
ATOM 745  N N    . GLY A 1 47 ? 1.826   -1.413  -12.621 1.00 0.81  ? 293 GLY A N    1 
ATOM 746  C CA   . GLY A 1 47 ? 2.974   -0.544  -12.238 1.00 0.89  ? 293 GLY A CA   1 
ATOM 747  C C    . GLY A 1 47 ? 3.472   -0.972  -10.860 1.00 0.75  ? 293 GLY A C    1 
ATOM 748  O O    . GLY A 1 47 ? 4.131   -0.227  -10.162 1.00 0.89  ? 293 GLY A O    1 
ATOM 749  H H    . GLY A 1 47 ? 1.059   -1.501  -12.017 1.00 0.74  ? 293 GLY A H    1 
ATOM 750  H HA2  . GLY A 1 47 ? 3.769   -0.654  -12.963 1.00 0.99  ? 293 GLY A HA2  1 
ATOM 751  H HA3  . GLY A 1 47 ? 2.655   0.485   -12.201 1.00 1.00  ? 293 GLY A HA3  1 
ATOM 752  N N    . ILE A 1 48 ? 3.148   -2.172  -10.463 1.00 0.55  ? 294 ILE A N    1 
ATOM 753  C CA   . ILE A 1 48 ? 3.582   -2.669  -9.130  1.00 0.49  ? 294 ILE A CA   1 
ATOM 754  C C    . ILE A 1 48 ? 4.514   -3.870  -9.319  1.00 0.60  ? 294 ILE A C    1 
ATOM 755  O O    . ILE A 1 48 ? 4.195   -4.811  -10.019 1.00 1.26  ? 294 ILE A O    1 
ATOM 756  C CB   . ILE A 1 48 ? 2.338   -3.082  -8.333  1.00 0.54  ? 294 ILE A CB   1 
ATOM 757  C CG1  . ILE A 1 48 ? 1.682   -1.831  -7.741  1.00 0.88  ? 294 ILE A CG1  1 
ATOM 758  C CG2  . ILE A 1 48 ? 2.718   -4.036  -7.199  1.00 0.64  ? 294 ILE A CG2  1 
ATOM 759  C CD1  . ILE A 1 48 ? 2.583   -1.250  -6.651  1.00 1.37  ? 294 ILE A CD1  1 
ATOM 760  H H    . ILE A 1 48 ? 2.611   -2.749  -11.046 1.00 0.52  ? 294 ILE A H    1 
ATOM 761  H HA   . ILE A 1 48 ? 4.105   -1.885  -8.603  1.00 0.62  ? 294 ILE A HA   1 
ATOM 762  H HB   . ILE A 1 48 ? 1.639   -3.574  -8.994  1.00 0.65  ? 294 ILE A HB   1 
ATOM 763  H HG12 . ILE A 1 48 ? 1.539   -1.097  -8.520  1.00 1.26  ? 294 ILE A HG12 1 
ATOM 764  H HG13 . ILE A 1 48 ? 0.726   -2.095  -7.314  1.00 1.45  ? 294 ILE A HG13 1 
ATOM 765  H HG21 . ILE A 1 48 ? 3.275   -3.498  -6.446  1.00 1.20  ? 294 ILE A HG21 1 
ATOM 766  H HG22 . ILE A 1 48 ? 3.320   -4.842  -7.588  1.00 1.36  ? 294 ILE A HG22 1 
ATOM 767  H HG23 . ILE A 1 48 ? 1.820   -4.441  -6.761  1.00 0.98  ? 294 ILE A HG23 1 
ATOM 768  H HD11 . ILE A 1 48 ? 3.578   -1.661  -6.749  1.00 1.93  ? 294 ILE A HD11 1 
ATOM 769  H HD12 . ILE A 1 48 ? 2.183   -1.502  -5.680  1.00 1.81  ? 294 ILE A HD12 1 
ATOM 770  H HD13 . ILE A 1 48 ? 2.626   -0.176  -6.754  1.00 1.90  ? 294 ILE A HD13 1 
ATOM 771  N N    . GLY A 1 49 ? 5.663   -3.846  -8.700  1.00 0.70  ? 295 GLY A N    1 
ATOM 772  C CA   . GLY A 1 49 ? 6.612   -4.986  -8.845  1.00 0.80  ? 295 GLY A CA   1 
ATOM 773  C C    . GLY A 1 49 ? 7.017   -5.495  -7.460  1.00 0.74  ? 295 GLY A C    1 
ATOM 774  O O    . GLY A 1 49 ? 6.419   -5.148  -6.462  1.00 0.76  ? 295 GLY A O    1 
ATOM 775  H H    . GLY A 1 49 ? 5.901   -3.078  -8.140  1.00 1.18  ? 295 GLY A H    1 
ATOM 776  H HA2  . GLY A 1 49 ? 6.134   -5.784  -9.397  1.00 0.99  ? 295 GLY A HA2  1 
ATOM 777  H HA3  . GLY A 1 49 ? 7.492   -4.658  -9.376  1.00 1.06  ? 295 GLY A HA3  1 
ATOM 778  N N    . GLU A 1 50 ? 8.029   -6.316  -7.391  1.00 0.92  ? 296 GLU A N    1 
ATOM 779  C CA   . GLU A 1 50 ? 8.472   -6.845  -6.071  1.00 1.18  ? 296 GLU A CA   1 
ATOM 780  C C    . GLU A 1 50 ? 8.939   -5.687  -5.187  1.00 1.23  ? 296 GLU A C    1 
ATOM 781  O O    . GLU A 1 50 ? 8.648   -5.636  -4.008  1.00 2.09  ? 296 GLU A O    1 
ATOM 782  C CB   . GLU A 1 50 ? 9.626   -7.828  -6.276  1.00 1.45  ? 296 GLU A CB   1 
ATOM 783  C CG   . GLU A 1 50 ? 9.111   -9.084  -6.981  1.00 1.66  ? 296 GLU A CG   1 
ATOM 784  C CD   . GLU A 1 50 ? 10.271  -10.052 -7.214  1.00 2.06  ? 296 GLU A CD   1 
ATOM 785  O OE1  . GLU A 1 50 ? 10.754  -10.614 -6.244  1.00 2.78  ? 296 GLU A OE1  1 
ATOM 786  O OE2  . GLU A 1 50 ? 10.659  -10.217 -8.359  1.00 2.43  ? 296 GLU A OE2  1 
ATOM 787  H H    . GLU A 1 50 ? 8.498   -6.584  -8.209  1.00 1.00  ? 296 GLU A H    1 
ATOM 788  H HA   . GLU A 1 50 ? 7.647   -7.353  -5.592  1.00 1.29  ? 296 GLU A HA   1 
ATOM 789  H HB2  . GLU A 1 50 ? 10.391  -7.363  -6.881  1.00 1.62  ? 296 GLU A HB2  1 
ATOM 790  H HB3  . GLU A 1 50 ? 10.042  -8.100  -5.317  1.00 1.76  ? 296 GLU A HB3  1 
ATOM 791  H HG2  . GLU A 1 50 ? 8.361   -9.560  -6.365  1.00 2.19  ? 296 GLU A HG2  1 
ATOM 792  H HG3  . GLU A 1 50 ? 8.676   -8.811  -7.931  1.00 2.00  ? 296 GLU A HG3  1 
ATOM 793  N N    . ARG A 1 51 ? 9.663   -4.757  -5.745  1.00 0.86  ? 297 ARG A N    1 
ATOM 794  C CA   . ARG A 1 51 ? 10.149  -3.603  -4.936  1.00 0.82  ? 297 ARG A CA   1 
ATOM 795  C C    . ARG A 1 51 ? 8.958   -2.886  -4.299  1.00 0.72  ? 297 ARG A C    1 
ATOM 796  O O    . ARG A 1 51 ? 9.095   -2.192  -3.312  1.00 0.82  ? 297 ARG A O    1 
ATOM 797  C CB   . ARG A 1 51 ? 10.906  -2.629  -5.842  1.00 0.88  ? 297 ARG A CB   1 
ATOM 798  C CG   . ARG A 1 51 ? 11.872  -1.793  -5.000  1.00 1.06  ? 297 ARG A CG   1 
ATOM 799  C CD   . ARG A 1 51 ? 13.300  -1.996  -5.507  1.00 1.34  ? 297 ARG A CD   1 
ATOM 800  N NE   . ARG A 1 51 ? 14.208  -2.235  -4.351  1.00 1.93  ? 297 ARG A NE   1 
ATOM 801  C CZ   . ARG A 1 51 ? 15.484  -1.988  -4.462  1.00 2.33  ? 297 ARG A CZ   1 
ATOM 802  N NH1  . ARG A 1 51 ? 15.897  -0.768  -4.674  1.00 3.05  ? 297 ARG A NH1  1 
ATOM 803  N NH2  . ARG A 1 51 ? 16.349  -2.961  -4.361  1.00 2.70  ? 297 ARG A NH2  1 
ATOM 804  H H    . ARG A 1 51 ? 9.888   -4.816  -6.697  1.00 1.30  ? 297 ARG A H    1 
ATOM 805  H HA   . ARG A 1 51 ? 10.810  -3.962  -4.161  1.00 0.91  ? 297 ARG A HA   1 
ATOM 806  H HB2  . ARG A 1 51 ? 11.462  -3.185  -6.584  1.00 1.06  ? 297 ARG A HB2  1 
ATOM 807  H HB3  . ARG A 1 51 ? 10.202  -1.975  -6.334  1.00 1.12  ? 297 ARG A HB3  1 
ATOM 808  H HG2  . ARG A 1 51 ? 11.606  -0.748  -5.079  1.00 1.46  ? 297 ARG A HG2  1 
ATOM 809  H HG3  . ARG A 1 51 ? 11.811  -2.103  -3.968  1.00 1.34  ? 297 ARG A HG3  1 
ATOM 810  H HD2  . ARG A 1 51 ? 13.328  -2.848  -6.170  1.00 1.78  ? 297 ARG A HD2  1 
ATOM 811  H HD3  . ARG A 1 51 ? 13.621  -1.114  -6.040  1.00 1.71  ? 297 ARG A HD3  1 
ATOM 812  H HE   . ARG A 1 51 ? 13.847  -2.578  -3.506  1.00 2.50  ? 297 ARG A HE   1 
ATOM 813  H HH11 . ARG A 1 51 ? 15.235  -0.023  -4.751  1.00 3.35  ? 297 ARG A HH11 1 
ATOM 814  H HH12 . ARG A 1 51 ? 16.875  -0.579  -4.759  1.00 3.59  ? 297 ARG A HH12 1 
ATOM 815  H HH21 . ARG A 1 51 ? 16.033  -3.896  -4.199  1.00 2.83  ? 297 ARG A HH21 1 
ATOM 816  H HH22 . ARG A 1 51 ? 17.327  -2.772  -4.446  1.00 3.26  ? 297 ARG A HH22 1 
ATOM 817  N N    . SER A 1 52 ? 7.789   -3.047  -4.857  1.00 0.70  ? 298 SER A N    1 
ATOM 818  C CA   . SER A 1 52 ? 6.591   -2.371  -4.281  1.00 0.64  ? 298 SER A CA   1 
ATOM 819  C C    . SER A 1 52 ? 5.937   -3.285  -3.243  1.00 0.61  ? 298 SER A C    1 
ATOM 820  O O    . SER A 1 52 ? 5.678   -2.886  -2.126  1.00 0.63  ? 298 SER A O    1 
ATOM 821  C CB   . SER A 1 52 ? 5.590   -2.071  -5.398  1.00 0.73  ? 298 SER A CB   1 
ATOM 822  O OG   . SER A 1 52 ? 6.188   -1.188  -6.339  1.00 1.48  ? 298 SER A OG   1 
ATOM 823  H H    . SER A 1 52 ? 7.698   -3.609  -5.653  1.00 0.85  ? 298 SER A H    1 
ATOM 824  H HA   . SER A 1 52 ? 6.891   -1.447  -3.809  1.00 0.64  ? 298 SER A HA   1 
ATOM 825  H HB2  . SER A 1 52 ? 5.316   -2.986  -5.895  1.00 1.07  ? 298 SER A HB2  1 
ATOM 826  H HB3  . SER A 1 52 ? 4.706   -1.615  -4.973  1.00 1.29  ? 298 SER A HB3  1 
ATOM 827  H HG   . SER A 1 52 ? 5.537   -0.992  -7.017  1.00 1.82  ? 298 SER A HG   1 
ATOM 828  N N    . LEU A 1 53 ? 5.668   -4.511  -3.604  1.00 0.66  ? 299 LEU A N    1 
ATOM 829  C CA   . LEU A 1 53 ? 5.030   -5.447  -2.636  1.00 0.71  ? 299 LEU A CA   1 
ATOM 830  C C    . LEU A 1 53 ? 5.808   -5.429  -1.319  1.00 0.66  ? 299 LEU A C    1 
ATOM 831  O O    . LEU A 1 53 ? 5.240   -5.532  -0.250  1.00 0.67  ? 299 LEU A O    1 
ATOM 832  C CB   . LEU A 1 53 ? 5.040   -6.863  -3.216  1.00 0.86  ? 299 LEU A CB   1 
ATOM 833  C CG   . LEU A 1 53 ? 4.131   -7.765  -2.379  1.00 1.41  ? 299 LEU A CG   1 
ATOM 834  C CD1  . LEU A 1 53 ? 3.601   -8.907  -3.249  1.00 1.87  ? 299 LEU A CD1  1 
ATOM 835  C CD2  . LEU A 1 53 ? 4.927   -8.345  -1.209  1.00 2.17  ? 299 LEU A CD2  1 
ATOM 836  H H    . LEU A 1 53 ? 5.884   -4.814  -4.509  1.00 0.73  ? 299 LEU A H    1 
ATOM 837  H HA   . LEU A 1 53 ? 4.011   -5.139  -2.457  1.00 0.75  ? 299 LEU A HA   1 
ATOM 838  H HB2  . LEU A 1 53 ? 4.682   -6.837  -4.235  1.00 1.17  ? 299 LEU A HB2  1 
ATOM 839  H HB3  . LEU A 1 53 ? 6.046   -7.254  -3.197  1.00 1.39  ? 299 LEU A HB3  1 
ATOM 840  H HG   . LEU A 1 53 ? 3.300   -7.186  -2.001  1.00 1.99  ? 299 LEU A HG   1 
ATOM 841  H HD11 . LEU A 1 53 ? 3.412   -9.772  -2.632  1.00 2.23  ? 299 LEU A HD11 1 
ATOM 842  H HD12 . LEU A 1 53 ? 4.336   -9.155  -4.002  1.00 2.34  ? 299 LEU A HD12 1 
ATOM 843  H HD13 . LEU A 1 53 ? 2.684   -8.598  -3.729  1.00 2.32  ? 299 LEU A HD13 1 
ATOM 844  H HD21 . LEU A 1 53 ? 4.811   -9.419  -1.191  1.00 2.61  ? 299 LEU A HD21 1 
ATOM 845  H HD22 . LEU A 1 53 ? 4.561   -7.929  -0.282  1.00 2.70  ? 299 LEU A HD22 1 
ATOM 846  H HD23 . LEU A 1 53 ? 5.972   -8.098  -1.326  1.00 2.55  ? 299 LEU A HD23 1 
ATOM 847  N N    . GLU A 1 54 ? 7.105   -5.301  -1.387  1.00 0.71  ? 300 GLU A N    1 
ATOM 848  C CA   . GLU A 1 54 ? 7.919   -5.278  -0.140  1.00 0.75  ? 300 GLU A CA   1 
ATOM 849  C C    . GLU A 1 54 ? 7.481   -4.104  0.739   1.00 0.66  ? 300 GLU A C    1 
ATOM 850  O O    . GLU A 1 54 ? 6.936   -4.285  1.812   1.00 0.71  ? 300 GLU A O    1 
ATOM 851  C CB   . GLU A 1 54 ? 9.398   -5.122  -0.500  1.00 0.84  ? 300 GLU A CB   1 
ATOM 852  C CG   . GLU A 1 54 ? 10.091  -6.482  -0.420  1.00 1.33  ? 300 GLU A CG   1 
ATOM 853  C CD   . GLU A 1 54 ? 11.592  -6.307  -0.663  1.00 1.75  ? 300 GLU A CD   1 
ATOM 854  O OE1  . GLU A 1 54 ? 12.242  -5.711  0.179   1.00 2.03  ? 300 GLU A OE1  1 
ATOM 855  O OE2  . GLU A 1 54 ? 12.064  -6.771  -1.689  1.00 2.48  ? 300 GLU A OE2  1 
ATOM 856  H H    . GLU A 1 54 ? 7.544   -5.221  -2.257  1.00 0.79  ? 300 GLU A H    1 
ATOM 857  H HA   . GLU A 1 54 ? 7.777   -6.203  0.397   1.00 0.85  ? 300 GLU A HA   1 
ATOM 858  H HB2  . GLU A 1 54 ? 9.484   -4.731  -1.504  1.00 1.14  ? 300 GLU A HB2  1 
ATOM 859  H HB3  . GLU A 1 54 ? 9.868   -4.440  0.193   1.00 1.23  ? 300 GLU A HB3  1 
ATOM 860  H HG2  . GLU A 1 54 ? 9.933   -6.910  0.560   1.00 1.93  ? 300 GLU A HG2  1 
ATOM 861  H HG3  . GLU A 1 54 ? 9.682   -7.141  -1.172  1.00 1.77  ? 300 GLU A HG3  1 
ATOM 862  N N    . GLU A 1 55 ? 7.717   -2.899  0.295   1.00 0.70  ? 301 GLU A N    1 
ATOM 863  C CA   . GLU A 1 55 ? 7.318   -1.715  1.106   1.00 0.73  ? 301 GLU A CA   1 
ATOM 864  C C    . GLU A 1 55 ? 5.883   -1.899  1.604   1.00 0.66  ? 301 GLU A C    1 
ATOM 865  O O    . GLU A 1 55 ? 5.614   -1.797  2.784   1.00 0.64  ? 301 GLU A O    1 
ATOM 866  C CB   . GLU A 1 55 ? 7.415   -0.452  0.250   1.00 0.92  ? 301 GLU A CB   1 
ATOM 867  C CG   . GLU A 1 55 ? 8.790   0.189   0.450   1.00 1.49  ? 301 GLU A CG   1 
ATOM 868  C CD   . GLU A 1 55 ? 9.824   -0.543  -0.408  1.00 1.78  ? 301 GLU A CD   1 
ATOM 869  O OE1  . GLU A 1 55 ? 9.752   -0.420  -1.620  1.00 2.45  ? 301 GLU A OE1  1 
ATOM 870  O OE2  . GLU A 1 55 ? 10.670  -1.213  0.162   1.00 2.19  ? 301 GLU A OE2  1 
ATOM 871  H H    . GLU A 1 55 ? 8.159   -2.773  -0.571  1.00 0.81  ? 301 GLU A H    1 
ATOM 872  H HA   . GLU A 1 55 ? 7.981   -1.624  1.955   1.00 0.77  ? 301 GLU A HA   1 
ATOM 873  H HB2  . GLU A 1 55 ? 7.283   -0.710  -0.791  1.00 1.13  ? 301 GLU A HB2  1 
ATOM 874  H HB3  . GLU A 1 55 ? 6.647   0.246   0.548   1.00 0.97  ? 301 GLU A HB3  1 
ATOM 875  H HG2  . GLU A 1 55 ? 8.751   1.228   0.160   1.00 2.14  ? 301 GLU A HG2  1 
ATOM 876  H HG3  . GLU A 1 55 ? 9.073   0.116   1.490   1.00 1.96  ? 301 GLU A HG3  1 
ATOM 877  N N    . ILE A 1 56 ? 4.962   -2.176  0.719   1.00 0.70  ? 302 ILE A N    1 
ATOM 878  C CA   . ILE A 1 56 ? 3.548   -2.380  1.154   1.00 0.73  ? 302 ILE A CA   1 
ATOM 879  C C    . ILE A 1 56 ? 3.544   -3.244  2.413   1.00 0.66  ? 302 ILE A C    1 
ATOM 880  O O    . ILE A 1 56 ? 3.072   -2.845  3.460   1.00 0.67  ? 302 ILE A O    1 
ATOM 881  C CB   . ILE A 1 56 ? 2.774   -3.097  0.046   1.00 0.87  ? 302 ILE A CB   1 
ATOM 882  C CG1  . ILE A 1 56 ? 2.498   -2.116  -1.090  1.00 0.91  ? 302 ILE A CG1  1 
ATOM 883  C CG2  . ILE A 1 56 ? 1.447   -3.623  0.599   1.00 0.96  ? 302 ILE A CG2  1 
ATOM 884  C CD1  . ILE A 1 56 ? 1.961   -2.875  -2.304  1.00 0.96  ? 302 ILE A CD1  1 
ATOM 885  H H    . ILE A 1 56 ? 5.200   -2.262  -0.227  1.00 0.75  ? 302 ILE A H    1 
ATOM 886  H HA   . ILE A 1 56 ? 3.087   -1.423  1.361   1.00 0.77  ? 302 ILE A HA   1 
ATOM 887  H HB   . ILE A 1 56 ? 3.361   -3.925  -0.325  1.00 0.99  ? 302 ILE A HB   1 
ATOM 888  H HG12 . ILE A 1 56 ? 1.768   -1.390  -0.763  1.00 1.12  ? 302 ILE A HG12 1 
ATOM 889  H HG13 . ILE A 1 56 ? 3.414   -1.613  -1.358  1.00 1.08  ? 302 ILE A HG13 1 
ATOM 890  H HG21 . ILE A 1 56 ? 1.642   -4.378  1.346   1.00 1.44  ? 302 ILE A HG21 1 
ATOM 891  H HG22 . ILE A 1 56 ? 0.867   -4.053  -0.204  1.00 1.42  ? 302 ILE A HG22 1 
ATOM 892  H HG23 . ILE A 1 56 ? 0.896   -2.808  1.045   1.00 1.33  ? 302 ILE A HG23 1 
ATOM 893  H HD11 . ILE A 1 56 ? 2.707   -3.573  -2.652  1.00 1.55  ? 302 ILE A HD11 1 
ATOM 894  H HD12 . ILE A 1 56 ? 1.727   -2.174  -3.093  1.00 1.34  ? 302 ILE A HD12 1 
ATOM 895  H HD13 . ILE A 1 56 ? 1.067   -3.413  -2.025  1.00 1.44  ? 302 ILE A HD13 1 
ATOM 896  N N    . LYS A 1 57 ? 4.078   -4.428  2.313   1.00 0.67  ? 303 LYS A N    1 
ATOM 897  C CA   . LYS A 1 57 ? 4.125   -5.327  3.498   1.00 0.74  ? 303 LYS A CA   1 
ATOM 898  C C    . LYS A 1 57 ? 4.629   -4.534  4.703   1.00 0.71  ? 303 LYS A C    1 
ATOM 899  O O    . LYS A 1 57 ? 3.993   -4.488  5.739   1.00 0.84  ? 303 LYS A O    1 
ATOM 900  C CB   . LYS A 1 57 ? 5.077   -6.493  3.217   1.00 0.88  ? 303 LYS A CB   1 
ATOM 901  C CG   . LYS A 1 57 ? 5.311   -7.284  4.505   1.00 1.33  ? 303 LYS A CG   1 
ATOM 902  C CD   . LYS A 1 57 ? 5.560   -8.755  4.163   1.00 1.62  ? 303 LYS A CD   1 
ATOM 903  C CE   . LYS A 1 57 ? 6.841   -8.876  3.336   1.00 1.52  ? 303 LYS A CE   1 
ATOM 904  N NZ   . LYS A 1 57 ? 7.089   -10.309 3.012   1.00 1.85  ? 303 LYS A NZ   1 
ATOM 905  H H    . LYS A 1 57 ? 4.454   -4.719  1.457   1.00 0.69  ? 303 LYS A H    1 
ATOM 906  H HA   . LYS A 1 57 ? 3.135   -5.709  3.702   1.00 0.79  ? 303 LYS A HA   1 
ATOM 907  H HB2  . LYS A 1 57 ? 4.642   -7.141  2.469   1.00 1.15  ? 303 LYS A HB2  1 
ATOM 908  H HB3  . LYS A 1 57 ? 6.020   -6.109  2.857   1.00 1.29  ? 303 LYS A HB3  1 
ATOM 909  H HG2  . LYS A 1 57 ? 6.170   -6.883  5.023   1.00 1.84  ? 303 LYS A HG2  1 
ATOM 910  H HG3  . LYS A 1 57 ? 4.440   -7.207  5.139   1.00 1.77  ? 303 LYS A HG3  1 
ATOM 911  H HD2  . LYS A 1 57 ? 5.663   -9.324  5.074   1.00 1.96  ? 303 LYS A HD2  1 
ATOM 912  H HD3  . LYS A 1 57 ? 4.728   -9.137  3.591   1.00 2.19  ? 303 LYS A HD3  1 
ATOM 913  H HE2  . LYS A 1 57 ? 6.734   -8.313  2.421   1.00 2.00  ? 303 LYS A HE2  1 
ATOM 914  H HE3  . LYS A 1 57 ? 7.673   -8.485  3.903   1.00 1.69  ? 303 LYS A HE3  1 
ATOM 915  H HZ1  . LYS A 1 57 ? 6.228   -10.728 2.610   1.00 2.06  ? 303 LYS A HZ1  1 
ATOM 916  H HZ2  . LYS A 1 57 ? 7.352   -10.820 3.881   1.00 2.26  ? 303 LYS A HZ2  1 
ATOM 917  H HZ3  . LYS A 1 57 ? 7.862   -10.380 2.320   1.00 2.28  ? 303 LYS A HZ3  1 
ATOM 918  N N    . GLU A 1 58 ? 5.764   -3.899  4.576   1.00 0.65  ? 304 GLU A N    1 
ATOM 919  C CA   . GLU A 1 58 ? 6.297   -3.101  5.715   1.00 0.73  ? 304 GLU A CA   1 
ATOM 920  C C    . GLU A 1 58 ? 5.160   -2.273  6.311   1.00 0.68  ? 304 GLU A C    1 
ATOM 921  O O    . GLU A 1 58 ? 5.003   -2.188  7.513   1.00 0.83  ? 304 GLU A O    1 
ATOM 922  C CB   . GLU A 1 58 ? 7.405   -2.170  5.217   1.00 0.81  ? 304 GLU A CB   1 
ATOM 923  C CG   . GLU A 1 58 ? 8.768   -2.816  5.473   1.00 1.15  ? 304 GLU A CG   1 
ATOM 924  C CD   . GLU A 1 58 ? 9.868   -1.762  5.337   1.00 1.50  ? 304 GLU A CD   1 
ATOM 925  O OE1  . GLU A 1 58 ? 9.583   -0.601  5.583   1.00 2.24  ? 304 GLU A OE1  1 
ATOM 926  O OE2  . GLU A 1 58 ? 10.977  -2.132  4.988   1.00 1.90  ? 304 GLU A OE2  1 
ATOM 927  H H    . GLU A 1 58 ? 6.260   -3.942  3.731   1.00 0.65  ? 304 GLU A H    1 
ATOM 928  H HA   . GLU A 1 58 ? 6.694   -3.766  6.468   1.00 0.85  ? 304 GLU A HA   1 
ATOM 929  H HB2  . GLU A 1 58 ? 7.281   -1.997  4.158   1.00 0.85  ? 304 GLU A HB2  1 
ATOM 930  H HB3  . GLU A 1 58 ? 7.349   -1.230  5.744   1.00 1.03  ? 304 GLU A HB3  1 
ATOM 931  H HG2  . GLU A 1 58 ? 8.787   -3.231  6.471   1.00 1.72  ? 304 GLU A HG2  1 
ATOM 932  H HG3  . GLU A 1 58 ? 8.935   -3.603  4.753   1.00 1.54  ? 304 GLU A HG3  1 
ATOM 933  N N    . ALA A 1 59 ? 4.360   -1.669  5.475   1.00 0.72  ? 305 ALA A N    1 
ATOM 934  C CA   . ALA A 1 59 ? 3.224   -0.855  5.985   1.00 0.80  ? 305 ALA A CA   1 
ATOM 935  C C    . ALA A 1 59 ? 2.283   -1.759  6.783   1.00 0.72  ? 305 ALA A C    1 
ATOM 936  O O    . ALA A 1 59 ? 1.893   -1.442  7.889   1.00 0.72  ? 305 ALA A O    1 
ATOM 937  C CB   . ALA A 1 59 ? 2.467   -0.237  4.808   1.00 1.04  ? 305 ALA A CB   1 
ATOM 938  H H    . ALA A 1 59 ? 4.503   -1.754  4.513   1.00 0.85  ? 305 ALA A H    1 
ATOM 939  H HA   . ALA A 1 59 ? 3.602   -0.073  6.623   1.00 0.89  ? 305 ALA A HA   1 
ATOM 940  H HB1  . ALA A 1 59 ? 1.908   -1.007  4.296   1.00 1.60  ? 305 ALA A HB1  1 
ATOM 941  H HB2  . ALA A 1 59 ? 3.170   0.212   4.123   1.00 1.27  ? 305 ALA A HB2  1 
ATOM 942  H HB3  . ALA A 1 59 ? 1.787   0.518   5.174   1.00 1.55  ? 305 ALA A HB3  1 
ATOM 943  N N    . LEU A 1 60 ? 1.924   -2.892  6.237   1.00 0.78  ? 306 LEU A N    1 
ATOM 944  C CA   . LEU A 1 60 ? 1.019   -3.814  6.982   1.00 0.92  ? 306 LEU A CA   1 
ATOM 945  C C    . LEU A 1 60 ? 1.748   -4.309  8.230   1.00 0.92  ? 306 LEU A C    1 
ATOM 946  O O    . LEU A 1 60 ? 1.156   -4.870  9.129   1.00 1.05  ? 306 LEU A O    1 
ATOM 947  C CB   . LEU A 1 60 ? 0.642   -5.011  6.107   1.00 1.11  ? 306 LEU A CB   1 
ATOM 948  C CG   . LEU A 1 60 ? -0.364  -4.575  5.044   1.00 1.26  ? 306 LEU A CG   1 
ATOM 949  C CD1  . LEU A 1 60 ? 0.212   -3.405  4.247   1.00 1.31  ? 306 LEU A CD1  1 
ATOM 950  C CD2  . LEU A 1 60 ? -0.647  -5.745  4.100   1.00 1.69  ? 306 LEU A CD2  1 
ATOM 951  H H    . LEU A 1 60 ? 2.257   -3.138  5.348   1.00 0.83  ? 306 LEU A H    1 
ATOM 952  H HA   . LEU A 1 60 ? 0.123   -3.280  7.275   1.00 1.01  ? 306 LEU A HA   1 
ATOM 953  H HB2  . LEU A 1 60 ? 1.526   -5.401  5.629   1.00 1.13  ? 306 LEU A HB2  1 
ATOM 954  H HB3  . LEU A 1 60 ? 0.197   -5.779  6.724   1.00 1.22  ? 306 LEU A HB3  1 
ATOM 955  H HG   . LEU A 1 60 ? -1.280  -4.270  5.526   1.00 1.48  ? 306 LEU A HG   1 
ATOM 956  H HD11 . LEU A 1 60 ? -0.421  -3.205  3.395   1.00 1.70  ? 306 LEU A HD11 1 
ATOM 957  H HD12 . LEU A 1 60 ? 1.204   -3.655  3.908   1.00 1.66  ? 306 LEU A HD12 1 
ATOM 958  H HD13 . LEU A 1 60 ? 0.254   -2.527  4.875   1.00 1.76  ? 306 LEU A HD13 1 
ATOM 959  H HD21 . LEU A 1 60 ? -1.715  -5.890  4.018   1.00 2.12  ? 306 LEU A HD21 1 
ATOM 960  H HD22 . LEU A 1 60 ? -0.191  -6.642  4.491   1.00 1.81  ? 306 LEU A HD22 1 
ATOM 961  H HD23 . LEU A 1 60 ? -0.237  -5.528  3.124   1.00 2.32  ? 306 LEU A HD23 1 
ATOM 962  N N    . GLU A 1 61 ? 3.033   -4.096  8.294   1.00 0.98  ? 307 GLU A N    1 
ATOM 963  C CA   . GLU A 1 61 ? 3.801   -4.536  9.488   1.00 1.21  ? 307 GLU A CA   1 
ATOM 964  C C    . GLU A 1 61 ? 3.722   -3.433  10.541  1.00 1.18  ? 307 GLU A C    1 
ATOM 965  O O    . GLU A 1 61 ? 3.816   -3.679  11.727  1.00 1.37  ? 307 GLU A O    1 
ATOM 966  C CB   . GLU A 1 61 ? 5.262   -4.778  9.101   1.00 1.42  ? 307 GLU A CB   1 
ATOM 967  C CG   . GLU A 1 61 ? 5.469   -6.262  8.796   1.00 1.83  ? 307 GLU A CG   1 
ATOM 968  C CD   . GLU A 1 61 ? 6.795   -6.450  8.054   1.00 2.47  ? 307 GLU A CD   1 
ATOM 969  O OE1  . GLU A 1 61 ? 6.844   -6.127  6.879   1.00 2.97  ? 307 GLU A OE1  1 
ATOM 970  O OE2  . GLU A 1 61 ? 7.736   -6.914  8.675   1.00 3.06  ? 307 GLU A OE2  1 
ATOM 971  H H    . GLU A 1 61 ? 3.491   -3.638  7.559   1.00 1.01  ? 307 GLU A H    1 
ATOM 972  H HA   . GLU A 1 61 ? 3.372   -5.447  9.881   1.00 1.35  ? 307 GLU A HA   1 
ATOM 973  H HB2  . GLU A 1 61 ? 5.503   -4.192  8.226   1.00 1.51  ? 307 GLU A HB2  1 
ATOM 974  H HB3  . GLU A 1 61 ? 5.903   -4.487  9.919   1.00 1.68  ? 307 GLU A HB3  1 
ATOM 975  H HG2  . GLU A 1 61 ? 5.490   -6.820  9.721   1.00 2.21  ? 307 GLU A HG2  1 
ATOM 976  H HG3  . GLU A 1 61 ? 4.660   -6.620  8.178   1.00 2.17  ? 307 GLU A HG3  1 
ATOM 977  N N    . LYS A 1 62 ? 3.542   -2.212  10.109  1.00 1.03  ? 308 LYS A N    1 
ATOM 978  C CA   . LYS A 1 62 ? 3.446   -1.085  11.068  1.00 1.14  ? 308 LYS A CA   1 
ATOM 979  C C    . LYS A 1 62 ? 2.016   -0.995  11.597  1.00 1.10  ? 308 LYS A C    1 
ATOM 980  O O    . LYS A 1 62 ? 1.786   -0.667  12.745  1.00 1.30  ? 308 LYS A O    1 
ATOM 981  C CB   . LYS A 1 62 ? 3.817   0.223   10.363  1.00 1.24  ? 308 LYS A CB   1 
ATOM 982  C CG   . LYS A 1 62 ? 5.326   0.261   10.117  1.00 1.43  ? 308 LYS A CG   1 
ATOM 983  C CD   . LYS A 1 62 ? 5.876   1.627   10.535  1.00 1.60  ? 308 LYS A CD   1 
ATOM 984  C CE   . LYS A 1 62 ? 7.040   2.011   9.621   1.00 1.69  ? 308 LYS A CE   1 
ATOM 985  N NZ   . LYS A 1 62 ? 8.065   2.756   10.407  1.00 2.12  ? 308 LYS A NZ   1 
ATOM 986  H H    . LYS A 1 62 ? 3.466   -2.041  9.152   1.00 0.92  ? 308 LYS A H    1 
ATOM 987  H HA   . LYS A 1 62 ? 4.122   -1.258  11.884  1.00 1.33  ? 308 LYS A HA   1 
ATOM 988  H HB2  . LYS A 1 62 ? 3.295   0.281   9.419   1.00 1.36  ? 308 LYS A HB2  1 
ATOM 989  H HB3  . LYS A 1 62 ? 3.533   1.059   10.984  1.00 1.40  ? 308 LYS A HB3  1 
ATOM 990  H HG2  . LYS A 1 62 ? 5.806   -0.514  10.696  1.00 1.98  ? 308 LYS A HG2  1 
ATOM 991  H HG3  . LYS A 1 62 ? 5.524   0.103   9.068   1.00 1.88  ? 308 LYS A HG3  1 
ATOM 992  H HD2  . LYS A 1 62 ? 5.094   2.369   10.458  1.00 2.07  ? 308 LYS A HD2  1 
ATOM 993  H HD3  . LYS A 1 62 ? 6.224   1.576   11.557  1.00 2.05  ? 308 LYS A HD3  1 
ATOM 994  H HE2  . LYS A 1 62 ? 7.483   1.118   9.206   1.00 1.98  ? 308 LYS A HE2  1 
ATOM 995  H HE3  . LYS A 1 62 ? 6.676   2.638   8.820   1.00 1.80  ? 308 LYS A HE3  1 
ATOM 996  H HZ1  . LYS A 1 62 ? 8.444   2.139   11.154  1.00 2.33  ? 308 LYS A HZ1  1 
ATOM 997  H HZ2  . LYS A 1 62 ? 7.627   3.595   10.839  1.00 2.54  ? 308 LYS A HZ2  1 
ATOM 998  H HZ3  . LYS A 1 62 ? 8.837   3.052   9.778   1.00 2.56  ? 308 LYS A HZ3  1 
ATOM 999  N N    . LYS A 1 63 ? 1.051   -1.293  10.771  1.00 0.97  ? 309 LYS A N    1 
ATOM 1000 C CA   . LYS A 1 63 ? -0.365  -1.234  11.231  1.00 1.10  ? 309 LYS A CA   1 
ATOM 1001 C C    . LYS A 1 63 ? -0.828  -2.652  11.571  1.00 1.40  ? 309 LYS A C    1 
ATOM 1002 O O    . LYS A 1 63 ? -1.442  -2.891  12.591  1.00 1.82  ? 309 LYS A O    1 
ATOM 1003 C CB   . LYS A 1 63 ? -1.237  -0.655  10.116  1.00 1.16  ? 309 LYS A CB   1 
ATOM 1004 C CG   . LYS A 1 63 ? -0.957  0.843   9.979   1.00 1.91  ? 309 LYS A CG   1 
ATOM 1005 C CD   . LYS A 1 63 ? 0.242   1.056   9.053   1.00 2.65  ? 309 LYS A CD   1 
ATOM 1006 C CE   . LYS A 1 63 ? 0.413   2.551   8.779   1.00 3.58  ? 309 LYS A CE   1 
ATOM 1007 N NZ   . LYS A 1 63 ? 1.754   2.993   9.256   1.00 4.49  ? 309 LYS A NZ   1 
ATOM 1008 H H    . LYS A 1 63 ? 1.258   -1.563  9.850   1.00 0.92  ? 309 LYS A H    1 
ATOM 1009 H HA   . LYS A 1 63 ? -0.436  -0.610  12.110  1.00 1.31  ? 309 LYS A HA   1 
ATOM 1010 H HB2  . LYS A 1 63 ? -1.007  -1.152  9.185   1.00 1.34  ? 309 LYS A HB2  1 
ATOM 1011 H HB3  . LYS A 1 63 ? -2.279  -0.804  10.358  1.00 1.44  ? 309 LYS A HB3  1 
ATOM 1012 H HG2  . LYS A 1 63 ? -1.825  1.336   9.566   1.00 2.26  ? 309 LYS A HG2  1 
ATOM 1013 H HG3  . LYS A 1 63 ? -0.737  1.258   10.951  1.00 2.42  ? 309 LYS A HG3  1 
ATOM 1014 H HD2  . LYS A 1 63 ? 1.133   0.670   9.524   1.00 2.95  ? 309 LYS A HD2  1 
ATOM 1015 H HD3  . LYS A 1 63 ? 0.072   0.539   8.121   1.00 2.92  ? 309 LYS A HD3  1 
ATOM 1016 H HE2  . LYS A 1 63 ? 0.332   2.734   7.718   1.00 3.70  ? 309 LYS A HE2  1 
ATOM 1017 H HE3  . LYS A 1 63 ? -0.353  3.104   9.300   1.00 3.95  ? 309 LYS A HE3  1 
ATOM 1018 H HZ1  . LYS A 1 63 ? 1.966   2.537   10.166  1.00 4.87  ? 309 LYS A HZ1  1 
ATOM 1019 H HZ2  . LYS A 1 63 ? 1.756   4.026   9.375   1.00 4.86  ? 309 LYS A HZ2  1 
ATOM 1020 H HZ3  . LYS A 1 63 ? 2.477   2.722   8.560   1.00 4.78  ? 309 LYS A HZ3  1 
ATOM 1021 N N    . GLY A 1 64 ? -0.514  -3.595  10.727  1.00 1.56  ? 310 GLY A N    1 
ATOM 1022 C CA   . GLY A 1 64 ? -0.906  -5.009  10.999  1.00 2.18  ? 310 GLY A CA   1 
ATOM 1023 C C    . GLY A 1 64 ? -2.320  -5.287  10.482  1.00 2.05  ? 310 GLY A C    1 
ATOM 1024 O O    . GLY A 1 64 ? -3.043  -6.086  11.045  1.00 2.74  ? 310 GLY A O    1 
ATOM 1025 H H    . GLY A 1 64 ? -0.004  -3.373  9.923   1.00 1.48  ? 310 GLY A H    1 
ATOM 1026 H HA2  . GLY A 1 64 ? -0.209  -5.672  10.506  1.00 2.43  ? 310 GLY A HA2  1 
ATOM 1027 H HA3  . GLY A 1 64 ? -0.877  -5.188  12.063  1.00 2.67  ? 310 GLY A HA3  1 
ATOM 1028 N N    . PHE A 1 65 ? -2.727  -4.650  9.418   1.00 1.50  ? 311 PHE A N    1 
ATOM 1029 C CA   . PHE A 1 65 ? -4.098  -4.910  8.893   1.00 1.62  ? 311 PHE A CA   1 
ATOM 1030 C C    . PHE A 1 65 ? -4.055  -6.044  7.865   1.00 1.58  ? 311 PHE A C    1 
ATOM 1031 O O    . PHE A 1 65 ? -3.010  -6.400  7.359   1.00 1.92  ? 311 PHE A O    1 
ATOM 1032 C CB   . PHE A 1 65 ? -4.671  -3.645  8.250   1.00 1.75  ? 311 PHE A CB   1 
ATOM 1033 C CG   . PHE A 1 65 ? -3.740  -3.117  7.187   1.00 1.40  ? 311 PHE A CG   1 
ATOM 1034 C CD1  . PHE A 1 65 ? -2.702  -2.249  7.538   1.00 1.74  ? 311 PHE A CD1  1 
ATOM 1035 C CD2  . PHE A 1 65 ? -3.931  -3.474  5.847   1.00 2.19  ? 311 PHE A CD2  1 
ATOM 1036 C CE1  . PHE A 1 65 ? -1.851  -1.740  6.551   1.00 2.40  ? 311 PHE A CE1  1 
ATOM 1037 C CE2  . PHE A 1 65 ? -3.084  -2.962  4.859   1.00 2.80  ? 311 PHE A CE2  1 
ATOM 1038 C CZ   . PHE A 1 65 ? -2.043  -2.095  5.212   1.00 2.79  ? 311 PHE A CZ   1 
ATOM 1039 H H    . PHE A 1 65 ? -2.137  -4.011  8.967   1.00 1.40  ? 311 PHE A H    1 
ATOM 1040 H HA   . PHE A 1 65 ? -4.735  -5.207  9.713   1.00 2.33  ? 311 PHE A HA   1 
ATOM 1041 H HB2  . PHE A 1 65 ? -5.625  -3.875  7.801   1.00 2.09  ? 311 PHE A HB2  1 
ATOM 1042 H HB3  . PHE A 1 65 ? -4.806  -2.891  9.010   1.00 2.47  ? 311 PHE A HB3  1 
ATOM 1043 H HD1  . PHE A 1 65 ? -4.731  -4.147  5.576   1.00 2.82  ? 311 PHE A HD1  1 
ATOM 1044 H HD2  . PHE A 1 65 ? -2.555  -1.975  8.572   1.00 2.25  ? 311 PHE A HD2  1 
ATOM 1045 H HE1  . PHE A 1 65 ? -3.230  -3.237  3.825   1.00 3.69  ? 311 PHE A HE1  1 
ATOM 1046 H HE2  . PHE A 1 65 ? -1.048  -1.071  6.823   1.00 3.11  ? 311 PHE A HE2  1 
ATOM 1047 H HZ   . PHE A 1 65 ? -1.388  -1.699  4.449   1.00 3.56  ? 311 PHE A HZ   1 
ATOM 1048 N N    . THR A 1 66 ? -5.189  -6.618  7.562   1.00 1.86  ? 312 THR A N    1 
ATOM 1049 C CA   . THR A 1 66 ? -5.226  -7.735  6.576   1.00 2.19  ? 312 THR A CA   1 
ATOM 1050 C C    . THR A 1 66 ? -5.822  -7.242  5.260   1.00 1.89  ? 312 THR A C    1 
ATOM 1051 O O    . THR A 1 66 ? -5.563  -6.135  4.831   1.00 2.04  ? 312 THR A O    1 
ATOM 1052 C CB   . THR A 1 66 ? -6.080  -8.874  7.140   1.00 3.35  ? 312 THR A CB   1 
ATOM 1053 O OG1  . THR A 1 66 ? -7.454  -8.580  6.932   1.00 4.13  ? 312 THR A OG1  1 
ATOM 1054 C CG2  . THR A 1 66 ? -5.809  -9.028  8.636   1.00 3.81  ? 312 THR A CG2  1 
ATOM 1055 H H    . THR A 1 66 ? -6.018  -6.316  7.988   1.00 2.20  ? 312 THR A H    1 
ATOM 1056 H HA   . THR A 1 66 ? -4.223  -8.094  6.394   1.00 2.24  ? 312 THR A HA   1 
ATOM 1057 H HB   . THR A 1 66 ? -5.829  -9.795  6.636   1.00 3.77  ? 312 THR A HB   1 
ATOM 1058 H HG1  . THR A 1 66 ? -7.949  -8.935  7.674   1.00 4.40  ? 312 THR A HG1  1 
ATOM 1059 H HG21 . THR A 1 66 ? -6.211  -9.969  8.981   1.00 4.00  ? 312 THR A HG21 1 
ATOM 1060 H HG22 . THR A 1 66 ? -6.279  -8.216  9.172   1.00 4.14  ? 312 THR A HG22 1 
ATOM 1061 H HG23 . THR A 1 66 ? -4.744  -9.006  8.813   1.00 4.15  ? 312 THR A HG23 1 
ATOM 1062 N N    . LEU A 1 67 ? -6.600  -8.061  4.603   1.00 2.08  ? 313 LEU A N    1 
ATOM 1063 C CA   . LEU A 1 67 ? -7.192  -7.647  3.302   1.00 1.88  ? 313 LEU A CA   1 
ATOM 1064 C C    . LEU A 1 67 ? -6.128  -7.781  2.210   1.00 1.46  ? 313 LEU A C    1 
ATOM 1065 O O    . LEU A 1 67 ? -6.392  -7.563  1.045   1.00 1.68  ? 313 LEU A O    1 
ATOM 1066 C CB   . LEU A 1 67 ? -7.664  -6.193  3.387   1.00 2.53  ? 313 LEU A CB   1 
ATOM 1067 C CG   . LEU A 1 67 ? -9.087  -6.085  2.839   1.00 3.15  ? 313 LEU A CG   1 
ATOM 1068 C CD1  . LEU A 1 67 ? -9.085  -6.412  1.345   1.00 3.49  ? 313 LEU A CD1  1 
ATOM 1069 C CD2  . LEU A 1 67 ? -9.994  -7.073  3.576   1.00 3.91  ? 313 LEU A CD2  1 
ATOM 1070 H H    . LEU A 1 67 ? -6.783  -8.956  4.955   1.00 2.64  ? 313 LEU A H    1 
ATOM 1071 H HA   . LEU A 1 67 ? -8.031  -8.285  3.068   1.00 2.29  ? 313 LEU A HA   1 
ATOM 1072 H HB2  . LEU A 1 67 ? -7.649  -5.870  4.419   1.00 3.04  ? 313 LEU A HB2  1 
ATOM 1073 H HB3  . LEU A 1 67 ? -7.007  -5.566  2.804   1.00 2.51  ? 313 LEU A HB3  1 
ATOM 1074 H HG   . LEU A 1 67 ? -9.453  -5.079  2.986   1.00 3.36  ? 313 LEU A HG   1 
ATOM 1075 H HD11 . LEU A 1 67 ? -8.111  -6.200  0.931   1.00 3.61  ? 313 LEU A HD11 1 
ATOM 1076 H HD12 . LEU A 1 67 ? -9.829  -5.810  0.844   1.00 3.90  ? 313 LEU A HD12 1 
ATOM 1077 H HD13 . LEU A 1 67 ? -9.316  -7.458  1.206   1.00 3.79  ? 313 LEU A HD13 1 
ATOM 1078 H HD21 . LEU A 1 67 ? -10.900 -6.571  3.882   1.00 4.29  ? 313 LEU A HD21 1 
ATOM 1079 H HD22 . LEU A 1 67 ? -9.480  -7.451  4.448   1.00 4.33  ? 313 LEU A HD22 1 
ATOM 1080 H HD23 . LEU A 1 67 ? -10.240 -7.894  2.919   1.00 4.15  ? 313 LEU A HD23 1 
ATOM 1081 N N    . LYS A 1 68 ? -4.925  -8.142  2.579   1.00 1.62  ? 314 LYS A N    1 
ATOM 1082 C CA   . LYS A 1 68 ? -3.849  -8.293  1.558   1.00 2.48  ? 314 LYS A CA   1 
ATOM 1083 C C    . LYS A 1 68 ? -2.851  -9.354  2.026   1.00 3.25  ? 314 LYS A C    1 
ATOM 1084 O O    . LYS A 1 68 ? -1.653  -9.180  1.928   1.00 3.56  ? 314 LYS A O    1 
ATOM 1085 C CB   . LYS A 1 68 ? -3.126  -6.958  1.375   1.00 2.95  ? 314 LYS A CB   1 
ATOM 1086 C CG   . LYS A 1 68 ? -2.235  -7.027  0.132   1.00 4.02  ? 314 LYS A CG   1 
ATOM 1087 C CD   . LYS A 1 68 ? -1.023  -6.112  0.320   1.00 4.83  ? 314 LYS A CD   1 
ATOM 1088 C CE   . LYS A 1 68 ? 0.184   -6.707  -0.406  1.00 5.85  ? 314 LYS A CE   1 
ATOM 1089 N NZ   . LYS A 1 68 ? 1.015   -7.477  0.563   1.00 6.70  ? 314 LYS A NZ   1 
ATOM 1090 H H    . LYS A 1 68 ? -4.728  -8.317  3.527   1.00 1.56  ? 314 LYS A H    1 
ATOM 1091 H HA   . LYS A 1 68 ? -4.285  -8.599  0.619   1.00 2.81  ? 314 LYS A HA   1 
ATOM 1092 H HB2  . LYS A 1 68 ? -3.853  -6.168  1.253   1.00 2.84  ? 314 LYS A HB2  1 
ATOM 1093 H HB3  . LYS A 1 68 ? -2.515  -6.757  2.242   1.00 3.17  ? 314 LYS A HB3  1 
ATOM 1094 H HG2  . LYS A 1 68 ? -1.900  -8.044  -0.014  1.00 4.35  ? 314 LYS A HG2  1 
ATOM 1095 H HG3  . LYS A 1 68 ? -2.796  -6.705  -0.731  1.00 4.34  ? 314 LYS A HG3  1 
ATOM 1096 H HD2  . LYS A 1 68 ? -1.244  -5.135  -0.088  1.00 4.91  ? 314 LYS A HD2  1 
ATOM 1097 H HD3  . LYS A 1 68 ? -0.800  -6.021  1.372   1.00 5.03  ? 314 LYS A HD3  1 
ATOM 1098 H HE2  . LYS A 1 68 ? -0.155  -7.365  -1.191  1.00 6.05  ? 314 LYS A HE2  1 
ATOM 1099 H HE3  . LYS A 1 68 ? 0.776   -5.911  -0.834  1.00 6.09  ? 314 LYS A HE3  1 
ATOM 1100 H HZ1  . LYS A 1 68 ? 1.931   -7.707  0.128   1.00 6.96  ? 314 LYS A HZ1  1 
ATOM 1101 H HZ2  . LYS A 1 68 ? 0.522   -8.356  0.821   1.00 7.09  ? 314 LYS A HZ2  1 
ATOM 1102 H HZ3  . LYS A 1 68 ? 1.174   -6.905  1.416   1.00 6.93  ? 314 LYS A HZ3  1 
ATOM 1103 N N    . GLU A 1 69 ? -3.336  -10.454 2.535   1.00 3.96  ? 315 GLU A N    1 
ATOM 1104 C CA   . GLU A 1 69 ? -2.415  -11.525 3.009   1.00 4.99  ? 315 GLU A CA   1 
ATOM 1105 C C    . GLU A 1 69 ? -3.159  -12.862 3.039   1.00 5.94  ? 315 GLU A C    1 
ATOM 1106 O O    . GLU A 1 69 ? -2.890  -13.686 2.180   1.00 6.48  ? 315 GLU A O    1 
ATOM 1107 C CB   . GLU A 1 69 ? -1.920  -11.186 4.417   1.00 5.33  ? 315 GLU A CB   1 
ATOM 1108 C CG   . GLU A 1 69 ? -0.814  -10.133 4.331   1.00 5.80  ? 315 GLU A CG   1 
ATOM 1109 C CD   . GLU A 1 69 ? -0.146  -9.979  5.698   1.00 6.15  ? 315 GLU A CD   1 
ATOM 1110 O OE1  . GLU A 1 69 ? -0.710  -10.458 6.668   1.00 6.17  ? 315 GLU A OE1  1 
ATOM 1111 O OE2  . GLU A 1 69 ? 0.919   -9.386  5.752   1.00 6.67  ? 315 GLU A OE2  1 
ATOM 1112 O OXT  . GLU A 1 69 ? -3.984  -13.038 3.918   1.00 6.36  ? 315 GLU A OXT  1 
ATOM 1113 H H    . GLU A 1 69 ? -4.306  -10.576 2.605   1.00 4.02  ? 315 GLU A H    1 
ATOM 1114 H HA   . GLU A 1 69 ? -1.571  -11.597 2.339   1.00 5.11  ? 315 GLU A HA   1 
ATOM 1115 H HB2  . GLU A 1 69 ? -2.742  -10.799 5.003   1.00 5.34  ? 315 GLU A HB2  1 
ATOM 1116 H HB3  . GLU A 1 69 ? -1.531  -12.076 4.886   1.00 5.62  ? 315 GLU A HB3  1 
ATOM 1117 H HG2  . GLU A 1 69 ? -0.079  -10.444 3.602   1.00 6.07  ? 315 GLU A HG2  1 
ATOM 1118 H HG3  . GLU A 1 69 ? -1.239  -9.187  4.032   1.00 6.02  ? 315 GLU A HG3  1 
# 
